data_3J32
#
_entry.id   3J32
#
_cell.length_a   1.000
_cell.length_b   1.000
_cell.length_c   1.000
_cell.angle_alpha   90.00
_cell.angle_beta   90.00
_cell.angle_gamma   90.00
#
_symmetry.space_group_name_H-M   'P 1'
#
_entity_poly.entity_id   1
_entity_poly.type   'polypeptide(L)'
_entity_poly.pdbx_seq_one_letter_code
;DNVVRKDVSHLTVDEVQALHGALHDVTASTGPLSFEDITSYHAAPASCDYKGRKIACCVHGMPSFPFWHRAYVVQAERAL
LSQRKTVGMPYWDWTETLTQLPALVTEPIFIDSLGGKTQPNYWHRGEIAFANKATARAVDDRLFEKVETGHYTKLMESVL
DALERDEFCKFEIQFELAHNAIHYLVGGKYEYSMSNLDYTAYDPIFFLHHSNVDRIFAIWQRLQELRGKNPKAIDCAHEL
ARQELEPFNRDTNPVPITKQHSRPVDLFDYHQLGYSYDSLNLNGMTPEELKIKLDERHSKERAFASFRLKGFGGSANVVV
YACLPDSDPRSDDHCEKAGDFFVLGGSTEAPWVFYRPYFFDVTKAVQRLGVALSGHYYVKTELFSVNGTSLSPDILPQPT
VAYRPGKGHIDPPVHHRQNEDYIVRKNIDHLTRSETYELRKAMERFQADTSVDGFQATVEYHGLPARCPEPDAKVRFACC
MHGMASFPHWHRLFVTQVEDALVRRGPPIGVPYWDWTKPMTHLPDLAASEDYVDPNGHTRHNPFFNANISFEEEHHHTSR
SIDARLFAPAAYGDHTALFDGILYAFEQEDFCDFEIQFELVHNSIHAWIGGSEDYSMSTLHYAAFDPIFYLHHSNVDRLW
AIWQALQIRRQKPYRAHCAQSIEQLPMKPFAFPSPLNNNEKTHSNSVPTDIYDYEETLHYSYDDLTFGGMNLDEIEETIH
HRQQHERVFAGSLFGGIGKSALVNIFINKPGSSPHKAGDIAILGGTKEMPWAFDRLYKVEITDALKALALDVDGDYEVTF
DIHDMHGNKLSSDLIPHPAVISEPAHPSFEDVTTSLRIRKNVDYLTPEETNDLRHALDLLEKDPSAGGFDQLGAFHGEPK
WCPNPEAEHKVACCVHGMAVFPHWHRLLALQAENALRRHGYSGAFPYWDWTHPISKLPDLVTPETYTDPSDNQDKHNPWY
NGHIETVDQDTTRNVRGDLYQQPEFGHSTDIAPQVLLALEQDDFCSFEVQYEISHNFIHALVGGTTPYGMASLRYTAYDP
IFFLHHSNTDRIWAIWQALQKYRGKPYNTANCAIASMRKPLQPFGLSSDVNPDIITREHAIPFDVFNYRGNFHYKYDTLE
FNGLSISQLNRELDKIKSHDRVFAGFLLSGIKKSVLVKFNVCAPPHDCHPAGEFYLLGDENEMAWAYDRVFKYDTTNVLD
ENNLHFYDHIFITYEVFDLHGTSLGTDIFHKANVIHDSGTGSREHDRYVEEVTGASHIRKNLNDLNLGEMESLRAAFLHI
QNDGTYESIAQYHGKPGKCELNHRSIACCVRGMPTFPQWHRLYVAQVENALLKMGSSVAVPYWEWTAPIDHLPGLIDDAT
YFNSRQQRYDPNPFFRGKISFENAVTTRDPQEELFNSEYMQNNVLLALEQDNYCDFEIQFELVHNALHSLLGGKGQYSMS
SLDYSAFDPVFFLHHANTDRLWAIWQELQRYRGLPYEEANCAINLMHQPLMPFSDPNENHGNVTLKHSKPQDCFDYRNNF
GYKYDNLEFHHLSIPSLDATLKARKEHDRVFAGFLLHNIGTSADISIYICLPDGSGGNDCSHKAGTFYVLGGETEMPFVF
DRLYKFEITEALHKLGVKLHGGLFDLELDIVAYNGSHLDSHIFDPTIIFEPGIDTHVLDHDNTEEILVRKNIIDLSPRER
VSLVKALKGMQNDRSADGYQAIASFHALPPLCPNPSAANRFACCVHGMATFPQWHRLYTVQFQDALRRHGSLVGIPYWDW
TKPVSELPKLLSAETFHDPIHNVNVSNPFFKADIEFEGDGVHTERDIQPDFLFHSGDHEGYHNWFFETVLLALEQEDYCD
FEIQFEIAHNGIHTWIGGSAKYGMGHLHYASYDPIFYIRHSQTDRIWAIWQELQKYRGLSGSEANCAIELMRTPLKPFSF
GAPYNLNSHTQEFSKPEDTFDYKKFGYRYDNLELEGRSVAHIDELIKERQEHDGTFAGFLLKGFGTSATVTLKICRDDYT
CENAGYFTVLGGSAEMPWAFDRLYKYDITKTLDHMNLRHEDTFYINGTVTAYDGTVLPGDLIPPASIIFVPGRHNLNSRK
HTPNKIRHELTSLSSRDVASLKAALTSLQKDDGPNGYQAIAAFHGLPAQCHDTSGHQIACCIHGMATFPHWHRLYTLQLE
WALAKHGSSVAVPYWDWTRPITELPHILTDGEYYDFWQDAVMPNPFSRGHVKFENTFTVRNVRKALFKLSPIGKHSVLFD
QALLALEQTDYCDFEVQFEVMHNTIHYLIGGRQTYAFSSLHYASYDPIFFIHHSFVDKIWAIWEELQSRRHLQFNGADCA
VSLMSKAMRPFNKDFNHNPFTKKHAVPNTLFDYEDLGYNYDNLEISGLNLKEIEALIAKRKSHARVFAGFLLFGIGTSAD
IHLDICKTSDGCHHAGVLFILGGSAEMHWAYNRLYKYDITEALHEFGINPEDVFHADEAFFLKVSVVAVDGTVLPPSLLH
EPTILYEPGVGHHEDHESGSLAGSGVRKDVNTLTTAETENLRKALRGVKEDHGYNGFQAIAAFHGKPAMCPMADGHNLSC
CTHGMATFPHWHRLYTKQMEGALKAHGSHVGLPYWDWTAAFSHLPTLVTDNDNNPFHDGTIEYLNVTTTRSPRDLLFNDP
EHGSESFFYRQVLFALEQTDFCKLEVQFEITHNAIHSWTGGHSPYGMSTLDFTAYDPLFWLHHSNTDRIWAIWQALQKYR
GLPYNHANCEIQAMKTPLRPFSDNINHNPVTKANSRPVDVFEYNRLRYQYDNLVFHGHTIPELDHMLEERKKHDRIFAAF
LLSGIKKSADVVFEICEPNHECVFAGTFAILGGELEMPWSFDRLFRYDITKVMQQQHLRHDSDFSFKVKVVGTDDIELPP
GILKEPTIEFEPALGDGLKHEDEGHDDRLSHVLIRKEVDLLSLKEANAIKDALYKLQNDHSKGGFEEIAGYHGYPNKCPE
KGDDKYPCCVHGMPIFPHWRRLHTIQMERALKNHGSQIGIPYWNWTKRMSSIPAFFGDDSNNNPFYKYHIRAVNQYTTRD
VDVELFNQTKFGEYDYLYYSTLQVLEENSFCGFEVQYEILHSAVHAWLGGAGKYSMSTLEYSAYDPVFMIHHSSLDRIWI
LWQQLQKRRMKLYYAADCAGDLMKFPMHPFSYKSENEDEFTRVNSVPNIVFDHYKFNYDYDNMRIRGHDINELEAIINEL
RNKDRIFAGFVLSGIRITATVKVFIHGTGATDHEEFAGKFAILGGEKEMPWAYERLLKLDITDAVHHLHLKDEEIRFRME
VTAYNGVPVSTKLADPLIAHRPA
;
_entity_poly.pdbx_strand_id   A,B
#
# COMPACT_ATOMS: atom_id res chain seq x y z
CA ASP A 1 77.26 106.42 -91.68
CA ASN A 2 74.49 106.66 -89.08
CA VAL A 3 71.60 104.46 -90.18
CA VAL A 4 69.45 104.49 -87.05
CA ARG A 5 66.13 102.69 -86.58
CA LYS A 6 62.74 104.29 -85.88
CA ASP A 7 59.07 103.36 -85.35
CA VAL A 8 56.54 104.29 -88.06
CA SER A 9 53.68 105.37 -85.77
CA HIS A 10 55.83 108.36 -84.81
CA LEU A 11 56.33 108.73 -88.56
CA THR A 12 57.61 111.91 -90.21
CA VAL A 13 56.71 113.25 -93.64
CA ASP A 14 60.41 113.59 -94.44
CA GLU A 15 60.76 109.89 -93.66
CA VAL A 16 57.90 109.17 -96.05
CA GLN A 17 59.68 111.10 -98.79
CA ALA A 18 62.93 109.31 -97.98
CA LEU A 19 61.25 105.93 -98.43
CA HIS A 20 59.80 106.68 -101.86
CA GLY A 21 62.86 108.62 -102.98
CA ALA A 22 65.14 105.70 -102.13
CA LEU A 23 62.68 103.28 -103.74
CA HIS A 24 62.64 105.33 -106.92
CA ASP A 25 66.44 105.29 -107.27
CA VAL A 26 66.95 101.68 -106.18
CA THR A 27 64.24 100.53 -108.58
CA ALA A 28 65.51 102.67 -111.46
CA SER A 29 69.05 101.38 -110.97
CA THR A 30 69.83 98.01 -112.56
CA GLY A 31 73.35 97.65 -111.15
CA PRO A 32 74.72 95.74 -108.17
CA LEU A 33 72.52 97.84 -105.89
CA SER A 34 69.31 97.16 -107.82
CA PHE A 35 66.15 96.18 -105.95
CA GLU A 36 65.87 93.27 -108.37
CA ASP A 37 69.23 91.95 -107.17
CA ILE A 38 68.20 92.48 -103.55
CA THR A 39 65.08 90.35 -103.82
CA SER A 40 66.79 87.69 -105.94
CA TYR A 41 69.08 86.98 -103.00
CA HIS A 42 66.20 85.66 -100.90
CA ALA A 43 64.48 82.73 -102.60
CA ALA A 44 63.57 83.09 -106.28
CA PRO A 45 65.24 82.70 -108.44
CA ALA A 46 68.17 81.43 -106.37
CA SER A 47 70.16 79.80 -109.17
CA CYS A 48 72.40 78.57 -106.35
CA ASP A 49 74.72 75.58 -106.18
CA TYR A 50 73.35 73.67 -103.21
CA LYS A 51 73.16 70.04 -102.12
CA GLY A 52 71.32 68.22 -104.92
CA ARG A 53 69.93 71.28 -106.69
CA LYS A 54 69.24 75.02 -106.53
CA ILE A 55 67.92 76.12 -103.13
CA ALA A 56 66.63 79.39 -101.63
CA CYS A 57 68.94 81.33 -99.29
CA CYS A 58 66.21 82.29 -96.80
CA VAL A 59 66.69 80.22 -93.65
CA HIS A 60 63.97 78.08 -92.11
CA GLY A 61 64.34 75.47 -89.37
CA MET A 62 68.01 76.28 -88.77
CA PRO A 63 69.63 78.26 -85.97
CA SER A 64 71.25 80.52 -88.56
CA PHE A 65 67.93 82.22 -89.25
CA PRO A 66 68.42 84.87 -86.56
CA PHE A 67 71.64 85.85 -88.34
CA TRP A 68 70.83 85.54 -92.03
CA HIS A 69 67.72 87.71 -92.11
CA ARG A 70 69.28 90.32 -89.83
CA ALA A 71 72.14 90.74 -92.29
CA TYR A 72 69.69 90.54 -95.20
CA VAL A 73 67.89 93.68 -94.00
CA VAL A 74 71.23 95.48 -93.74
CA GLN A 75 72.06 94.41 -97.30
CA ALA A 76 69.02 96.24 -98.65
CA GLU A 77 69.37 99.20 -96.28
CA ARG A 78 72.82 100.09 -97.59
CA ALA A 79 71.65 99.92 -101.20
CA LEU A 80 68.91 102.39 -100.31
CA LEU A 81 71.24 104.62 -98.29
CA SER A 82 73.64 104.89 -101.22
CA GLN A 83 70.93 106.89 -102.97
CA ARG A 84 70.97 109.62 -100.32
CA LYS A 85 68.33 108.19 -97.99
CA THR A 86 68.21 110.05 -94.69
CA VAL A 87 67.00 107.13 -92.59
CA GLY A 88 67.32 103.34 -92.41
CA MET A 89 64.54 100.76 -92.61
CA PRO A 90 61.98 101.59 -89.93
CA TYR A 91 60.41 98.88 -87.79
CA TRP A 92 56.67 98.23 -88.00
CA ASP A 93 55.50 97.04 -84.58
CA TRP A 94 53.00 94.36 -85.59
CA THR A 95 52.94 92.87 -82.10
CA GLU A 96 51.35 96.03 -80.74
CA THR A 97 47.57 96.42 -81.01
CA LEU A 98 46.96 97.14 -84.68
CA THR A 99 43.88 98.50 -86.43
CA GLN A 100 45.27 98.87 -89.95
CA LEU A 101 48.48 98.18 -91.88
CA PRO A 102 51.15 100.88 -92.08
CA ALA A 103 50.21 103.69 -94.47
CA LEU A 104 53.67 103.42 -96.01
CA VAL A 105 52.34 100.36 -97.83
CA THR A 106 48.57 100.56 -97.43
CA GLU A 107 47.84 103.85 -99.10
CA PRO A 108 47.67 103.65 -102.85
CA ILE A 109 47.81 106.58 -105.27
CA PHE A 110 49.56 108.72 -102.66
CA ILE A 111 49.49 112.41 -103.51
CA ASP A 112 52.45 114.75 -103.91
CA SER A 113 52.08 118.53 -103.76
CA LEU A 114 53.41 118.58 -107.31
CA GLY A 115 52.83 117.40 -109.84
CA GLY A 116 51.61 113.82 -109.82
CA LYS A 117 49.79 112.20 -110.99
CA THR A 118 52.21 109.74 -109.34
CA GLN A 119 50.09 108.30 -110.44
CA PRO A 120 50.31 106.25 -107.22
CA ASN A 121 52.84 105.47 -108.15
CA TYR A 122 53.98 101.82 -108.46
CA TRP A 123 55.04 99.05 -106.01
CA HIS A 124 53.18 99.03 -102.70
CA ARG A 125 52.76 96.31 -103.60
CA GLY A 126 55.07 96.17 -106.62
CA GLU A 127 56.93 93.24 -108.16
CA ILE A 128 58.59 92.24 -111.42
CA ALA A 129 58.66 91.28 -113.95
CA PHE A 130 55.67 89.15 -114.91
CA ALA A 131 53.27 87.76 -114.30
CA ASN A 132 52.50 89.45 -112.17
CA LYS A 133 51.25 90.90 -110.21
CA ALA A 134 49.80 88.73 -107.43
CA THR A 135 51.27 90.73 -104.55
CA ALA A 136 48.57 92.64 -102.69
CA ARG A 137 47.27 91.33 -99.36
CA ALA A 138 44.34 89.54 -97.74
CA VAL A 139 43.66 90.89 -94.25
CA ASP A 140 42.97 87.84 -92.08
CA ASP A 141 41.01 88.13 -88.84
CA ARG A 142 44.13 87.61 -86.73
CA LEU A 143 46.17 90.18 -88.66
CA PHE A 144 44.36 92.97 -86.80
CA GLU A 145 43.68 92.97 -83.06
CA LYS A 146 39.98 92.12 -83.09
CA VAL A 147 39.92 91.38 -79.36
CA GLU A 148 40.95 94.23 -77.07
CA THR A 149 41.14 93.85 -73.29
CA GLY A 150 43.49 93.85 -70.30
CA HIS A 151 45.87 91.34 -71.87
CA TYR A 152 48.78 90.85 -74.25
CA THR A 153 48.01 90.33 -77.93
CA LYS A 154 48.01 86.96 -79.69
CA LEU A 155 51.39 88.10 -81.03
CA MET A 156 52.90 89.51 -77.83
CA GLU A 157 52.29 86.22 -76.04
CA SER A 158 54.27 84.35 -78.69
CA VAL A 159 57.10 86.87 -78.43
CA LEU A 160 57.15 86.69 -74.63
CA ASP A 161 57.39 82.89 -74.65
CA ALA A 162 60.51 83.24 -76.79
CA LEU A 163 61.99 85.89 -74.50
CA GLU A 164 61.49 83.49 -71.59
CA ARG A 165 64.17 81.22 -73.08
CA ASP A 166 67.85 81.80 -72.31
CA GLU A 167 69.29 79.07 -74.54
CA PHE A 168 69.84 80.46 -78.03
CA CYS A 169 68.54 77.36 -79.81
CA LYS A 170 65.41 77.08 -77.69
CA PHE A 171 64.91 80.81 -78.18
CA GLU A 172 65.37 80.46 -81.93
CA ILE A 173 62.68 77.78 -82.14
CA GLN A 174 60.05 80.01 -80.55
CA PHE A 175 61.46 83.10 -82.23
CA GLU A 176 61.42 82.05 -85.89
CA LEU A 177 58.02 80.35 -85.68
CA ALA A 178 56.56 83.39 -83.94
CA HIS A 179 57.37 85.42 -87.05
CA ASN A 180 55.77 83.11 -89.61
CA ALA A 181 52.23 84.30 -88.94
CA ILE A 182 52.91 87.67 -90.60
CA HIS A 183 53.54 85.96 -93.92
CA TYR A 184 50.23 84.09 -94.06
CA LEU A 185 48.00 86.66 -92.35
CA VAL A 186 49.12 89.25 -94.88
CA GLY A 187 50.12 87.11 -97.85
CA GLY A 188 46.74 85.38 -97.90
CA LYS A 189 45.84 83.12 -100.82
CA TYR A 190 47.77 85.07 -103.43
CA GLU A 191 50.05 82.98 -105.63
CA TYR A 192 52.73 85.69 -105.58
CA SER A 193 52.69 86.99 -102.00
CA MET A 194 54.29 86.76 -98.56
CA SER A 195 52.56 83.43 -97.98
CA ASN A 196 54.66 82.01 -100.80
CA LEU A 197 58.21 81.42 -99.60
CA ASP A 198 59.57 81.85 -103.11
CA TYR A 199 58.21 85.35 -103.69
CA THR A 200 57.94 86.61 -100.12
CA ALA A 201 60.74 89.17 -100.15
CA TYR A 202 59.41 90.89 -103.27
CA ASP A 203 56.78 92.56 -101.09
CA PRO A 204 58.18 95.84 -99.79
CA ILE A 205 56.57 95.27 -96.39
CA PHE A 206 58.84 92.26 -95.96
CA PHE A 207 61.63 94.57 -94.80
CA LEU A 208 59.26 96.85 -92.90
CA HIS A 209 58.28 93.97 -90.62
CA HIS A 210 61.54 92.03 -90.45
CA SER A 211 63.13 95.23 -89.20
CA ASN A 212 60.88 94.85 -86.16
CA VAL A 213 61.84 91.18 -86.00
CA ASP A 214 65.47 92.27 -85.66
CA ARG A 215 64.32 94.74 -83.01
CA ILE A 216 62.90 91.97 -80.84
CA PHE A 217 66.07 89.91 -81.26
CA ALA A 218 68.09 92.84 -79.94
CA ILE A 219 65.70 93.14 -76.99
CA TRP A 220 66.32 89.48 -76.20
CA GLN A 221 70.07 90.09 -76.06
CA ARG A 222 69.45 93.06 -73.77
CA LEU A 223 67.34 90.83 -71.52
CA GLN A 224 70.22 88.35 -71.44
CA GLU A 225 72.52 91.17 -70.33
CA LEU A 226 70.08 91.91 -67.51
CA ARG A 227 69.74 88.23 -66.61
CA GLY A 228 73.50 87.73 -66.43
CA LYS A 229 74.19 85.66 -69.55
CA ASN A 230 76.41 85.96 -72.62
CA PRO A 231 74.32 87.13 -75.57
CA LYS A 232 77.52 87.78 -77.52
CA ALA A 233 78.18 84.07 -77.97
CA ILE A 234 76.26 80.80 -78.30
CA ASP A 235 77.09 77.24 -77.27
CA CYS A 236 74.44 75.31 -79.18
CA ALA A 237 75.26 74.95 -82.87
CA HIS A 238 78.28 77.22 -82.39
CA GLU A 239 79.92 75.51 -85.37
CA LEU A 240 77.21 76.78 -87.72
CA ALA A 241 77.79 80.29 -86.37
CA ARG A 242 81.31 80.02 -87.72
CA GLN A 243 79.96 79.43 -91.21
CA GLU A 244 79.94 82.69 -93.15
CA LEU A 245 76.58 83.25 -94.83
CA GLU A 246 75.79 83.68 -98.53
CA PRO A 247 75.59 85.59 -100.54
CA PHE A 248 76.92 88.00 -97.92
CA ASN A 249 80.35 86.38 -97.99
CA ARG A 250 80.53 86.46 -101.79
CA ASP A 251 83.20 88.80 -103.16
CA THR A 252 80.71 90.46 -105.51
CA ASN A 253 78.80 91.78 -102.50
CA PRO A 254 78.52 95.52 -103.13
CA VAL A 255 78.03 96.16 -99.42
CA PRO A 256 81.25 96.28 -97.42
CA ILE A 257 79.36 95.97 -94.14
CA THR A 258 77.82 92.55 -94.74
CA LYS A 259 80.94 91.36 -96.55
CA GLN A 260 83.11 92.06 -93.50
CA HIS A 261 80.43 90.85 -91.09
CA SER A 262 79.62 87.78 -93.19
CA ARG A 263 80.15 85.50 -90.18
CA PRO A 264 77.16 84.87 -87.94
CA VAL A 265 79.51 85.43 -85.00
CA ASP A 266 80.21 88.90 -86.38
CA LEU A 267 76.47 89.58 -86.45
CA PHE A 268 76.12 89.23 -82.68
CA ASP A 269 76.64 92.96 -82.16
CA TYR A 270 74.16 95.03 -84.16
CA HIS A 271 76.04 98.20 -83.22
CA GLN A 272 78.76 97.20 -85.68
CA LEU A 273 76.21 97.10 -88.50
CA GLY A 274 75.91 100.87 -88.37
CA TYR A 275 72.41 101.21 -86.94
CA SER A 276 70.63 101.39 -83.59
CA TYR A 277 67.04 101.62 -82.34
CA ASP A 278 65.48 104.82 -80.99
CA SER A 279 63.85 102.61 -78.36
CA LEU A 280 64.03 98.96 -77.35
CA ASN A 281 61.03 99.31 -75.03
CA LEU A 282 58.89 96.27 -75.85
CA ASN A 283 55.30 97.50 -75.76
CA GLY A 284 56.59 100.69 -74.13
CA MET A 285 57.88 98.68 -71.17
CA THR A 286 61.14 99.14 -69.27
CA PRO A 287 63.60 96.37 -70.17
CA GLU A 288 64.05 95.67 -66.46
CA GLU A 289 60.29 95.61 -65.90
CA LEU A 290 60.00 93.17 -68.80
CA LYS A 291 62.57 90.85 -67.23
CA ILE A 292 60.54 90.93 -64.02
CA LYS A 293 57.29 90.02 -65.75
CA LEU A 294 59.02 87.22 -67.66
CA ASP A 295 60.48 85.89 -64.42
CA GLU A 296 56.93 85.82 -63.07
CA ARG A 297 55.67 83.94 -66.12
CA HIS A 298 58.20 81.18 -65.59
CA SER A 299 56.93 80.50 -62.07
CA LYS A 300 53.45 80.02 -63.52
CA GLU A 301 52.00 76.58 -64.26
CA ARG A 302 51.23 76.14 -67.95
CA ALA A 303 50.29 73.39 -70.41
CA PHE A 304 52.24 73.01 -73.65
CA ALA A 305 51.56 71.06 -76.83
CA SER A 306 54.76 69.47 -78.12
CA PHE A 307 55.07 69.64 -81.90
CA ARG A 308 57.65 67.81 -83.94
CA LEU A 309 57.78 70.46 -86.65
CA LYS A 310 59.53 70.07 -90.00
CA GLY A 311 59.50 70.94 -93.69
CA PHE A 312 55.98 70.12 -94.89
CA GLY A 313 56.95 70.50 -98.55
CA GLY A 314 55.10 73.80 -98.86
CA SER A 315 53.30 76.54 -96.94
CA ALA A 316 50.70 75.28 -94.47
CA ASN A 317 48.75 76.44 -91.41
CA VAL A 318 48.38 74.36 -88.25
CA VAL A 319 45.29 74.93 -86.12
CA VAL A 320 45.46 73.59 -82.58
CA TYR A 321 42.47 72.19 -80.68
CA ALA A 322 42.39 70.88 -77.12
CA CYS A 323 39.62 68.33 -76.61
CA LEU A 324 38.41 66.83 -73.33
CA PRO A 325 38.84 63.04 -73.33
CA ASP A 326 35.73 62.39 -71.23
CA SER A 327 34.66 58.84 -70.46
CA ASP A 328 36.18 56.71 -73.18
CA PRO A 329 32.75 55.38 -74.07
CA ARG A 330 32.39 55.40 -77.84
CA SER A 331 33.59 58.22 -80.11
CA ASP A 332 32.50 61.60 -78.72
CA ASP A 333 33.63 65.20 -79.25
CA HIS A 334 34.57 68.26 -77.17
CA CYS A 335 37.40 70.49 -78.40
CA GLU A 336 38.21 74.14 -77.67
CA LYS A 337 40.35 76.20 -80.05
CA ALA A 338 43.73 76.43 -78.32
CA GLY A 339 45.53 78.56 -80.89
CA ASP A 340 47.26 78.59 -84.28
CA PHE A 341 50.67 78.79 -85.92
CA PHE A 342 51.94 78.88 -89.50
CA VAL A 343 54.76 77.20 -91.41
CA LEU A 344 56.14 79.08 -94.41
CA GLY A 345 57.31 76.89 -97.29
CA GLY A 346 57.61 76.62 -101.08
CA SER A 347 59.75 75.25 -103.90
CA THR A 348 63.52 75.14 -103.86
CA GLU A 349 63.06 74.59 -100.13
CA ALA A 350 65.71 72.30 -98.67
CA PRO A 351 64.28 69.85 -96.13
CA TRP A 352 64.59 71.08 -92.55
CA VAL A 353 63.69 70.14 -88.97
CA PHE A 354 63.96 71.75 -85.54
CA TYR A 355 66.52 70.26 -83.16
CA ARG A 356 64.10 70.40 -80.23
CA PRO A 357 60.34 70.00 -79.83
CA TYR A 358 58.27 73.14 -80.28
CA PHE A 359 56.25 74.14 -77.21
CA PHE A 360 52.87 75.69 -77.95
CA ASP A 361 51.06 77.27 -74.99
CA VAL A 362 47.54 75.85 -74.75
CA THR A 363 46.84 76.69 -71.12
CA LYS A 364 43.81 78.83 -71.99
CA ALA A 365 42.00 75.93 -73.67
CA VAL A 366 42.84 73.68 -70.74
CA GLN A 367 40.94 76.04 -68.45
CA ARG A 368 38.12 76.17 -71.00
CA LEU A 369 37.89 72.39 -70.72
CA GLY A 370 37.93 72.57 -66.93
CA VAL A 371 40.92 70.23 -66.83
CA ALA A 372 43.58 70.31 -64.11
CA LEU A 373 47.25 70.72 -64.99
CA SER A 374 47.76 67.27 -63.51
CA GLY A 375 44.93 65.84 -65.64
CA HIS A 376 44.73 64.32 -69.14
CA TYR A 377 43.25 65.64 -72.42
CA TYR A 378 43.85 65.30 -76.15
CA VAL A 379 45.36 67.78 -78.62
CA LYS A 380 43.79 67.66 -82.08
CA THR A 381 45.95 68.80 -85.01
CA GLU A 382 44.16 70.45 -87.93
CA LEU A 383 46.57 70.90 -90.83
CA PHE A 384 45.29 73.18 -93.58
CA SER A 385 46.77 74.40 -96.87
CA VAL A 386 47.20 78.00 -97.97
CA ASN A 387 43.68 77.75 -99.38
CA GLY A 388 42.51 76.30 -96.08
CA THR A 389 42.21 72.77 -97.44
CA SER A 390 42.83 69.83 -95.10
CA LEU A 391 46.18 68.14 -95.72
CA SER A 392 47.42 64.61 -95.08
CA PRO A 393 47.48 63.64 -91.39
CA ASP A 394 50.74 61.80 -92.07
CA ILE A 395 52.49 65.16 -92.50
CA LEU A 396 52.32 66.32 -88.89
CA PRO A 397 51.91 63.72 -86.15
CA GLN A 398 49.81 64.41 -83.06
CA PRO A 399 51.57 66.45 -80.36
CA THR A 400 51.90 65.47 -76.71
CA VAL A 401 50.86 67.33 -73.56
CA ALA A 402 53.35 68.81 -71.10
CA TYR A 403 52.69 70.28 -67.68
CA ARG A 404 54.84 73.40 -67.24
CA PRO A 405 55.27 73.14 -63.46
CA GLY A 406 54.25 70.72 -60.71
CA LYS A 407 56.04 71.43 -58.63
CA GLY A 408 57.61 68.48 -56.81
CA HIS A 409 58.61 68.22 -53.15
CA ILE A 410 55.21 66.76 -52.26
CA ASP A 411 56.72 64.39 -52.38
CA PRO A 412 56.23 61.41 -54.69
CA PRO A 413 59.37 59.69 -53.42
CA VAL A 414 58.78 57.37 -50.46
CA HIS A 415 60.88 55.68 -47.79
CA HIS A 416 62.34 52.28 -48.64
CA ARG A 417 60.12 50.60 -46.05
CA GLN A 418 61.68 47.19 -46.74
CA ASN A 419 59.20 44.41 -46.03
CA GLU A 420 59.24 40.63 -45.72
CA ASP A 421 57.78 38.81 -48.71
CA TYR A 422 57.26 40.38 -52.13
CA ILE A 423 59.76 40.15 -54.99
CA VAL A 424 63.49 40.77 -54.55
CA ARG A 425 65.92 41.18 -57.45
CA LYS A 426 69.55 40.07 -57.27
CA ASN A 427 72.55 40.16 -59.60
CA ILE A 428 73.54 37.14 -61.67
CA ASP A 429 76.82 36.99 -59.75
CA HIS A 430 74.90 36.94 -56.47
CA LEU A 431 73.30 33.63 -57.44
CA THR A 432 74.36 30.79 -55.15
CA ARG A 433 74.72 27.15 -56.15
CA SER A 434 71.23 26.37 -54.86
CA GLU A 435 69.76 29.56 -56.31
CA THR A 436 71.07 28.69 -59.78
CA TYR A 437 69.60 25.21 -59.42
CA GLU A 438 66.12 26.43 -58.52
CA LEU A 439 66.32 29.33 -60.97
CA ARG A 440 67.44 27.01 -63.77
CA LYS A 441 64.57 24.61 -63.03
CA ALA A 442 62.03 27.44 -62.92
CA MET A 443 63.30 28.87 -66.22
CA GLU A 444 63.21 25.38 -67.71
CA ARG A 445 59.52 25.23 -66.81
CA PHE A 446 58.91 28.71 -68.21
CA GLN A 447 60.52 27.83 -71.53
CA ALA A 448 59.00 24.34 -71.65
CA ASP A 449 55.60 25.99 -71.27
CA THR A 450 53.75 25.88 -74.58
CA SER A 451 50.57 27.57 -73.39
CA VAL A 452 49.46 31.18 -73.82
CA ASP A 453 51.38 31.96 -70.63
CA GLY A 454 54.61 30.36 -71.83
CA PHE A 455 57.99 31.97 -72.53
CA GLN A 456 57.17 32.24 -76.23
CA ALA A 457 53.86 33.92 -75.38
CA THR A 458 55.60 36.68 -73.44
CA VAL A 459 58.01 37.02 -76.36
CA GLU A 460 55.10 37.70 -78.71
CA TYR A 461 54.18 40.61 -76.44
CA HIS A 462 57.40 42.33 -77.51
CA GLY A 463 57.99 41.30 -81.12
CA LEU A 464 55.85 39.47 -83.67
CA PRO A 465 53.21 39.19 -84.49
CA ALA A 466 52.10 42.72 -85.34
CA ARG A 467 49.31 43.77 -82.98
CA CYS A 468 50.02 47.30 -81.65
CA PRO A 469 47.07 48.99 -83.40
CA GLU A 470 44.71 46.06 -82.76
CA PRO A 471 44.46 42.40 -83.75
CA ASP A 472 41.63 43.31 -86.12
CA ALA A 473 43.43 46.32 -87.61
CA LYS A 474 44.40 46.21 -91.28
CA VAL A 475 47.83 47.79 -90.98
CA ARG A 476 49.69 46.62 -87.88
CA PHE A 477 53.08 47.29 -86.27
CA ALA A 478 55.51 45.60 -83.88
CA CYS A 479 54.34 45.69 -80.26
CA CYS A 480 57.65 46.83 -78.75
CA MET A 481 57.99 50.60 -78.70
CA HIS A 482 61.16 52.70 -78.55
CA GLY A 483 61.12 56.47 -79.03
CA MET A 484 58.45 57.49 -76.52
CA ALA A 485 57.99 58.53 -72.89
CA SER A 486 56.29 55.21 -72.11
CA PHE A 487 59.56 53.38 -72.74
CA PRO A 488 60.49 53.35 -69.05
CA HIS A 489 56.93 52.34 -68.20
CA TRP A 490 56.09 49.71 -70.81
CA HIS A 491 59.42 47.92 -70.42
CA ARG A 492 59.10 48.03 -66.63
CA LEU A 493 55.64 46.48 -66.88
CA PHE A 494 57.00 44.08 -69.49
CA VAL A 495 59.58 42.78 -67.03
CA THR A 496 56.81 42.61 -64.43
CA GLN A 497 54.83 40.39 -66.81
CA VAL A 498 57.77 38.04 -67.33
CA GLU A 499 58.66 37.98 -63.64
CA ASP A 500 55.08 37.31 -62.55
CA ALA A 501 55.01 34.31 -64.89
CA LEU A 502 58.28 33.10 -63.36
CA VAL A 503 56.93 33.53 -59.84
CA ARG A 504 54.35 30.83 -60.54
CA ARG A 505 57.24 28.40 -60.96
CA GLY A 506 58.24 29.08 -57.36
CA PRO A 507 61.67 30.63 -57.89
CA PRO A 508 63.72 31.78 -54.90
CA ILE A 509 64.07 35.28 -56.32
CA GLY A 510 62.95 37.56 -59.14
CA VAL A 511 64.69 38.18 -62.46
CA PRO A 512 68.45 38.49 -61.96
CA TYR A 513 70.07 41.60 -63.42
CA TRP A 514 73.46 42.10 -65.08
CA ASP A 515 75.60 45.16 -64.34
CA TRP A 516 76.69 46.40 -67.76
CA THR A 517 78.67 49.33 -66.36
CA LYS A 518 81.07 47.07 -64.47
CA PRO A 519 83.97 45.76 -66.56
CA MET A 520 83.13 42.34 -67.97
CA THR A 521 85.27 39.45 -69.23
CA HIS A 522 82.63 37.22 -70.81
CA LEU A 523 79.01 36.06 -70.68
CA PRO A 524 78.06 34.85 -67.20
CA ASP A 525 78.03 31.08 -66.82
CA LEU A 526 74.27 31.26 -66.30
CA ALA A 527 73.74 31.79 -70.02
CA ALA A 528 77.23 31.03 -71.35
CA SER A 529 77.23 27.35 -70.42
CA GLU A 530 75.90 25.13 -73.21
CA ASP A 531 74.67 22.63 -70.61
CA TYR A 532 73.71 23.06 -66.96
CA VAL A 533 74.66 19.85 -65.15
CA ASP A 534 72.38 19.18 -62.17
CA PRO A 535 73.14 16.79 -59.32
CA ASN A 536 69.85 15.04 -60.04
CA GLY A 537 70.80 12.88 -63.03
CA HIS A 538 73.42 15.19 -64.53
CA THR A 539 71.17 16.12 -67.46
CA ARG A 540 71.99 18.34 -70.43
CA HIS A 541 70.43 21.61 -71.59
CA ASN A 542 70.30 25.24 -70.49
CA PRO A 543 67.11 27.31 -70.53
CA PHE A 544 69.24 30.46 -70.65
CA PHE A 545 71.59 29.30 -73.39
CA ASN A 546 69.23 29.08 -76.36
CA ALA A 547 65.58 29.18 -77.43
CA ASN A 548 63.10 27.74 -79.91
CA ILE A 549 61.13 29.86 -82.37
CA SER A 550 57.66 28.50 -83.08
CA PHE A 551 56.95 30.97 -85.87
CA GLU A 552 59.10 29.07 -88.36
CA GLU A 553 60.33 26.19 -86.21
CA GLU A 554 63.84 27.62 -86.08
CA HIS A 555 66.76 27.70 -83.63
CA HIS A 556 67.73 30.96 -81.94
CA HIS A 557 71.36 32.03 -82.26
CA THR A 558 73.63 34.72 -80.84
CA SER A 559 76.99 36.16 -81.88
CA ARG A 560 79.11 37.80 -79.17
CA SER A 561 82.09 37.58 -81.52
CA ILE A 562 83.45 41.06 -80.80
CA ASP A 563 83.27 41.69 -77.07
CA ALA A 564 87.00 41.85 -76.36
CA ARG A 565 87.05 45.25 -78.04
CA LEU A 566 83.95 46.05 -75.97
CA PHE A 567 85.78 44.74 -72.90
CA ALA A 568 88.91 46.89 -73.06
CA PRO A 569 91.14 47.04 -69.98
CA ALA A 570 89.80 50.02 -68.05
CA ALA A 571 92.27 52.66 -66.87
CA TYR A 572 90.46 53.34 -63.60
CA GLY A 573 88.31 50.37 -62.62
CA ASP A 574 84.71 51.18 -63.56
CA HIS A 575 85.97 53.63 -66.19
CA THR A 576 84.29 51.88 -69.11
CA ALA A 577 82.54 53.06 -72.27
CA LEU A 578 79.11 52.15 -70.92
CA PHE A 579 80.11 53.80 -67.65
CA ASP A 580 80.73 57.08 -69.46
CA GLY A 581 77.51 56.90 -71.47
CA ILE A 582 75.20 55.92 -68.62
CA LEU A 583 76.91 58.31 -66.20
CA TYR A 584 76.28 61.27 -68.51
CA ALA A 585 72.71 60.05 -68.91
CA PHE A 586 72.34 60.15 -65.13
CA GLU A 587 73.65 63.72 -65.36
CA GLN A 588 70.34 65.02 -66.69
CA GLU A 589 67.33 66.69 -65.08
CA ASP A 590 65.16 66.47 -68.19
CA PHE A 591 63.27 63.18 -67.93
CA CYS A 592 62.48 62.73 -71.63
CA ASP A 593 66.01 63.69 -72.64
CA PHE A 594 67.32 61.12 -70.16
CA GLU A 595 64.99 58.54 -71.69
CA ILE A 596 66.33 59.22 -75.18
CA GLN A 597 70.02 59.01 -74.28
CA PHE A 598 69.24 56.05 -72.04
CA GLU A 599 67.36 54.20 -74.77
CA LEU A 600 70.19 54.23 -77.30
CA VAL A 601 72.40 52.64 -74.65
CA HIS A 602 69.72 50.00 -74.12
CA ASN A 603 69.79 49.35 -77.86
CA SER A 604 73.57 49.23 -78.15
CA ILE A 605 73.69 46.22 -75.84
CA HIS A 606 71.28 44.16 -77.94
CA ALA A 607 73.06 44.99 -81.19
CA TRP A 608 76.44 43.90 -79.86
CA ILE A 609 75.14 40.55 -78.66
CA GLY A 610 73.02 39.87 -81.74
CA GLY A 611 75.99 40.35 -84.07
CA SER A 612 75.05 39.11 -87.53
CA GLU A 613 72.71 36.21 -86.76
CA ASP A 614 69.31 36.15 -88.43
CA TYR A 615 67.47 35.16 -85.25
CA SER A 616 69.24 37.17 -82.56
CA MET A 617 68.87 40.01 -80.07
CA SER A 618 69.77 42.45 -82.84
CA THR A 619 66.63 41.37 -84.69
CA LEU A 620 63.67 43.36 -83.39
CA HIS A 621 61.16 40.78 -84.57
CA TYR A 622 62.81 37.96 -82.64
CA ALA A 623 64.94 39.87 -80.13
CA ALA A 624 62.89 38.84 -77.10
CA PHE A 625 63.38 35.12 -77.74
CA ASP A 626 66.75 35.31 -75.99
CA PRO A 627 66.51 34.83 -72.23
CA ILE A 628 69.38 37.32 -71.99
CA PHE A 629 67.06 39.91 -73.51
CA TYR A 630 64.94 39.67 -70.36
CA LEU A 631 67.98 39.63 -68.08
CA HIS A 632 69.08 42.95 -69.56
CA HIS A 633 65.72 44.64 -69.02
CA SER A 634 66.05 43.72 -65.35
CA ASN A 635 69.16 45.87 -64.96
CA VAL A 636 67.33 48.48 -67.00
CA ASP A 637 64.69 48.66 -64.27
CA ARG A 638 67.49 48.95 -61.71
CA LEU A 639 68.96 51.90 -63.58
CA TRP A 640 65.60 53.67 -63.76
CA ALA A 641 65.27 53.45 -59.99
CA ILE A 642 68.75 54.93 -59.52
CA TRP A 643 67.97 57.99 -61.62
CA GLN A 644 64.64 58.50 -59.85
CA ALA A 645 66.48 58.50 -56.53
CA LEU A 646 69.22 60.84 -57.74
CA GLN A 647 66.74 63.46 -58.93
CA ILE A 648 65.32 63.67 -55.42
CA ARG A 649 68.21 66.07 -54.86
CA ARG A 650 65.74 68.76 -55.87
CA GLN A 651 64.26 67.85 -59.24
CA LYS A 652 61.00 66.02 -59.71
CA PRO A 653 61.38 62.67 -61.45
CA TYR A 654 57.90 61.51 -60.48
CA ARG A 655 56.20 64.34 -62.39
CA ALA A 656 55.38 64.64 -66.11
CA HIS A 657 57.11 67.87 -67.10
CA CYS A 658 57.33 66.47 -70.64
CA ALA A 659 55.19 64.15 -72.75
CA GLN A 660 52.40 64.24 -70.18
CA SER A 661 49.85 62.96 -72.69
CA ILE A 662 51.82 59.76 -73.20
CA GLU A 663 51.77 59.21 -69.44
CA GLN A 664 47.98 58.92 -69.70
CA LEU A 665 47.96 56.52 -72.65
CA PRO A 666 46.84 52.96 -71.93
CA MET A 667 49.79 50.62 -72.52
CA LYS A 668 49.07 48.05 -75.23
CA PRO A 669 48.48 45.37 -75.28
CA PHE A 670 46.31 45.06 -73.54
CA ALA A 671 43.89 44.99 -72.03
CA PHE A 672 40.43 46.46 -72.68
CA PRO A 673 40.24 43.93 -71.55
CA SER A 674 38.40 41.31 -73.60
CA PRO A 675 41.20 38.95 -74.75
CA LEU A 676 44.99 38.38 -74.72
CA ASN A 677 45.46 39.25 -71.05
CA ASN A 678 46.20 36.82 -68.20
CA ASN A 679 47.90 39.08 -65.66
CA GLU A 680 45.62 40.83 -63.16
CA LYS A 681 48.48 43.07 -62.06
CA THR A 682 48.70 44.77 -65.45
CA HIS A 683 44.93 45.14 -65.80
CA SER A 684 44.86 47.90 -63.17
CA ASN A 685 48.39 49.06 -64.01
CA SER A 686 47.68 49.89 -67.65
CA VAL A 687 48.13 53.58 -66.85
CA PRO A 688 51.74 54.79 -66.89
CA THR A 689 50.86 57.44 -64.30
CA ASP A 690 50.82 54.82 -61.54
CA ILE A 691 53.97 53.04 -62.68
CA TYR A 692 56.45 55.58 -61.35
CA ASP A 693 56.52 54.03 -57.88
CA TYR A 694 57.01 50.26 -58.08
CA GLU A 695 57.07 50.02 -54.29
CA GLU A 696 53.74 48.63 -53.04
CA THR A 697 52.64 48.69 -56.67
CA LEU A 698 54.56 46.04 -58.60
CA HIS A 699 55.83 44.57 -55.35
CA TYR A 700 59.56 44.11 -55.99
CA SER A 701 62.84 45.57 -54.77
CA TYR A 702 66.51 45.37 -55.70
CA ASP A 703 69.26 44.69 -53.18
CA ASP A 704 70.54 48.26 -53.46
CA LEU A 705 70.77 51.29 -55.75
CA THR A 706 74.40 51.64 -56.85
CA PHE A 707 76.30 52.44 -60.04
CA GLY A 708 79.06 49.87 -60.37
CA GLY A 709 81.09 50.34 -57.19
CA MET A 710 79.74 53.87 -56.84
CA ASN A 711 77.36 54.86 -54.04
CA LEU A 712 74.40 57.18 -54.56
CA ASP A 713 76.37 60.12 -53.16
CA GLU A 714 79.61 59.12 -54.87
CA ILE A 715 77.71 59.27 -58.17
CA GLU A 716 76.82 62.91 -57.53
CA GLU A 717 80.47 63.59 -56.71
CA THR A 718 81.61 62.06 -59.99
CA ILE A 719 78.94 64.00 -61.88
CA HIS A 720 80.23 67.25 -60.40
CA HIS A 721 83.79 66.29 -61.32
CA ARG A 722 82.80 65.97 -64.98
CA GLN A 723 81.20 69.41 -64.76
CA GLN A 724 84.51 70.96 -63.69
CA HIS A 725 85.55 71.17 -67.35
CA GLU A 726 84.16 71.88 -70.81
CA ARG A 727 82.78 69.10 -73.01
CA VAL A 728 82.12 68.73 -76.73
CA PHE A 729 79.49 66.41 -78.21
CA ALA A 730 78.18 65.38 -81.60
CA GLY A 731 74.39 65.64 -81.94
CA SER A 732 72.16 63.39 -84.03
CA LEU A 733 68.45 62.75 -84.58
CA PHE A 734 67.06 59.23 -84.78
CA GLY A 735 63.76 58.11 -86.31
CA GLY A 736 64.70 54.45 -86.71
CA ILE A 737 64.63 54.55 -90.51
CA GLY A 738 64.89 51.10 -92.09
CA LYS A 739 65.90 47.92 -90.27
CA SER A 740 68.49 47.37 -87.56
CA ALA A 741 71.72 49.14 -88.53
CA LEU A 742 74.98 50.55 -87.17
CA VAL A 743 76.27 54.09 -87.67
CA ASN A 744 79.78 55.44 -87.09
CA ILE A 745 81.03 58.92 -86.22
CA PHE A 746 84.21 60.12 -87.91
CA ILE A 747 86.00 63.44 -87.44
CA ASN A 748 87.44 64.92 -90.64
CA LYS A 749 91.12 65.60 -90.01
CA PRO A 750 93.40 67.91 -91.99
CA GLY A 751 94.14 66.07 -95.23
CA SER A 752 92.52 62.78 -96.19
CA SER A 753 93.02 60.81 -92.98
CA PRO A 754 89.94 61.10 -90.76
CA HIS A 755 89.64 59.44 -87.36
CA LYS A 756 86.72 57.66 -85.68
CA ALA A 757 85.40 59.48 -82.61
CA GLY A 758 82.71 56.95 -81.71
CA ASP A 759 79.58 55.14 -82.90
CA ILE A 760 76.03 54.14 -81.97
CA ALA A 761 73.56 51.36 -82.78
CA ILE A 762 70.19 51.94 -84.42
CA LEU A 763 67.99 48.87 -83.93
CA GLY A 764 64.75 48.40 -85.87
CA GLY A 765 62.62 45.97 -87.84
CA THR A 766 60.21 45.66 -90.77
CA LYS A 767 57.00 45.64 -88.74
CA GLU A 768 58.49 48.43 -86.62
CA MET A 769 56.21 51.36 -85.80
CA PRO A 770 57.52 54.74 -86.93
CA TRP A 771 59.02 56.97 -84.24
CA ALA A 772 61.24 59.99 -83.66
CA PHE A 773 63.40 61.35 -80.83
CA ASP A 774 62.57 64.74 -79.33
CA ARG A 775 66.24 65.44 -78.61
CA LEU A 776 69.73 65.13 -80.08
CA TYR A 777 71.86 62.26 -78.80
CA LYS A 778 75.10 63.65 -77.36
CA VAL A 779 78.14 61.56 -78.25
CA GLU A 780 81.24 62.85 -76.47
CA ILE A 781 83.91 63.59 -79.07
CA THR A 782 86.03 66.11 -77.18
CA ASP A 783 88.23 63.13 -76.31
CA ALA A 784 88.95 62.50 -79.99
CA LEU A 785 89.41 66.23 -80.58
CA LYS A 786 92.08 66.25 -77.89
CA ALA A 787 93.78 63.30 -79.56
CA LEU A 788 93.41 65.10 -82.89
CA ALA A 789 94.70 68.38 -81.46
CA LEU A 790 91.69 70.32 -82.72
CA ASP A 791 89.92 73.39 -81.32
CA VAL A 792 86.27 73.72 -80.33
CA ASP A 793 85.84 75.99 -83.31
CA GLY A 794 88.16 75.16 -86.18
CA ASP A 795 88.55 73.41 -89.53
CA TYR A 796 86.91 70.05 -88.92
CA GLU A 797 83.65 68.25 -89.73
CA VAL A 798 81.63 65.37 -88.30
CA THR A 799 80.80 62.84 -91.00
CA PHE A 800 78.12 60.14 -91.03
CA ASP A 801 78.87 56.52 -91.94
CA ILE A 802 75.76 54.34 -92.04
CA HIS A 803 75.57 50.61 -92.76
CA ASP A 804 73.39 47.61 -91.93
CA MET A 805 74.07 44.56 -89.78
CA HIS A 806 75.44 42.82 -92.86
CA GLY A 807 78.47 43.87 -94.90
CA ASN A 808 76.26 46.18 -96.96
CA LYS A 809 76.10 49.96 -96.61
CA LEU A 810 73.00 52.16 -96.39
CA SER A 811 71.94 55.49 -97.85
CA SER A 812 73.31 58.33 -95.72
CA ASP A 813 70.79 60.72 -97.27
CA LEU A 814 68.17 59.22 -94.95
CA ILE A 815 69.83 60.89 -91.96
CA PRO A 816 70.28 64.64 -91.51
CA HIS A 817 73.80 66.04 -91.22
CA PRO A 818 75.35 65.57 -87.78
CA ALA A 819 75.36 68.65 -85.55
CA VAL A 820 77.94 70.02 -83.13
CA ILE A 821 77.01 70.56 -79.49
CA SER A 822 79.11 72.61 -77.05
CA GLU A 823 78.60 72.26 -73.31
CA PRO A 824 80.26 74.81 -71.04
CA ALA A 825 81.68 74.09 -67.59
CA HIS A 826 79.19 73.96 -64.72
CA PRO A 827 80.74 74.85 -61.36
CA SER A 828 79.00 72.47 -58.96
CA PHE A 829 80.30 72.91 -55.41
CA GLU A 830 78.87 73.12 -51.89
CA ASP A 831 77.48 72.75 -49.53
CA VAL A 832 77.72 69.24 -48.10
CA THR A 833 77.00 65.52 -47.75
CA THR A 834 77.13 64.16 -44.19
CA SER A 835 77.80 60.64 -42.88
CA LEU A 836 76.75 57.39 -44.56
CA ARG A 837 78.32 54.33 -46.21
CA ILE A 838 77.84 50.58 -45.79
CA ARG A 839 79.83 47.34 -45.58
CA LYS A 840 80.09 44.77 -48.38
CA ASN A 841 81.42 41.23 -48.82
CA VAL A 842 85.09 40.96 -49.81
CA ASP A 843 84.05 38.89 -52.82
CA TYR A 844 82.19 41.92 -54.16
CA LEU A 845 85.35 44.02 -54.24
CA THR A 846 86.98 45.11 -57.49
CA PRO A 847 90.73 45.13 -58.14
CA GLU A 848 90.63 48.90 -57.67
CA GLU A 849 88.81 48.53 -54.34
CA THR A 850 91.31 45.97 -53.07
CA ASN A 851 94.13 48.38 -53.92
CA ASP A 852 92.18 51.02 -52.00
CA LEU A 853 92.26 48.66 -49.02
CA ARG A 854 95.94 48.02 -49.68
CA HIS A 855 96.75 51.73 -49.44
CA ALA A 856 94.59 52.24 -46.35
CA LEU A 857 96.28 49.44 -44.43
CA ASP A 858 99.69 50.50 -45.74
CA LEU A 859 99.40 53.82 -43.91
CA LEU A 860 97.64 52.22 -40.93
CA GLU A 861 100.58 49.86 -40.47
CA LYS A 862 103.19 52.54 -41.11
CA ASP A 863 101.38 54.77 -38.62
CA PRO A 864 103.75 54.98 -35.65
CA SER A 865 101.21 56.69 -33.39
CA ALA A 866 98.72 55.24 -30.93
CA GLY A 867 96.14 55.38 -33.71
CA GLY A 868 98.09 52.74 -35.63
CA PHE A 869 96.86 49.23 -36.42
CA ASP A 870 98.60 47.79 -33.37
CA GLN A 871 96.32 49.80 -31.09
CA LEU A 872 93.52 47.41 -32.03
CA GLY A 873 95.42 44.71 -30.15
CA ALA A 874 96.06 47.11 -27.27
CA PHE A 875 92.28 47.27 -26.93
CA HIS A 876 92.46 43.57 -26.02
CA GLY A 877 95.70 43.05 -24.09
CA GLU A 878 97.94 45.60 -22.38
CA PRO A 879 97.72 48.10 -21.19
CA LYS A 880 95.16 46.91 -18.64
CA TRP A 881 92.03 48.98 -17.96
CA CYS A 882 89.20 46.70 -16.69
CA PRO A 883 89.47 46.41 -12.84
CA ASN A 884 90.40 50.07 -12.64
CA PRO A 885 93.56 52.17 -12.58
CA GLU A 886 94.15 51.31 -8.93
CA ALA A 887 93.41 47.60 -9.16
CA GLU A 888 95.94 45.18 -7.66
CA HIS A 889 95.51 41.98 -9.68
CA LYS A 890 94.68 43.59 -13.01
CA VAL A 891 93.09 41.61 -15.85
CA ALA A 892 93.01 41.80 -19.65
CA CYS A 893 90.91 44.46 -21.39
CA CYS A 894 89.30 42.19 -24.01
CA VAL A 895 85.59 41.43 -23.67
CA HIS A 896 84.42 37.91 -24.51
CA GLY A 897 81.72 35.61 -23.16
CA MET A 898 79.80 38.71 -22.09
CA ALA A 899 76.36 40.23 -22.57
CA VAL A 900 77.98 43.29 -24.15
CA PHE A 901 79.94 41.18 -26.63
CA PRO A 902 77.95 42.48 -29.59
CA HIS A 903 78.34 46.01 -28.23
CA TRP A 904 82.02 46.04 -27.27
CA HIS A 905 83.02 44.45 -30.58
CA ARG A 906 80.57 46.80 -32.32
CA LEU A 907 82.68 49.75 -31.08
CA LEU A 908 85.84 47.83 -31.92
CA ALA A 909 84.79 47.28 -35.54
CA LEU A 910 83.66 50.87 -36.05
CA GLN A 911 86.81 52.14 -34.36
CA ALA A 912 88.98 50.23 -36.82
CA GLU A 913 86.83 51.32 -39.76
CA ASN A 914 87.22 54.94 -38.66
CA ALA A 915 90.97 54.39 -38.39
CA LEU A 916 90.95 53.32 -42.04
CA ARG A 917 88.89 56.38 -42.99
CA ARG A 918 91.50 58.49 -41.22
CA HIS A 919 93.95 57.35 -43.89
CA GLY A 920 91.56 58.37 -46.66
CA TYR A 921 89.91 54.97 -47.12
CA SER A 922 86.98 55.92 -49.36
CA GLY A 923 84.35 53.46 -48.15
CA ALA A 924 83.26 51.13 -45.36
CA PHE A 925 85.22 48.09 -44.22
CA PRO A 926 84.13 44.89 -45.96
CA TYR A 927 83.34 41.54 -44.34
CA TRP A 928 84.25 37.90 -44.89
CA ASP A 929 81.01 36.00 -45.45
CA TRP A 930 81.19 32.95 -43.19
CA THR A 931 77.71 31.68 -44.04
CA HIS A 932 78.56 31.08 -47.68
CA PRO A 933 80.58 27.95 -48.43
CA ILE A 934 84.28 28.79 -48.57
CA SER A 935 86.15 27.33 -51.54
CA LYS A 936 89.22 29.50 -50.93
CA LEU A 937 90.67 32.31 -48.83
CA PRO A 938 89.83 35.94 -49.60
CA ASP A 939 91.92 37.34 -52.45
CA LEU A 940 92.60 40.26 -50.11
CA VAL A 941 94.77 38.09 -47.88
CA THR A 942 95.58 35.07 -50.05
CA PRO A 943 98.29 36.78 -52.09
CA GLU A 944 101.74 36.95 -50.52
CA THR A 945 102.66 39.84 -52.82
CA TYR A 946 100.92 42.19 -55.26
CA THR A 947 101.59 44.37 -58.30
CA ASP A 948 98.65 46.49 -59.41
CA PRO A 949 98.63 49.36 -61.91
CA SER A 950 99.33 53.01 -61.15
CA ASP A 951 102.82 52.18 -59.91
CA ASN A 952 103.90 49.22 -62.05
CA GLN A 953 105.77 47.86 -59.04
CA ASP A 954 105.87 44.63 -57.04
CA LYS A 955 105.38 44.86 -53.28
CA HIS A 956 104.54 42.54 -50.39
CA ASN A 957 100.86 42.26 -49.47
CA PRO A 958 100.14 44.11 -46.23
CA TRP A 959 97.01 41.99 -45.82
CA TYR A 960 99.09 38.80 -45.92
CA ASN A 961 100.26 39.03 -42.31
CA GLY A 962 101.15 41.45 -39.50
CA HIS A 963 103.92 42.00 -36.96
CA ILE A 964 103.78 41.56 -33.18
CA GLU A 965 106.02 44.18 -31.56
CA THR A 966 105.18 42.67 -28.18
CA VAL A 967 107.50 39.76 -28.93
CA ASP A 968 109.14 41.13 -32.07
CA GLN A 969 107.84 38.38 -34.35
CA ASP A 970 105.77 38.20 -37.53
CA THR A 971 102.32 36.59 -37.35
CA THR A 972 101.22 33.33 -38.95
CA ARG A 973 98.14 31.15 -39.41
CA ASN A 974 97.11 27.54 -39.98
CA VAL A 975 93.79 27.14 -41.79
CA ARG A 976 92.65 23.64 -40.85
CA GLY A 977 88.94 23.46 -41.70
CA ASP A 978 87.45 23.74 -45.19
CA LEU A 979 83.99 25.06 -46.04
CA TYR A 980 84.29 24.43 -49.75
CA GLN A 981 80.68 23.78 -50.63
CA GLN A 982 79.06 20.39 -50.17
CA PRO A 983 75.77 21.57 -48.58
CA GLU A 984 73.05 19.06 -47.61
CA PHE A 985 70.06 21.39 -48.06
CA GLY A 986 70.91 24.58 -49.93
CA HIS A 987 71.81 27.16 -47.28
CA SER A 988 72.39 24.28 -44.87
CA THR A 989 76.18 24.07 -44.80
CA ASP A 990 78.39 22.33 -42.24
CA ILE A 991 78.35 25.28 -39.85
CA ALA A 992 75.36 27.25 -41.12
CA PRO A 993 73.03 25.42 -38.73
CA GLN A 994 75.07 26.86 -35.87
CA VAL A 995 74.09 30.32 -37.09
CA LEU A 996 70.50 29.36 -37.89
CA LEU A 997 69.99 28.25 -34.29
CA ALA A 998 71.04 31.73 -33.16
CA LEU A 999 68.94 33.47 -35.81
CA GLU A 1000 65.88 31.74 -34.38
CA GLN A 1001 65.88 33.26 -30.90
CA ASP A 1002 63.47 35.56 -29.06
CA ASP A 1003 65.40 37.11 -26.18
CA PHE A 1004 68.45 39.30 -26.73
CA CYS A 1005 70.75 37.42 -24.34
CA SER A 1006 69.32 34.10 -25.54
CA PHE A 1007 70.43 35.11 -29.03
CA GLU A 1008 73.80 36.23 -27.66
CA VAL A 1009 74.40 32.71 -26.32
CA GLN A 1010 74.39 30.93 -29.67
CA TYR A 1011 75.51 34.09 -31.45
CA GLU A 1012 78.65 34.45 -29.33
CA ILE A 1013 79.50 30.77 -29.00
CA SER A 1014 79.17 29.92 -32.70
CA HIS A 1015 81.48 32.86 -33.39
CA ASN A 1016 84.24 30.95 -31.63
CA PHE A 1017 84.18 28.10 -34.13
CA ILE A 1018 85.96 30.17 -36.77
CA HIS A 1019 88.89 31.41 -34.68
CA ALA A 1020 90.14 27.84 -34.30
CA LEU A 1021 89.47 27.17 -37.97
CA VAL A 1022 91.88 29.81 -39.31
CA GLY A 1023 94.25 29.96 -36.35
CA GLY A 1024 94.79 26.21 -36.09
CA THR A 1025 97.75 25.62 -33.79
CA THR A 1026 99.67 28.84 -34.46
CA PRO A 1027 101.63 30.18 -31.49
CA TYR A 1028 101.30 33.71 -32.86
CA GLY A 1029 97.96 34.13 -34.65
CA MET A 1030 94.19 33.82 -34.41
CA ALA A 1031 94.57 30.66 -32.35
CA SER A 1032 96.20 32.71 -29.59
CA LEU A 1033 93.62 35.05 -28.06
CA ARG A 1034 96.56 37.11 -26.81
CA TYR A 1035 97.82 37.74 -30.34
CA THR A 1036 94.64 37.16 -32.33
CA ALA A 1037 94.05 40.87 -32.85
CA TYR A 1038 97.33 41.23 -34.74
CA ASP A 1039 96.10 39.03 -37.59
CA PRO A 1040 94.63 40.95 -40.52
CA ILE A 1041 91.83 38.40 -40.69
CA PHE A 1042 90.72 39.21 -37.15
CA PHE A 1043 89.00 42.47 -38.07
CA LEU A 1044 87.64 40.93 -41.27
CA HIS A 1045 86.07 38.04 -39.37
CA HIS A 1046 84.51 40.11 -36.58
CA SER A 1047 83.07 42.36 -39.29
CA ASN A 1048 80.81 39.59 -40.59
CA THR A 1049 80.06 38.51 -37.01
CA ASP A 1050 78.75 41.99 -36.26
CA ARG A 1051 76.68 41.69 -39.43
CA ILE A 1052 74.99 38.61 -37.99
CA TRP A 1053 74.06 40.62 -34.89
CA ALA A 1054 72.37 43.13 -37.19
CA ILE A 1055 70.54 40.40 -39.09
CA TRP A 1056 68.79 39.13 -35.96
CA GLN A 1057 67.68 42.64 -35.06
CA ALA A 1058 66.09 42.97 -38.49
CA LEU A 1059 64.36 39.62 -38.01
CA GLN A 1060 62.98 40.86 -34.69
CA LYS A 1061 61.53 43.98 -36.31
CA TYR A 1062 59.91 41.77 -38.93
CA ARG A 1063 58.55 39.54 -36.15
CA GLY A 1064 57.16 42.60 -34.37
CA LYS A 1065 59.30 41.97 -31.30
CA PRO A 1066 61.73 44.18 -29.37
CA TYR A 1067 64.74 44.79 -31.59
CA ASN A 1068 66.38 47.87 -30.07
CA THR A 1069 66.20 47.19 -26.34
CA ALA A 1070 67.55 44.25 -24.36
CA ASN A 1071 65.33 43.31 -21.43
CA CYS A 1072 68.12 41.24 -19.83
CA ALA A 1073 71.42 42.36 -18.32
CA ILE A 1074 70.18 45.93 -17.96
CA ALA A 1075 72.77 46.88 -15.35
CA SER A 1076 75.79 45.79 -17.37
CA MET A 1077 74.11 47.23 -20.47
CA ARG A 1078 74.14 50.63 -18.78
CA LYS A 1079 77.76 50.36 -17.66
CA PRO A 1080 80.20 52.28 -19.87
CA LEU A 1081 82.59 49.99 -21.73
CA GLN A 1082 86.37 50.02 -21.39
CA PRO A 1083 88.71 50.98 -22.51
CA PHE A 1084 86.62 52.43 -25.34
CA GLY A 1085 84.69 54.57 -22.85
CA LEU A 1086 87.87 56.01 -21.36
CA SER A 1087 88.42 58.29 -24.35
CA SER A 1088 91.73 60.07 -24.89
CA ASP A 1089 94.45 59.52 -24.76
CA VAL A 1090 93.58 55.84 -25.00
CA ASN A 1091 91.20 56.55 -27.87
CA PRO A 1092 90.99 59.91 -29.64
CA ASP A 1093 87.78 58.86 -31.37
CA ILE A 1094 84.99 61.24 -30.33
CA ILE A 1095 82.18 59.13 -31.78
CA THR A 1096 83.17 56.19 -29.59
CA ARG A 1097 83.20 58.39 -26.49
CA GLU A 1098 79.67 59.53 -27.31
CA HIS A 1099 78.49 55.91 -27.28
CA ALA A 1100 80.39 54.49 -24.31
CA ILE A 1101 77.19 53.02 -22.88
CA PRO A 1102 75.97 49.78 -24.48
CA PHE A 1103 72.37 50.74 -23.74
CA ASP A 1104 72.75 53.46 -26.38
CA VAL A 1105 74.35 51.26 -29.04
CA PHE A 1106 71.38 49.24 -30.27
CA ASN A 1107 70.20 51.82 -32.80
CA TYR A 1108 72.84 51.19 -35.46
CA ARG A 1109 71.31 53.73 -37.84
CA GLY A 1110 70.94 56.94 -35.86
CA ASN A 1111 73.80 56.32 -33.43
CA PHE A 1112 76.57 55.34 -35.83
CA HIS A 1113 74.99 55.85 -39.24
CA TYR A 1114 76.40 52.84 -41.06
CA LYS A 1115 74.70 50.21 -43.23
CA TYR A 1116 75.24 46.64 -44.51
CA ASP A 1117 74.96 45.72 -48.21
CA THR A 1118 72.02 43.49 -47.29
CA LEU A 1119 70.93 41.41 -44.30
CA GLU A 1120 70.26 38.27 -46.33
CA PHE A 1121 71.38 34.84 -45.11
CA ASN A 1122 72.89 33.51 -48.33
CA GLY A 1123 70.05 32.64 -50.72
CA LEU A 1124 67.43 33.64 -48.16
CA SER A 1125 65.86 37.09 -47.98
CA ILE A 1126 65.11 38.89 -44.72
CA SER A 1127 61.49 37.64 -44.81
CA GLN A 1128 62.29 34.25 -46.37
CA LEU A 1129 64.92 33.56 -43.72
CA ASN A 1130 62.40 33.94 -40.90
CA ARG A 1131 60.07 31.59 -42.77
CA GLU A 1132 62.81 28.98 -43.13
CA LEU A 1133 63.62 29.27 -39.42
CA ASP A 1134 59.96 28.55 -38.68
CA LYS A 1135 60.17 25.47 -40.89
CA ILE A 1136 63.07 24.29 -38.74
CA LYS A 1137 61.55 24.86 -35.32
CA SER A 1138 58.13 23.65 -36.45
CA HIS A 1139 59.25 20.08 -35.84
CA ASP A 1140 60.48 18.24 -32.74
CA ARG A 1141 64.18 18.87 -32.10
CA VAL A 1142 66.94 17.15 -30.13
CA PHE A 1143 69.57 19.26 -28.37
CA ALA A 1144 72.50 18.46 -26.11
CA GLY A 1145 72.93 20.91 -23.24
CA PHE A 1146 76.33 22.24 -22.14
CA LEU A 1147 77.42 24.58 -19.36
CA LEU A 1148 80.22 26.84 -20.61
CA SER A 1149 82.36 28.85 -18.20
CA GLY A 1150 85.41 29.91 -20.20
CA ILE A 1151 88.27 29.42 -17.75
CA LYS A 1152 92.00 28.71 -17.81
CA LYS A 1153 93.07 27.97 -21.39
CA SER A 1154 91.11 27.71 -24.64
CA VAL A 1155 89.87 24.19 -25.34
CA LEU A 1156 88.25 22.02 -28.00
CA VAL A 1157 85.24 19.99 -26.93
CA LYS A 1158 83.65 16.85 -28.35
CA PHE A 1159 80.88 14.58 -27.09
CA ASN A 1160 79.26 11.23 -27.85
CA VAL A 1161 75.79 9.69 -27.68
CA CYS A 1162 75.24 6.14 -26.46
CA ALA A 1163 72.36 4.10 -27.88
CA PRO A 1164 70.24 2.00 -25.52
CA PRO A 1165 71.97 -1.28 -26.37
CA HIS A 1166 75.48 -0.18 -25.41
CA ASP A 1167 77.13 1.33 -28.48
CA CYS A 1168 78.27 4.98 -28.40
CA HIS A 1169 79.00 7.26 -31.37
CA PRO A 1170 80.61 10.68 -31.69
CA ALA A 1171 77.73 13.14 -32.03
CA GLY A 1172 79.38 16.53 -32.53
CA GLU A 1173 81.94 19.04 -31.26
CA PHE A 1174 82.64 22.73 -30.69
CA TYR A 1175 85.45 25.11 -29.76
CA LEU A 1176 85.59 27.20 -26.59
CA LEU A 1177 87.73 30.34 -26.68
CA GLY A 1178 89.24 31.74 -23.49
CA ASP A 1179 92.37 33.14 -21.84
CA GLU A 1180 94.19 33.42 -18.51
CA ASN A 1181 94.61 37.19 -18.47
CA GLU A 1182 90.95 37.39 -19.47
CA MET A 1183 88.54 37.81 -16.57
CA ALA A 1184 86.68 34.59 -15.78
CA TRP A 1185 83.08 34.32 -16.96
CA ALA A 1186 80.18 31.91 -17.46
CA TYR A 1187 76.92 31.74 -19.40
CA ASP A 1188 73.54 32.21 -17.73
CA ARG A 1189 71.96 29.81 -20.21
CA VAL A 1190 72.51 26.22 -21.31
CA PHE A 1191 74.31 25.98 -24.66
CA LYS A 1192 72.15 24.04 -27.11
CA TYR A 1193 73.80 21.69 -29.61
CA ASP A 1194 71.53 20.27 -32.29
CA THR A 1195 72.06 16.50 -32.50
CA THR A 1196 68.79 15.66 -34.26
CA ASN A 1197 70.71 14.43 -37.30
CA VAL A 1198 72.78 12.20 -35.03
CA LEU A 1199 69.76 10.56 -33.41
CA ASP A 1200 68.26 10.06 -36.87
CA GLU A 1201 71.47 8.50 -38.14
CA ASN A 1202 71.43 6.21 -35.11
CA ASN A 1203 67.85 5.32 -36.02
CA LEU A 1204 66.61 5.95 -32.48
CA HIS A 1205 63.24 7.16 -31.22
CA PHE A 1206 62.86 10.80 -30.17
CA TYR A 1207 62.28 9.77 -26.56
CA ASP A 1208 64.58 6.74 -26.74
CA HIS A 1209 66.66 6.26 -23.61
CA ILE A 1210 70.14 7.54 -24.45
CA PHE A 1211 73.20 8.90 -22.65
CA ILE A 1212 75.62 11.74 -23.37
CA THR A 1213 79.35 11.25 -22.79
CA TYR A 1214 81.88 14.07 -22.71
CA GLU A 1215 85.45 14.44 -23.95
CA VAL A 1216 87.66 17.52 -23.70
CA PHE A 1217 91.18 18.52 -24.73
CA ASP A 1218 93.05 21.82 -24.89
CA LEU A 1219 93.88 23.86 -27.99
CA HIS A 1220 97.29 22.19 -28.15
CA GLY A 1221 95.70 18.74 -28.30
CA THR A 1222 96.41 17.54 -24.76
CA SER A 1223 93.60 15.57 -23.14
CA LEU A 1224 91.94 17.29 -20.19
CA GLY A 1225 89.93 16.02 -17.23
CA THR A 1226 86.18 15.92 -17.83
CA ASP A 1227 85.51 17.02 -14.25
CA ILE A 1228 85.89 20.62 -15.45
CA PHE A 1229 82.56 20.12 -17.21
CA HIS A 1230 79.26 19.96 -15.31
CA LYS A 1231 76.96 17.00 -15.95
CA ALA A 1232 75.66 17.02 -19.52
CA ASN A 1233 72.02 17.92 -20.12
CA VAL A 1234 69.47 16.40 -22.51
CA ILE A 1235 67.15 18.91 -24.16
CA HIS A 1236 63.91 18.08 -26.03
CA ASP A 1237 61.75 20.57 -27.99
CA SER A 1238 58.02 20.29 -28.88
CA GLY A 1239 56.32 20.85 -32.25
CA THR A 1240 54.20 23.96 -32.82
CA GLY A 1241 50.87 22.16 -32.44
CA SER A 1242 48.28 21.77 -31.57
CA ARG A 1243 49.40 24.70 -29.43
CA GLU A 1244 47.31 23.92 -26.34
CA HIS A 1245 44.47 25.76 -24.58
CA ASP A 1246 44.40 28.39 -27.34
CA ARG A 1247 43.08 29.15 -30.80
CA TYR A 1248 45.69 29.26 -33.57
CA VAL A 1249 44.21 29.66 -37.04
CA GLU A 1250 47.57 29.86 -38.82
CA GLU A 1251 48.60 27.79 -41.83
CA VAL A 1252 52.12 26.83 -42.83
CA THR A 1253 52.47 25.09 -46.20
CA GLY A 1254 55.20 22.72 -47.34
CA ALA A 1255 57.27 23.35 -49.02
CA SER A 1256 55.74 25.45 -51.81
CA HIS A 1257 52.68 25.77 -54.10
CA ILE A 1258 48.94 26.35 -53.73
CA ARG A 1259 45.55 25.13 -55.00
CA LYS A 1260 42.41 27.09 -55.93
CA ASN A 1261 38.70 26.36 -56.39
CA LEU A 1262 37.93 25.32 -59.96
CA ASN A 1263 34.97 27.71 -59.97
CA ASP A 1264 37.11 30.63 -58.83
CA LEU A 1265 39.95 30.23 -61.32
CA ASN A 1266 41.03 32.97 -63.73
CA LEU A 1267 40.71 32.65 -67.50
CA GLY A 1268 44.44 32.05 -67.93
CA GLU A 1269 44.55 29.55 -65.07
CA MET A 1270 41.83 27.40 -66.65
CA GLU A 1271 43.51 27.60 -70.05
CA SER A 1272 46.76 26.38 -68.50
CA LEU A 1273 44.92 23.30 -67.24
CA ARG A 1274 43.54 22.56 -70.69
CA ALA A 1275 46.89 22.85 -72.46
CA ALA A 1276 49.02 21.12 -69.83
CA PHE A 1277 46.62 18.20 -69.46
CA LEU A 1278 46.26 17.97 -73.23
CA HIS A 1279 50.02 17.47 -73.45
CA ILE A 1280 50.25 14.84 -70.73
CA GLN A 1281 47.21 13.09 -72.19
CA ASN A 1282 48.81 12.84 -75.62
CA ASP A 1283 51.89 11.52 -73.83
CA GLY A 1284 52.09 8.06 -72.25
CA THR A 1285 52.43 9.61 -68.80
CA TYR A 1286 48.67 9.94 -68.33
CA GLU A 1287 48.38 6.31 -69.40
CA SER A 1288 50.94 5.25 -66.80
CA ILE A 1289 48.93 7.15 -64.19
CA ALA A 1290 45.73 5.34 -65.16
CA GLN A 1291 47.44 1.94 -64.97
CA TYR A 1292 48.27 2.69 -61.34
CA HIS A 1293 44.57 2.88 -60.48
CA GLY A 1294 42.45 0.81 -62.87
CA LYS A 1295 43.22 -1.92 -65.39
CA PRO A 1296 45.32 -3.63 -66.00
CA GLY A 1297 45.90 -5.36 -62.66
CA LYS A 1298 49.29 -4.49 -61.20
CA CYS A 1299 49.04 -6.25 -57.84
CA GLU A 1300 48.71 -10.02 -57.54
CA LEU A 1301 46.43 -12.24 -55.52
CA ASN A 1302 46.54 -16.03 -55.22
CA HIS A 1303 44.80 -15.98 -58.60
CA ARG A 1304 43.24 -13.50 -61.01
CA SER A 1305 45.56 -10.57 -60.31
CA ILE A 1306 43.95 -7.29 -59.26
CA ALA A 1307 44.45 -3.53 -59.34
CA CYS A 1308 46.62 -1.93 -56.67
CA CYS A 1309 43.95 0.70 -56.14
CA VAL A 1310 42.88 0.65 -52.49
CA ARG A 1311 39.14 1.26 -52.06
CA GLY A 1312 36.87 0.13 -49.23
CA MET A 1313 39.83 0.14 -46.84
CA PRO A 1314 40.98 2.22 -43.88
CA THR A 1315 43.89 3.41 -46.01
CA PHE A 1316 41.74 4.59 -48.92
CA PRO A 1317 42.35 8.26 -48.11
CA GLN A 1318 46.11 7.76 -47.84
CA TRP A 1319 46.48 5.83 -51.09
CA HIS A 1320 44.59 8.36 -53.18
CA ARG A 1321 46.38 11.18 -51.38
CA LEU A 1322 49.58 9.87 -52.95
CA TYR A 1323 47.76 9.26 -56.23
CA VAL A 1324 46.69 12.88 -56.67
CA ALA A 1325 50.03 14.25 -55.47
CA GLN A 1326 51.84 12.12 -58.05
CA VAL A 1327 49.53 13.39 -60.79
CA GLU A 1328 50.15 17.02 -59.86
CA ASN A 1329 53.90 16.39 -59.82
CA ALA A 1330 53.79 14.85 -63.28
CA LEU A 1331 51.90 17.87 -64.61
CA LEU A 1332 54.51 20.19 -63.09
CA LYS A 1333 57.21 18.18 -64.85
CA MET A 1334 55.29 18.60 -68.11
CA GLY A 1335 55.35 22.35 -67.44
CA SER A 1336 51.88 23.06 -66.05
CA SER A 1337 51.68 26.60 -64.69
CA VAL A 1338 48.94 25.68 -62.22
CA ALA A 1339 48.20 22.80 -59.87
CA VAL A 1340 45.03 20.71 -60.09
CA PRO A 1341 42.11 22.65 -58.61
CA TYR A 1342 39.32 21.28 -56.42
CA TRP A 1343 35.63 21.19 -57.30
CA GLU A 1344 33.24 21.83 -54.42
CA TRP A 1345 30.40 19.31 -54.58
CA THR A 1346 28.20 20.67 -51.80
CA ALA A 1347 27.58 23.89 -53.73
CA PRO A 1348 24.51 23.59 -55.95
CA ILE A 1349 25.31 23.86 -59.66
CA ASP A 1350 23.40 24.68 -62.83
CA HIS A 1351 25.68 22.68 -65.12
CA LEU A 1352 29.16 21.24 -65.66
CA PRO A 1353 32.12 23.62 -65.38
CA GLY A 1354 33.56 25.20 -68.51
CA LEU A 1355 36.60 22.97 -68.02
CA ILE A 1356 34.56 19.82 -68.51
CA ASP A 1357 31.29 20.60 -70.28
CA ASP A 1358 32.61 21.97 -73.57
CA ALA A 1359 33.83 19.53 -76.22
CA THR A 1360 36.19 22.07 -77.80
CA TYR A 1361 37.96 25.26 -76.74
CA PHE A 1362 39.39 28.22 -78.67
CA ASN A 1363 43.16 28.62 -78.53
CA SER A 1364 45.74 30.95 -80.07
CA ARG A 1365 47.08 27.94 -81.98
CA GLN A 1366 46.37 27.36 -85.67
CA GLN A 1367 43.30 25.56 -87.02
CA ARG A 1368 41.13 27.66 -84.71
CA TYR A 1369 39.47 26.07 -81.68
CA ASP A 1370 40.16 22.40 -80.97
CA PRO A 1371 38.89 19.48 -78.89
CA ASN A 1372 39.83 19.71 -75.22
CA PRO A 1373 41.26 16.89 -73.10
CA PHE A 1374 38.71 17.12 -70.31
CA PHE A 1375 35.63 16.39 -72.42
CA ARG A 1376 36.71 12.77 -72.81
CA GLY A 1377 39.78 10.55 -73.05
CA LYS A 1378 40.89 7.29 -74.69
CA ILE A 1379 41.35 3.78 -73.31
CA SER A 1380 44.45 2.20 -74.81
CA PHE A 1381 44.24 -1.03 -72.83
CA GLU A 1382 40.65 -1.83 -73.83
CA ASN A 1383 41.02 -0.13 -77.19
CA ALA A 1384 38.03 2.11 -76.48
CA VAL A 1385 36.97 5.59 -75.41
CA THR A 1386 35.52 7.09 -72.22
CA THR A 1387 32.14 8.75 -71.71
CA ARG A 1388 29.84 10.44 -69.20
CA ASP A 1389 26.25 9.96 -68.06
CA PRO A 1390 24.84 12.68 -65.81
CA GLN A 1391 21.89 11.40 -63.79
CA GLU A 1392 18.73 13.38 -62.99
CA GLU A 1393 19.70 14.28 -59.42
CA LEU A 1394 23.36 15.27 -59.84
CA PHE A 1395 24.19 18.33 -57.74
CA ASN A 1396 21.08 20.39 -58.48
CA SER A 1397 19.95 20.34 -54.84
CA GLU A 1398 20.93 19.51 -51.27
CA TYR A 1399 22.17 15.97 -51.88
CA MET A 1400 25.77 15.98 -50.67
CA GLN A 1401 25.60 18.84 -48.17
CA ASN A 1402 24.14 16.70 -45.38
CA ASN A 1403 26.29 13.73 -46.38
CA VAL A 1404 29.52 15.67 -45.87
CA LEU A 1405 28.32 16.96 -42.50
CA LEU A 1406 27.71 13.36 -41.39
CA ALA A 1407 31.39 12.64 -42.02
CA LEU A 1408 32.43 15.80 -40.18
CA GLU A 1409 30.38 14.65 -37.20
CA GLN A 1410 32.91 11.86 -36.73
CA ASP A 1411 35.70 12.03 -34.17
CA ASN A 1412 37.75 8.88 -34.65
CA TYR A 1413 40.09 8.22 -37.58
CA CYS A 1414 38.69 4.86 -38.72
CA ASP A 1415 35.12 5.96 -37.98
CA PHE A 1416 35.60 9.08 -40.09
CA GLU A 1417 37.36 7.31 -42.95
CA ILE A 1418 34.69 4.61 -43.24
CA GLN A 1419 31.77 7.05 -43.12
CA PHE A 1420 33.71 9.47 -45.32
CA GLU A 1421 34.58 7.31 -48.32
CA LEU A 1422 31.03 5.96 -48.47
CA VAL A 1423 29.91 9.54 -49.08
CA HIS A 1424 32.64 10.00 -51.69
CA ASN A 1425 31.15 7.10 -53.65
CA ALA A 1426 28.07 9.09 -54.62
CA LEU A 1427 30.15 11.65 -56.51
CA HIS A 1428 31.09 9.09 -59.16
CA SER A 1429 27.67 7.48 -59.61
CA LEU A 1430 25.93 10.81 -60.18
CA LEU A 1431 28.12 11.75 -63.15
CA GLY A 1432 28.96 8.17 -64.11
CA GLY A 1433 25.41 6.92 -64.59
CA LYS A 1434 25.17 3.51 -66.25
CA GLY A 1435 28.06 3.56 -68.73
CA GLN A 1436 30.32 0.54 -69.23
CA TYR A 1437 33.50 2.61 -69.36
CA SER A 1438 32.27 5.75 -67.61
CA MET A 1439 32.92 7.40 -64.25
CA SER A 1440 30.93 4.82 -62.29
CA SER A 1441 32.86 2.00 -63.98
CA LEU A 1442 35.52 1.31 -61.36
CA ASP A 1443 37.58 -0.92 -63.65
CA TYR A 1444 38.05 1.90 -66.16
CA SER A 1445 37.40 4.86 -63.88
CA ALA A 1446 41.13 5.58 -64.00
CA PHE A 1447 40.79 6.80 -67.58
CA ASP A 1448 38.30 9.49 -66.60
CA PRO A 1449 40.04 12.85 -66.28
CA VAL A 1450 37.43 14.14 -63.85
CA PHE A 1451 38.56 11.77 -61.10
CA PHE A 1452 41.48 14.14 -60.58
CA LEU A 1453 39.00 16.81 -59.49
CA HIS A 1454 37.01 14.31 -57.44
CA HIS A 1455 39.99 13.32 -55.29
CA ALA A 1456 41.38 16.85 -55.32
CA ASN A 1457 38.34 18.04 -53.38
CA THR A 1458 38.25 14.80 -51.39
CA ASP A 1459 41.74 15.65 -50.13
CA ARG A 1460 40.49 19.13 -49.25
CA LEU A 1461 37.68 17.62 -47.18
CA TRP A 1462 40.19 15.45 -45.33
CA ALA A 1463 42.22 18.59 -44.57
CA ILE A 1464 39.12 20.32 -43.22
CA TRP A 1465 38.32 17.45 -40.86
CA GLN A 1466 41.92 17.36 -39.68
CA GLU A 1467 41.73 21.06 -38.82
CA LEU A 1468 38.44 20.49 -37.02
CA GLN A 1469 40.22 17.87 -34.90
CA ARG A 1470 42.91 20.43 -34.13
CA TYR A 1471 40.27 22.93 -33.00
CA ARG A 1472 38.57 20.19 -30.96
CA GLY A 1473 41.92 19.56 -29.26
CA LEU A 1474 42.05 15.93 -30.40
CA PRO A 1475 44.77 13.91 -32.11
CA TYR A 1476 44.94 15.29 -35.66
CA GLU A 1477 48.58 15.01 -36.70
CA GLU A 1478 48.82 11.23 -36.97
CA ALA A 1479 46.30 8.41 -37.36
CA ASN A 1480 45.74 6.20 -34.33
CA CYS A 1481 43.73 3.15 -35.37
CA ALA A 1482 44.87 0.44 -37.77
CA ILE A 1483 48.50 1.05 -36.83
CA ASN A 1484 49.80 -1.93 -38.80
CA LEU A 1485 48.05 -0.76 -41.96
CA MET A 1486 49.62 2.69 -41.62
CA HIS A 1487 53.13 1.26 -41.82
CA GLN A 1488 52.73 -0.90 -44.92
CA PRO A 1489 54.17 -0.13 -48.35
CA LEU A 1490 51.65 1.40 -50.74
CA MET A 1491 51.94 -0.02 -54.25
CA PRO A 1492 52.37 1.08 -56.76
CA PHE A 1493 53.97 4.01 -54.94
CA SER A 1494 56.42 1.63 -53.28
CA ASP A 1495 57.49 0.03 -56.55
CA PRO A 1496 61.26 -0.41 -56.81
CA ASN A 1497 61.56 1.11 -60.28
CA GLU A 1498 58.01 1.10 -61.64
CA ASN A 1499 57.14 4.22 -59.64
CA HIS A 1500 59.87 6.52 -60.96
CA GLY A 1501 58.55 9.44 -58.91
CA ASN A 1502 61.07 10.19 -56.16
CA VAL A 1503 58.54 12.03 -54.01
CA THR A 1504 56.08 9.15 -53.62
CA LEU A 1505 58.99 6.72 -53.56
CA LYS A 1506 60.28 8.48 -50.44
CA HIS A 1507 56.72 8.74 -49.15
CA SER A 1508 55.42 5.22 -49.74
CA LYS A 1509 53.55 4.63 -46.48
CA PRO A 1510 50.31 5.96 -45.01
CA GLN A 1511 52.49 7.33 -42.21
CA ASP A 1512 53.97 9.65 -44.82
CA CYS A 1513 50.55 11.04 -45.70
CA PHE A 1514 50.03 12.25 -42.12
CA ASP A 1515 52.08 15.41 -42.67
CA TYR A 1516 50.68 16.42 -46.07
CA ARG A 1517 51.57 20.13 -46.13
CA ASN A 1518 55.24 19.43 -45.45
CA ASN A 1519 55.88 16.18 -47.26
CA PHE A 1520 53.42 17.21 -49.95
CA GLY A 1521 54.28 20.84 -50.24
CA TYR A 1522 50.68 21.34 -51.32
CA LYS A 1523 48.32 23.80 -49.63
CA TYR A 1524 44.75 25.02 -50.20
CA ASP A 1525 43.90 28.70 -50.66
CA ASN A 1526 41.27 28.21 -47.96
CA LEU A 1527 39.48 25.44 -46.07
CA GLU A 1528 36.37 27.55 -45.47
CA PHE A 1529 33.42 25.19 -45.89
CA HIS A 1530 30.59 27.29 -47.29
CA HIS A 1531 32.62 30.38 -46.41
CA LEU A 1532 32.76 29.51 -42.70
CA SER A 1533 35.60 29.64 -40.18
CA ILE A 1534 36.89 26.53 -38.42
CA PRO A 1535 35.47 27.57 -35.05
CA SER A 1536 32.06 28.25 -36.57
CA LEU A 1537 32.07 24.99 -38.54
CA ASP A 1538 32.59 22.94 -35.38
CA ALA A 1539 29.98 25.08 -33.64
CA THR A 1540 27.52 24.20 -36.41
CA LEU A 1541 28.33 20.52 -35.90
CA LYS A 1542 27.75 20.92 -32.16
CA ALA A 1543 24.31 22.35 -32.95
CA ARG A 1544 23.63 19.13 -34.86
CA LYS A 1545 24.93 17.12 -31.90
CA GLU A 1546 22.41 18.77 -29.59
CA HIS A 1547 19.37 17.95 -31.72
CA ASP A 1548 17.92 14.44 -31.55
CA ARG A 1549 18.87 12.23 -34.49
CA VAL A 1550 17.82 8.90 -35.99
CA PHE A 1551 20.03 6.87 -38.31
CA ALA A 1552 19.90 3.69 -40.37
CA GLY A 1553 22.89 1.34 -40.13
CA PHE A 1554 24.31 -0.60 -43.08
CA LEU A 1555 27.08 -3.19 -42.88
CA LEU A 1556 28.65 -2.79 -46.30
CA HIS A 1557 31.12 -4.96 -48.22
CA ASN A 1558 32.26 -6.19 -51.62
CA ILE A 1559 29.15 -6.84 -53.71
CA GLY A 1560 31.04 -7.93 -56.84
CA THR A 1561 30.02 -4.90 -58.89
CA SER A 1562 28.83 -1.29 -58.82
CA ALA A 1563 25.23 -0.82 -57.69
CA ASP A 1564 22.82 1.76 -56.29
CA ILE A 1565 21.38 1.02 -52.85
CA SER A 1566 17.89 2.50 -52.46
CA ILE A 1567 16.25 2.38 -49.04
CA TYR A 1568 12.67 2.89 -47.91
CA ILE A 1569 10.91 3.43 -44.59
CA CYS A 1570 7.48 1.86 -44.07
CA LEU A 1571 4.83 2.44 -41.41
CA PRO A 1572 3.12 -0.34 -39.47
CA ASP A 1573 0.62 -0.36 -42.34
CA GLY A 1574 3.50 -1.15 -44.68
CA SER A 1575 3.66 2.16 -46.53
CA GLY A 1576 4.23 5.91 -46.23
CA GLY A 1577 1.86 8.88 -46.20
CA ASN A 1578 -0.06 9.02 -49.47
CA ASP A 1579 2.48 6.58 -50.92
CA CYS A 1580 3.54 2.94 -51.20
CA SER A 1581 6.70 3.65 -49.23
CA HIS A 1582 8.74 6.58 -47.91
CA LYS A 1583 11.94 6.83 -49.93
CA ALA A 1584 14.51 7.47 -47.20
CA GLY A 1585 17.35 8.08 -49.66
CA THR A 1586 20.01 6.42 -51.80
CA PHE A 1587 23.71 5.60 -51.55
CA TYR A 1588 26.19 3.88 -53.83
CA VAL A 1589 28.73 1.06 -53.66
CA LEU A 1590 31.39 0.79 -56.36
CA GLY A 1591 33.14 -2.37 -57.53
CA GLY A 1592 34.11 -4.53 -60.51
CA GLU A 1593 36.77 -6.91 -61.82
CA THR A 1594 40.34 -7.01 -60.51
CA GLU A 1595 38.98 -6.12 -57.07
CA MET A 1596 39.84 -7.55 -53.66
CA PRO A 1597 36.98 -8.53 -51.35
CA PHE A 1598 36.56 -6.23 -48.35
CA VAL A 1599 34.39 -5.78 -45.27
CA PHE A 1600 33.98 -2.57 -43.29
CA ASP A 1601 34.74 -2.68 -39.56
CA ARG A 1602 31.91 -0.28 -38.75
CA LEU A 1603 28.43 0.26 -40.17
CA TYR A 1604 27.53 3.00 -42.65
CA LYS A 1605 25.46 5.62 -40.84
CA PHE A 1606 22.70 7.19 -42.92
CA GLU A 1607 20.56 10.00 -41.52
CA ILE A 1608 16.84 9.25 -41.70
CA THR A 1609 15.73 11.98 -39.29
CA GLU A 1610 14.11 13.96 -42.11
CA ALA A 1611 12.23 10.92 -43.42
CA LEU A 1612 10.81 10.14 -39.99
CA HIS A 1613 10.04 13.81 -39.41
CA LYS A 1614 7.80 13.67 -42.49
CA LEU A 1615 6.22 10.41 -41.37
CA GLY A 1616 5.57 11.80 -37.88
CA VAL A 1617 7.74 9.33 -35.97
CA LYS A 1618 9.28 10.50 -32.71
CA LEU A 1619 12.67 9.45 -31.32
CA HIS A 1620 11.08 7.14 -28.76
CA GLY A 1621 8.83 5.67 -31.45
CA GLY A 1622 9.99 2.51 -33.21
CA LEU A 1623 6.83 1.54 -35.11
CA PHE A 1624 8.54 2.01 -38.48
CA ASP A 1625 10.60 -0.50 -40.45
CA LEU A 1626 13.44 -0.31 -42.97
CA GLU A 1627 13.66 -2.00 -46.36
CA LEU A 1628 16.52 -2.05 -48.85
CA ASP A 1629 16.75 -2.77 -52.58
CA ILE A 1630 19.99 -2.79 -54.57
CA VAL A 1631 20.06 -2.42 -58.35
CA ALA A 1632 23.26 -2.74 -60.40
CA TYR A 1633 24.19 -0.44 -63.29
CA ASN A 1634 23.83 -3.42 -65.61
CA GLY A 1635 20.12 -3.38 -64.77
CA SER A 1636 20.34 -6.62 -62.77
CA HIS A 1637 19.40 -6.95 -59.11
CA LEU A 1638 21.94 -8.48 -56.73
CA ASP A 1639 21.61 -11.95 -55.22
CA SER A 1640 20.45 -12.69 -51.68
CA HIS A 1641 23.80 -12.09 -49.97
CA ILE A 1642 23.04 -8.72 -48.40
CA PHE A 1643 23.27 -8.30 -44.63
CA ASP A 1644 20.00 -7.23 -43.02
CA PRO A 1645 20.24 -3.49 -42.36
CA THR A 1646 19.60 -2.16 -38.86
CA ILE A 1647 18.21 0.94 -37.15
CA ILE A 1648 19.95 3.11 -34.57
CA PHE A 1649 18.90 6.11 -32.47
CA GLU A 1650 20.92 9.05 -31.19
CA PRO A 1651 19.29 11.03 -28.40
CA GLY A 1652 20.56 14.56 -27.75
CA ILE A 1653 23.01 15.67 -25.06
CA ASP A 1654 21.77 16.36 -21.54
CA THR A 1655 23.88 17.09 -18.47
CA HIS A 1656 22.81 16.67 -14.85
CA VAL A 1657 24.38 17.15 -11.42
CA LEU A 1658 26.18 14.15 -9.93
CA ASP A 1659 24.28 13.24 -6.76
CA HIS A 1660 26.26 10.20 -5.60
CA ASP A 1661 26.50 10.04 -1.81
CA ASN A 1662 29.81 10.99 -0.19
CA THR A 1663 29.14 8.91 2.91
CA GLU A 1664 31.93 6.51 3.88
CA GLU A 1665 32.09 3.79 3.40
CA ILE A 1666 29.45 3.57 4.21
CA LEU A 1667 31.14 0.68 6.00
CA VAL A 1668 29.82 -2.86 5.51
CA ARG A 1669 30.51 -6.03 7.50
CA LYS A 1670 31.22 -9.07 5.33
CA ASN A 1671 31.22 -12.80 5.96
CA ILE A 1672 34.74 -14.19 6.33
CA ILE A 1673 33.93 -16.94 3.83
CA ASP A 1674 33.01 -14.31 1.24
CA LEU A 1675 36.08 -12.10 1.67
CA SER A 1676 37.69 -10.76 -1.50
CA PRO A 1677 41.43 -10.67 -2.16
CA ARG A 1678 41.44 -6.91 -1.66
CA GLU A 1679 39.47 -7.22 1.59
CA ARG A 1680 41.85 -9.89 2.85
CA VAL A 1681 44.90 -7.77 2.06
CA SER A 1682 43.53 -4.72 3.88
CA LEU A 1683 42.51 -6.86 6.85
CA VAL A 1684 45.97 -8.41 7.06
CA LYS A 1685 47.75 -5.06 6.75
CA ALA A 1686 45.44 -3.30 9.20
CA LEU A 1687 45.49 -5.99 11.86
CA LYS A 1688 49.23 -6.57 11.51
CA GLY A 1689 49.83 -2.85 12.07
CA MET A 1690 47.45 -2.81 15.02
CA GLN A 1691 49.24 -5.73 16.66
CA ASN A 1692 52.57 -3.91 16.37
CA ASP A 1693 50.92 -0.57 17.12
CA ARG A 1694 51.83 0.86 20.53
CA SER A 1695 49.44 3.81 20.29
CA ALA A 1696 46.30 4.53 22.31
CA ASP A 1697 44.36 2.21 20.00
CA GLY A 1698 47.08 -0.32 19.23
CA TYR A 1699 45.05 -3.51 19.54
CA GLN A 1700 46.41 -4.53 22.94
CA ALA A 1701 45.56 -1.00 24.06
CA ILE A 1702 41.85 -1.28 23.29
CA ALA A 1703 41.96 -4.83 24.62
CA SER A 1704 42.26 -3.19 28.04
CA PHE A 1705 38.59 -2.25 27.64
CA HIS A 1706 37.78 -5.92 28.16
CA ALA A 1707 39.40 -6.81 31.49
CA LEU A 1708 42.98 -6.50 32.71
CA PRO A 1709 43.95 -4.17 33.85
CA PRO A 1710 40.68 -3.51 35.69
CA LEU A 1711 40.04 0.24 35.62
CA CYS A 1712 36.38 0.44 34.55
CA PRO A 1713 34.57 0.12 37.89
CA ASN A 1714 35.88 3.52 39.02
CA PRO A 1715 38.96 5.67 38.42
CA SER A 1716 38.88 6.20 42.18
CA ALA A 1717 38.29 2.63 43.33
CA ALA A 1718 40.90 0.39 44.93
CA ASN A 1719 39.38 -3.06 44.54
CA ARG A 1720 38.29 -3.16 40.91
CA PHE A 1721 36.70 -5.80 38.68
CA ALA A 1722 36.81 -6.18 34.87
CA CYS A 1723 35.25 -3.83 32.29
CA CYS A 1724 33.22 -6.38 30.25
CA VAL A 1725 29.51 -6.63 31.02
CA HIS A 1726 27.93 -9.94 32.01
CA GLY A 1727 24.66 -10.98 33.65
CA MET A 1728 23.14 -7.64 32.69
CA ALA A 1729 20.61 -6.39 30.14
CA THR A 1730 23.38 -4.10 28.87
CA PHE A 1731 25.37 -7.16 27.78
CA PRO A 1732 24.64 -6.66 24.08
CA GLN A 1733 24.67 -2.88 24.41
CA TRP A 1734 28.21 -2.74 25.79
CA HIS A 1735 29.60 -5.31 23.36
CA ARG A 1736 28.03 -3.40 20.48
CA LEU A 1737 29.84 -0.16 21.32
CA TYR A 1738 32.90 -2.25 22.15
CA THR A 1739 32.75 -3.72 18.65
CA VAL A 1740 32.38 -0.23 17.17
CA GLN A 1741 35.65 0.75 18.85
CA PHE A 1742 37.57 -2.03 17.12
CA GLN A 1743 36.01 -1.22 13.75
CA ASP A 1744 36.99 2.43 14.15
CA ALA A 1745 40.57 1.29 14.73
CA LEU A 1746 40.43 -0.83 11.58
CA ARG A 1747 39.26 2.22 9.62
CA ARG A 1748 42.11 4.33 10.97
CA HIS A 1749 44.58 1.60 10.02
CA GLY A 1750 43.24 1.61 6.48
CA SER A 1751 40.96 -1.43 6.42
CA LEU A 1752 38.82 -1.68 3.29
CA VAL A 1753 35.71 -3.03 5.04
CA GLY A 1754 34.30 -3.33 8.55
CA ILE A 1755 34.65 -6.19 11.03
CA PRO A 1756 34.06 -9.54 9.35
CA TYR A 1757 31.70 -12.09 10.92
CA TRP A 1758 31.44 -15.88 10.99
CA ASP A 1759 27.98 -17.45 11.15
CA TRP A 1760 28.05 -19.96 14.01
CA THR A 1761 24.60 -21.43 13.36
CA LYS A 1762 25.49 -22.69 9.89
CA PRO A 1763 27.18 -26.08 9.57
CA VAL A 1764 30.92 -25.66 10.11
CA SER A 1765 33.55 -28.38 9.80
CA GLU A 1766 36.37 -26.09 10.91
CA LEU A 1767 37.54 -22.48 11.13
CA PRO A 1768 37.89 -20.51 7.89
CA LYS A 1769 41.23 -20.21 6.10
CA LEU A 1770 41.44 -16.69 7.53
CA LEU A 1771 41.75 -18.20 11.00
CA SER A 1772 43.16 -21.65 10.25
CA ALA A 1773 46.08 -20.67 8.03
CA GLU A 1774 49.41 -20.26 9.81
CA THR A 1775 50.86 -18.09 7.03
CA PHE A 1776 49.52 -15.71 4.38
CA HIS A 1777 50.16 -15.57 0.64
CA ASP A 1778 47.28 -15.33 -1.83
CA PRO A 1779 47.90 -14.62 -5.51
CA ILE A 1780 48.23 -11.08 -6.87
CA HIS A 1781 50.43 -10.02 -3.94
CA ASN A 1782 53.07 -12.74 -3.76
CA VAL A 1783 54.31 -12.77 -0.16
CA ASN A 1784 55.59 -15.27 2.40
CA VAL A 1785 54.49 -13.85 5.76
CA SER A 1786 52.77 -14.97 8.96
CA ASN A 1787 49.01 -14.71 9.37
CA PRO A 1788 48.03 -11.96 11.81
CA PHE A 1789 44.77 -13.81 12.48
CA PHE A 1790 46.53 -17.05 13.40
CA LYS A 1791 48.12 -15.82 16.61
CA ALA A 1792 48.68 -12.65 18.64
CA ASP A 1793 51.02 -11.52 21.43
CA ILE A 1794 49.84 -11.04 25.00
CA GLU A 1795 50.59 -7.70 26.63
CA PHE A 1796 51.55 -8.89 30.10
CA GLU A 1797 53.02 -12.26 29.16
CA GLY A 1798 55.31 -11.72 26.17
CA ASP A 1799 54.19 -14.97 24.57
CA GLY A 1800 51.34 -15.61 22.14
CA VAL A 1801 47.76 -16.84 22.63
CA HIS A 1802 46.87 -20.47 21.97
CA THR A 1803 43.93 -21.71 19.91
CA GLU A 1804 42.82 -25.18 20.97
CA ARG A 1805 40.31 -27.38 19.14
CA ASP A 1806 39.45 -29.25 22.34
CA ILE A 1807 35.67 -29.49 22.00
CA GLN A 1808 35.13 -32.09 19.28
CA PRO A 1809 31.35 -31.63 19.15
CA ASP A 1810 32.05 -28.19 17.70
CA PHE A 1811 34.51 -29.26 15.02
CA LEU A 1812 35.17 -32.06 12.59
CA PHE A 1813 33.20 -34.06 10.02
CA HIS A 1814 29.80 -32.73 11.09
CA SER A 1815 29.13 -30.99 14.40
CA GLY A 1816 26.57 -31.53 17.16
CA ASP A 1817 23.34 -31.87 15.19
CA HIS A 1818 20.95 -34.81 15.26
CA GLU A 1819 18.59 -33.68 12.50
CA GLY A 1820 21.31 -32.59 10.09
CA TYR A 1821 20.13 -28.98 9.82
CA HIS A 1822 19.42 -28.30 13.49
CA ASN A 1823 22.90 -27.47 14.81
CA TRP A 1824 23.03 -27.39 18.60
CA PHE A 1825 23.99 -23.73 18.46
CA PHE A 1826 21.37 -22.98 15.81
CA GLU A 1827 18.71 -24.39 18.13
CA THR A 1828 19.97 -22.31 21.06
CA VAL A 1829 19.95 -19.10 19.04
CA LEU A 1830 16.55 -19.78 17.48
CA LEU A 1831 15.07 -20.43 20.91
CA ALA A 1832 16.59 -17.18 22.17
CA LEU A 1833 15.05 -15.32 19.24
CA GLU A 1834 11.67 -16.57 20.45
CA GLN A 1835 11.16 -13.79 23.00
CA GLU A 1836 9.34 -10.46 23.04
CA ASP A 1837 10.91 -8.99 26.18
CA TYR A 1838 14.25 -7.26 25.66
CA CYS A 1839 15.69 -8.33 29.02
CA ASP A 1840 14.52 -11.93 28.84
CA PHE A 1841 16.01 -12.16 25.34
CA GLU A 1842 19.39 -10.93 26.57
CA ILE A 1843 19.19 -13.46 29.39
CA GLN A 1844 18.63 -16.39 27.03
CA PHE A 1845 21.00 -14.88 24.47
CA GLU A 1846 24.13 -14.11 26.47
CA ILE A 1847 24.42 -17.70 27.67
CA ALA A 1848 24.72 -18.76 24.03
CA HIS A 1849 27.66 -16.42 23.39
CA ASN A 1850 29.76 -18.28 25.95
CA GLY A 1851 29.57 -21.47 23.90
CA ILE A 1852 32.25 -20.41 21.41
CA HIS A 1853 34.58 -19.37 24.23
CA THR A 1854 34.70 -22.90 25.62
CA TRP A 1855 34.73 -24.42 22.13
CA ILE A 1856 37.79 -22.49 20.99
CA GLY A 1857 39.35 -21.88 24.41
CA GLY A 1858 39.31 -25.54 25.49
CA SER A 1859 41.76 -26.04 28.35
CA ALA A 1860 44.30 -23.49 27.13
CA LYS A 1861 45.90 -21.25 29.73
CA TYR A 1862 45.79 -18.45 27.16
CA GLY A 1863 42.48 -19.12 25.41
CA MET A 1864 38.93 -17.86 24.96
CA GLY A 1865 37.88 -19.46 28.24
CA HIS A 1866 39.99 -16.98 30.20
CA LEU A 1867 38.64 -13.65 31.45
CA HIS A 1868 41.73 -11.61 30.63
CA TYR A 1869 43.81 -13.39 28.01
CA ALA A 1870 40.85 -13.94 25.69
CA SER A 1871 40.90 -10.23 24.86
CA TYR A 1872 44.11 -10.72 22.89
CA ASP A 1873 42.69 -13.39 20.59
CA PRO A 1874 42.07 -12.14 17.06
CA ILE A 1875 38.98 -14.35 16.96
CA PHE A 1876 37.65 -12.64 20.08
CA TYR A 1877 36.69 -9.47 18.22
CA ILE A 1878 35.29 -11.42 15.27
CA ARG A 1879 32.97 -13.50 17.45
CA HIS A 1880 31.26 -10.37 18.76
CA SER A 1881 30.38 -9.23 15.24
CA GLN A 1882 28.18 -12.30 14.78
CA THR A 1883 26.70 -11.83 18.26
CA ASP A 1884 25.82 -8.26 17.29
CA ARG A 1885 24.39 -9.53 14.01
CA ILE A 1886 22.08 -11.89 15.91
CA TRP A 1887 21.01 -9.01 18.15
CA ALA A 1888 20.25 -6.91 15.07
CA ILE A 1889 18.21 -9.75 13.55
CA TRP A 1890 16.14 -9.98 16.74
CA GLN A 1891 15.58 -6.22 16.62
CA GLU A 1892 14.32 -6.62 13.06
CA LEU A 1893 12.08 -9.47 14.18
CA GLN A 1894 10.63 -7.06 16.75
CA LYS A 1895 9.99 -4.53 13.99
CA TYR A 1896 8.30 -7.30 12.02
CA ARG A 1897 6.03 -8.12 14.96
CA GLY A 1898 5.44 -4.40 15.53
CA LEU A 1899 7.23 -4.21 18.87
CA SER A 1900 9.38 -1.29 19.99
CA GLY A 1901 12.73 -2.93 19.27
CA SER A 1902 14.46 0.10 20.77
CA GLU A 1903 12.76 0.58 24.14
CA ALA A 1904 11.84 -1.54 27.16
CA ASN A 1905 10.20 -1.33 30.59
CA CYS A 1906 13.05 -3.41 32.06
CA ALA A 1907 16.54 -2.21 33.04
CA ILE A 1908 15.59 1.40 32.32
CA GLU A 1909 18.05 2.76 34.88
CA LEU A 1910 20.76 0.58 33.35
CA MET A 1911 19.93 2.21 30.01
CA ARG A 1912 20.65 5.56 31.66
CA THR A 1913 23.97 4.64 33.27
CA PRO A 1914 26.78 5.63 30.89
CA LEU A 1915 28.79 2.76 29.41
CA LYS A 1916 32.23 2.28 30.97
CA PRO A 1917 34.93 2.83 30.64
CA PHE A 1918 33.93 4.44 27.35
CA SER A 1919 32.26 7.31 29.21
CA PHE A 1920 35.54 8.19 30.95
CA GLY A 1921 36.96 9.74 27.78
CA ALA A 1922 40.54 11.02 27.72
CA PRO A 1923 42.99 10.01 28.56
CA TYR A 1924 41.34 6.60 28.83
CA ASN A 1925 39.58 6.91 25.47
CA LEU A 1926 40.39 9.27 22.59
CA ASN A 1927 37.56 7.99 20.40
CA SER A 1928 35.14 10.86 19.83
CA HIS A 1929 32.10 8.89 18.69
CA THR A 1930 32.09 6.49 21.63
CA GLN A 1931 32.12 9.49 23.95
CA GLU A 1932 29.15 11.05 22.16
CA PHE A 1933 27.25 7.75 22.18
CA SER A 1934 28.34 6.50 25.60
CA LYS A 1935 24.64 6.50 26.49
CA PRO A 1936 23.04 3.08 26.11
CA GLU A 1937 19.98 4.78 24.63
CA ASP A 1938 21.97 5.53 21.48
CA THR A 1939 23.14 1.95 21.01
CA PHE A 1940 19.79 0.87 19.57
CA ASP A 1941 20.68 2.11 16.09
CA TYR A 1942 23.69 1.11 14.02
CA LYS A 1943 23.14 4.17 11.85
CA LYS A 1944 24.47 6.25 14.75
CA PHE A 1945 27.74 4.35 14.38
CA GLY A 1946 27.76 4.16 10.60
CA TYR A 1947 27.95 0.42 9.99
CA ARG A 1948 25.75 -2.34 8.60
CA TYR A 1949 25.93 -6.00 7.59
CA ASP A 1950 26.02 -7.27 4.01
CA ASN A 1951 22.73 -8.98 4.84
CA LEU A 1952 20.66 -10.30 7.74
CA GLU A 1953 20.03 -14.03 7.31
CA LEU A 1954 19.65 -17.13 9.48
CA GLU A 1955 21.11 -19.96 7.43
CA GLY A 1956 19.71 -18.11 4.42
CA ARG A 1957 16.37 -17.48 6.11
CA SER A 1958 14.78 -14.05 5.69
CA VAL A 1959 13.07 -12.08 8.45
CA ALA A 1960 9.70 -13.61 7.57
CA HIS A 1961 11.27 -17.06 7.27
CA ILE A 1962 12.81 -16.82 10.74
CA ASP A 1963 9.62 -15.74 12.52
CA GLU A 1964 7.71 -18.42 10.62
CA LEU A 1965 10.13 -21.08 11.85
CA ILE A 1966 9.87 -19.74 15.39
CA LYS A 1967 6.10 -20.16 15.23
CA GLU A 1968 6.52 -23.65 13.77
CA ARG A 1969 8.63 -24.63 16.78
CA GLN A 1970 5.61 -23.80 18.94
CA GLU A 1971 3.46 -26.41 17.15
CA HIS A 1972 4.21 -29.51 19.25
CA ASP A 1973 3.93 -29.48 23.03
CA GLY A 1974 7.38 -28.59 24.35
CA THR A 1975 9.33 -29.28 27.54
CA PHE A 1976 12.08 -26.85 28.51
CA ALA A 1977 14.60 -27.40 31.29
CA GLY A 1978 15.31 -24.50 33.65
CA PHE A 1979 18.37 -23.76 35.78
CA LEU A 1980 19.38 -20.94 38.12
CA LEU A 1981 22.34 -19.11 36.59
CA LYS A 1982 24.13 -18.09 39.78
CA GLY A 1983 26.90 -16.52 37.70
CA PHE A 1984 29.38 -17.03 40.54
CA GLY A 1985 32.67 -18.93 40.61
CA THR A 1986 35.23 -19.39 37.84
CA SER A 1987 35.06 -20.25 34.14
CA ALA A 1988 33.39 -23.65 34.00
CA THR A 1989 31.17 -25.81 31.79
CA VAL A 1990 28.18 -27.73 33.16
CA THR A 1991 26.46 -30.72 31.58
CA LEU A 1992 22.90 -31.95 32.20
CA LYS A 1993 21.67 -35.52 31.97
CA ILE A 1994 18.05 -36.67 32.18
CA CYS A 1995 17.76 -39.83 34.27
CA ARG A 1996 14.90 -42.21 35.01
CA ASP A 1997 13.83 -43.20 38.52
CA ASP A 1998 16.21 -46.14 38.15
CA TYR A 1999 19.83 -45.30 37.33
CA THR A 2000 19.95 -44.87 33.55
CA CYS A 2001 20.29 -41.42 31.96
CA GLU A 2002 20.60 -39.68 28.60
CA ASN A 2003 22.69 -36.55 28.06
CA ALA A 2004 20.30 -33.67 27.38
CA GLY A 2005 22.73 -30.83 26.74
CA TYR A 2006 25.23 -28.43 28.31
CA PHE A 2007 26.16 -24.80 28.91
CA THR A 2008 29.10 -22.75 30.15
CA VAL A 2009 29.74 -19.64 32.25
CA LEU A 2010 32.81 -17.41 32.15
CA GLY A 2011 34.50 -15.98 35.24
CA GLY A 2012 38.09 -14.97 36.00
CA SER A 2013 39.95 -13.28 38.86
CA ALA A 2014 38.26 -9.93 38.26
CA GLU A 2015 34.72 -11.16 37.63
CA MET A 2016 32.18 -8.81 39.19
CA PRO A 2017 29.35 -10.45 41.12
CA TRP A 2018 26.24 -10.82 38.96
CA ALA A 2019 23.27 -13.13 38.37
CA PHE A 2020 20.59 -13.61 35.73
CA ASP A 2021 16.94 -12.70 36.29
CA ARG A 2022 15.47 -15.72 34.52
CA LEU A 2023 16.12 -19.47 34.42
CA TYR A 2024 18.36 -20.92 31.71
CA LYS A 2025 15.79 -22.12 29.19
CA TYR A 2026 16.87 -25.25 27.30
CA ASP A 2027 14.67 -27.41 25.08
CA ILE A 2028 14.80 -31.01 26.28
CA THR A 2029 11.83 -32.26 24.28
CA LYS A 2030 13.87 -34.39 21.88
CA THR A 2031 15.80 -36.02 24.71
CA LEU A 2032 12.65 -36.87 26.66
CA ASP A 2033 11.16 -38.33 23.48
CA HIS A 2034 14.08 -40.74 23.13
CA MET A 2035 13.83 -41.44 26.85
CA ASN A 2036 10.12 -42.15 26.35
CA LEU A 2037 9.30 -39.89 29.29
CA ARG A 2038 6.19 -37.78 29.80
CA HIS A 2039 5.99 -34.43 31.60
CA GLU A 2040 3.70 -36.19 34.08
CA ASP A 2041 6.26 -38.94 34.59
CA THR A 2042 8.88 -38.80 37.35
CA PHE A 2043 12.48 -38.21 36.27
CA TYR A 2044 15.59 -36.54 37.63
CA ILE A 2045 18.15 -34.02 36.40
CA ASN A 2046 21.79 -34.99 36.97
CA GLY A 2047 24.05 -31.96 36.57
CA THR A 2048 27.84 -31.77 36.78
CA VAL A 2049 30.01 -28.65 36.76
CA THR A 2050 33.53 -29.06 35.38
CA ALA A 2051 36.07 -26.23 35.31
CA TYR A 2052 37.94 -25.76 32.04
CA ASP A 2053 41.24 -25.44 33.90
CA GLY A 2054 41.18 -27.74 36.93
CA THR A 2055 38.42 -30.26 37.53
CA VAL A 2056 34.87 -30.83 38.78
CA LEU A 2057 33.73 -28.01 41.05
CA PRO A 2058 32.05 -28.36 44.44
CA GLY A 2059 28.35 -29.27 44.37
CA ASP A 2060 27.78 -26.31 46.68
CA LEU A 2061 27.98 -24.19 43.54
CA ILE A 2062 25.11 -26.12 41.95
CA PRO A 2063 21.55 -24.91 42.48
CA PRO A 2064 18.58 -27.27 42.15
CA ALA A 2065 17.38 -27.84 38.59
CA SER A 2066 13.80 -27.52 37.37
CA ILE A 2067 11.58 -28.06 34.32
CA ILE A 2068 8.81 -26.08 32.65
CA PHE A 2069 6.16 -27.67 30.43
CA VAL A 2070 4.86 -25.50 27.61
CA PRO A 2071 1.60 -26.24 25.79
CA GLY A 2072 2.17 -26.24 22.02
CA ARG A 2073 1.11 -23.26 19.93
CA HIS A 2074 -0.73 -23.81 16.65
CA ASN A 2075 -0.19 -20.65 14.60
CA LEU A 2076 0.32 -22.65 11.39
CA ASN A 2077 0.12 -22.11 8.66
CA SER A 2078 0.84 -19.14 6.38
CA ARG A 2079 0.62 -19.66 2.62
CA LYS A 2080 2.73 -19.44 0.80
CA HIS A 2081 0.64 -21.94 -1.16
CA THR A 2082 2.68 -24.41 -3.22
CA PRO A 2083 2.11 -27.65 -5.09
CA ASN A 2084 3.11 -29.55 -1.97
CA LYS A 2085 0.56 -29.35 -0.95
CA ILE A 2086 -2.30 -27.26 -2.34
CA ARG A 2087 -5.37 -28.67 -3.99
CA HIS A 2088 -7.46 -26.54 -6.25
CA GLU A 2089 -10.90 -26.71 -7.70
CA LEU A 2090 -10.91 -28.86 -10.78
CA THR A 2091 -12.78 -26.18 -12.67
CA SER A 2092 -10.18 -23.64 -11.58
CA LEU A 2093 -7.27 -25.56 -13.04
CA SER A 2094 -5.50 -24.05 -16.00
CA SER A 2095 -5.10 -25.95 -19.22
CA ARG A 2096 -1.50 -26.38 -18.21
CA ASP A 2097 -2.56 -27.69 -14.84
CA VAL A 2098 -4.74 -30.23 -16.55
CA ALA A 2099 -2.07 -31.09 -19.07
CA SER A 2100 0.25 -31.94 -16.20
CA LEU A 2101 -2.36 -34.20 -14.68
CA LYS A 2102 -2.91 -35.95 -18.02
CA ALA A 2103 0.83 -36.43 -18.49
CA ALA A 2104 1.43 -37.60 -14.92
CA LEU A 2105 -1.52 -39.99 -15.11
CA THR A 2106 -0.32 -41.47 -18.39
CA SER A 2107 3.12 -42.15 -16.96
CA LEU A 2108 1.73 -43.60 -13.75
CA GLN A 2109 -0.51 -45.91 -15.74
CA LYS A 2110 2.45 -46.83 -17.90
CA ASP A 2111 4.59 -47.39 -14.81
CA ASP A 2112 5.54 -51.09 -14.76
CA GLY A 2113 7.14 -50.93 -11.31
CA PRO A 2114 5.89 -51.40 -7.84
CA ASN A 2115 4.63 -47.88 -7.78
CA GLY A 2116 2.67 -48.42 -10.96
CA TYR A 2117 -0.93 -47.26 -11.17
CA GLN A 2118 -2.08 -50.89 -11.19
CA ALA A 2119 -0.18 -51.63 -8.02
CA ILE A 2120 -1.65 -48.52 -6.45
CA ALA A 2121 -5.20 -49.49 -7.36
CA ALA A 2122 -4.48 -52.99 -5.99
CA PHE A 2123 -4.01 -51.32 -2.61
CA HIS A 2124 -7.77 -50.74 -2.54
CA GLY A 2125 -9.41 -54.03 -3.41
CA LEU A 2126 -9.04 -56.38 -6.36
CA PRO A 2127 -6.88 -58.20 -6.70
CA ALA A 2128 -7.73 -59.01 -3.10
CA GLN A 2129 -4.75 -58.79 -0.79
CA CYS A 2130 -5.67 -58.83 2.89
CA HIS A 2131 -6.75 -61.98 4.67
CA ASP A 2132 -9.78 -61.86 6.93
CA THR A 2133 -9.69 -63.33 10.39
CA SER A 2134 -11.07 -66.42 8.76
CA GLY A 2135 -8.37 -66.26 6.20
CA HIS A 2136 -9.14 -65.67 2.59
CA GLN A 2137 -7.98 -62.45 1.03
CA ILE A 2138 -10.49 -59.65 0.69
CA ALA A 2139 -10.30 -55.99 -0.29
CA CYS A 2140 -8.18 -53.91 2.02
CA CYS A 2141 -10.19 -50.68 1.74
CA ILE A 2142 -11.13 -49.76 5.26
CA HIS A 2143 -14.71 -48.66 5.40
CA GLY A 2144 -17.58 -49.13 7.81
CA MET A 2145 -15.12 -47.99 10.46
CA ALA A 2146 -14.26 -44.75 12.27
CA THR A 2147 -10.91 -45.05 10.46
CA PHE A 2148 -12.61 -44.86 7.06
CA PRO A 2149 -11.58 -41.29 6.37
CA HIS A 2150 -8.10 -42.02 7.63
CA TRP A 2151 -7.43 -44.95 5.36
CA HIS A 2152 -8.84 -43.00 2.44
CA ARG A 2153 -6.99 -39.87 3.46
CA LEU A 2154 -3.61 -41.61 3.31
CA TYR A 2155 -4.66 -43.48 0.19
CA THR A 2156 -5.32 -40.32 -1.80
CA LEU A 2157 -2.25 -38.67 -0.33
CA GLN A 2158 -0.07 -41.54 -1.51
CA LEU A 2159 -1.48 -41.21 -4.98
CA GLU A 2160 -0.15 -37.68 -5.16
CA TRP A 2161 3.17 -38.83 -3.79
CA ALA A 2162 3.31 -41.23 -6.71
CA LEU A 2163 2.24 -38.62 -9.25
CA ALA A 2164 5.05 -36.40 -8.04
CA LYS A 2165 7.42 -39.16 -9.06
CA HIS A 2166 6.14 -38.66 -12.58
CA GLY A 2167 6.57 -34.93 -12.61
CA SER A 2168 3.10 -33.90 -11.59
CA SER A 2169 3.17 -30.15 -11.06
CA VAL A 2170 -0.22 -30.12 -9.41
CA ALA A 2171 -2.15 -31.96 -6.71
CA VAL A 2172 -5.34 -33.90 -7.24
CA PRO A 2173 -7.96 -31.33 -7.95
CA TYR A 2174 -11.29 -31.56 -6.23
CA TRP A 2175 -14.60 -31.75 -8.02
CA ASP A 2176 -17.13 -29.50 -6.32
CA TRP A 2177 -20.12 -31.75 -6.92
CA THR A 2178 -22.17 -30.06 -4.21
CA ARG A 2179 -23.10 -27.27 -6.59
CA PRO A 2180 -25.68 -28.28 -9.08
CA ILE A 2181 -24.42 -29.45 -12.40
CA THR A 2182 -25.84 -30.84 -15.56
CA GLU A 2183 -22.74 -32.28 -17.14
CA LEU A 2184 -19.55 -33.68 -15.70
CA PRO A 2185 -16.57 -31.32 -16.12
CA HIS A 2186 -14.79 -31.25 -19.49
CA ILE A 2187 -11.61 -31.04 -17.43
CA LEU A 2188 -11.99 -34.76 -16.76
CA THR A 2189 -10.68 -35.67 -20.22
CA ASP A 2190 -12.83 -37.69 -20.28
CA GLY A 2191 -12.22 -37.99 -24.02
CA GLU A 2192 -11.96 -35.58 -26.94
CA TYR A 2193 -8.20 -36.08 -27.25
CA TYR A 2194 -7.03 -36.56 -29.77
CA ASP A 2195 -3.41 -35.61 -30.53
CA PHE A 2196 -0.76 -35.19 -30.96
CA TRP A 2197 -1.77 -37.14 -34.06
CA GLN A 2198 1.16 -38.16 -36.27
CA ASP A 2199 -0.80 -40.02 -36.18
CA ALA A 2200 1.87 -41.10 -33.70
CA VAL A 2201 -0.56 -42.21 -32.96
CA MET A 2202 -1.02 -41.05 -29.36
CA PRO A 2203 -3.56 -42.97 -27.25
CA ASN A 2204 -6.51 -41.31 -25.52
CA PRO A 2205 -5.73 -40.15 -21.96
CA PHE A 2206 -8.00 -40.35 -18.90
CA SER A 2207 -10.89 -41.99 -20.76
CA ARG A 2208 -11.08 -45.04 -18.47
CA GLY A 2209 -9.24 -47.16 -15.96
CA HIS A 2210 -7.58 -50.23 -17.30
CA VAL A 2211 -7.61 -53.33 -15.19
CA LYS A 2212 -4.74 -55.63 -15.94
CA PHE A 2213 -5.75 -58.02 -13.24
CA GLU A 2214 -9.14 -58.66 -14.87
CA ASN A 2215 -7.79 -57.78 -18.31
CA THR A 2216 -10.57 -55.35 -19.07
CA PHE A 2217 -11.39 -51.66 -18.89
CA THR A 2218 -13.58 -49.82 -16.43
CA VAL A 2219 -16.94 -48.35 -17.26
CA ARG A 2220 -19.22 -45.64 -16.04
CA ASN A 2221 -22.72 -44.47 -16.82
CA VAL A 2222 -24.23 -41.58 -14.96
CA ARG A 2223 -27.96 -40.86 -15.13
CA LYS A 2224 -28.94 -39.51 -18.54
CA ALA A 2225 -30.62 -36.23 -17.53
CA LEU A 2226 -29.66 -33.75 -14.80
CA PHE A 2227 -27.22 -36.21 -13.24
CA LYS A 2228 -29.96 -36.76 -10.65
CA LEU A 2229 -29.68 -33.07 -9.73
CA SER A 2230 -30.91 -29.57 -10.61
CA PRO A 2231 -34.63 -30.33 -10.32
CA ILE A 2232 -34.92 -27.43 -7.87
CA GLY A 2233 -35.68 -25.25 -6.44
CA LYS A 2234 -31.94 -25.43 -5.89
CA HIS A 2235 -31.14 -25.28 -3.29
CA SER A 2236 -29.22 -28.15 -4.88
CA VAL A 2237 -30.03 -31.54 -3.36
CA LEU A 2238 -26.36 -32.53 -3.35
CA PHE A 2239 -25.46 -29.44 -1.34
CA ASP A 2240 -28.14 -30.22 1.26
CA GLN A 2241 -26.74 -33.67 2.06
CA ALA A 2242 -23.38 -32.14 2.88
CA LEU A 2243 -24.90 -29.39 4.98
CA LEU A 2244 -26.73 -32.07 6.92
CA ALA A 2245 -23.45 -33.84 7.61
CA LEU A 2246 -21.83 -30.61 8.75
CA GLU A 2247 -24.52 -30.19 11.37
CA GLN A 2248 -22.87 -32.93 13.43
CA THR A 2249 -20.46 -32.32 16.32
CA ASP A 2250 -19.36 -35.81 17.31
CA TYR A 2251 -16.57 -37.26 15.21
CA CYS A 2252 -18.31 -40.67 14.96
CA ASP A 2253 -21.66 -39.08 14.17
CA PHE A 2254 -20.18 -36.86 11.47
CA GLU A 2255 -18.20 -39.65 9.90
CA VAL A 2256 -21.32 -41.78 9.55
CA GLN A 2257 -23.41 -39.24 7.62
CA PHE A 2258 -20.18 -38.23 5.91
CA GLU A 2259 -19.13 -41.68 4.78
CA VAL A 2260 -22.53 -42.92 3.81
CA MET A 2261 -23.16 -39.90 1.66
CA HIS A 2262 -19.86 -40.07 -0.20
CA ASN A 2263 -20.38 -43.81 -0.69
CA THR A 2264 -23.74 -43.05 -2.26
CA ILE A 2265 -22.37 -40.45 -4.63
CA HIS A 2266 -20.18 -43.12 -6.15
CA TYR A 2267 -23.36 -44.77 -7.29
CA LEU A 2268 -24.41 -41.75 -9.30
CA ILE A 2269 -21.64 -42.21 -11.78
CA GLY A 2270 -21.01 -45.94 -11.40
CA GLY A 2271 -24.47 -47.03 -12.37
CA ARG A 2272 -25.09 -50.78 -12.03
CA GLN A 2273 -22.32 -51.86 -14.39
CA THR A 2274 -19.93 -54.59 -13.27
CA TYR A 2275 -16.70 -52.59 -12.72
CA ALA A 2276 -18.53 -49.34 -12.01
CA PHE A 2277 -17.56 -47.15 -9.12
CA SER A 2278 -20.57 -48.66 -7.50
CA SER A 2279 -18.35 -51.69 -7.16
CA LEU A 2280 -15.90 -51.79 -4.33
CA HIS A 2281 -13.94 -54.27 -6.36
CA TYR A 2282 -12.62 -52.23 -9.30
CA ALA A 2283 -13.54 -48.58 -8.69
CA SER A 2284 -9.98 -47.74 -7.66
CA TYR A 2285 -8.91 -48.23 -11.28
CA ASP A 2286 -10.73 -45.14 -12.49
CA PRO A 2287 -8.74 -42.06 -11.67
CA ILE A 2288 -11.96 -40.30 -10.76
CA PHE A 2289 -11.95 -42.59 -7.75
CA PHE A 2290 -9.41 -40.15 -6.32
CA ILE A 2291 -10.80 -37.03 -7.95
CA HIS A 2292 -13.98 -37.36 -5.95
CA HIS A 2293 -12.23 -38.43 -2.79
CA SER A 2294 -10.01 -35.41 -2.85
CA PHE A 2295 -13.18 -33.43 -2.36
CA VAL A 2296 -14.29 -35.86 0.30
CA ASP A 2297 -11.20 -34.93 2.26
CA LYS A 2298 -11.84 -31.27 1.58
CA ILE A 2299 -15.21 -31.52 3.29
CA TRP A 2300 -13.74 -33.46 6.16
CA ALA A 2301 -11.24 -30.69 6.77
CA ILE A 2302 -13.83 -27.98 6.51
CA TRP A 2303 -15.74 -29.75 9.24
CA GLU A 2304 -12.57 -30.02 11.30
CA GLU A 2305 -12.23 -26.27 10.97
CA LEU A 2306 -15.89 -25.72 11.79
CA GLN A 2307 -15.21 -27.64 14.95
CA SER A 2308 -12.39 -25.27 15.67
CA ARG A 2309 -14.84 -22.47 15.12
CA ARG A 2310 -17.18 -24.25 17.51
CA HIS A 2311 -14.29 -24.65 19.93
CA LEU A 2312 -14.93 -28.37 20.15
CA GLN A 2313 -12.23 -31.04 20.16
CA PHE A 2314 -11.15 -31.43 16.52
CA ASN A 2315 -7.52 -32.58 16.76
CA GLY A 2316 -8.41 -35.99 18.08
CA ALA A 2317 -11.50 -38.14 18.23
CA ASP A 2318 -13.51 -39.15 21.26
CA CYS A 2319 -14.88 -42.26 19.51
CA ALA A 2320 -12.94 -45.39 18.48
CA VAL A 2321 -10.11 -44.40 20.77
CA SER A 2322 -8.37 -47.75 20.32
CA LEU A 2323 -8.74 -47.66 16.53
CA MET A 2324 -7.10 -44.25 16.51
CA SER A 2325 -3.98 -45.85 18.00
CA LYS A 2326 -3.98 -49.05 15.91
CA ALA A 2327 -1.77 -49.42 12.86
CA MET A 2328 -3.47 -48.38 9.65
CA ARG A 2329 -2.72 -51.65 7.90
CA PRO A 2330 -2.15 -52.50 5.12
CA PHE A 2331 0.02 -49.35 5.08
CA ASN A 2332 2.34 -51.24 7.43
CA LYS A 2333 3.16 -53.82 4.75
CA ASP A 2334 6.73 -54.19 3.55
CA PHE A 2335 5.44 -53.60 0.04
CA ASN A 2336 4.86 -50.01 1.09
CA HIS A 2337 7.81 -48.06 -0.33
CA ASN A 2338 6.67 -44.66 0.88
CA PRO A 2339 8.11 -43.91 4.24
CA PHE A 2340 5.88 -40.88 4.62
CA THR A 2341 2.85 -43.03 5.25
CA LYS A 2342 5.00 -45.50 7.10
CA LYS A 2343 5.63 -42.65 9.52
CA HIS A 2344 2.01 -41.53 9.76
CA ALA A 2345 1.00 -45.01 10.90
CA VAL A 2346 -2.05 -44.32 13.00
CA PRO A 2347 -5.04 -42.08 12.83
CA ASN A 2348 -3.61 -40.14 15.71
CA THR A 2349 -0.80 -39.17 13.35
CA LEU A 2350 -3.29 -38.34 10.57
CA PHE A 2351 -5.52 -35.69 12.14
CA ASP A 2352 -3.47 -32.65 11.21
CA TYR A 2353 -3.81 -32.43 7.44
CA GLU A 2354 -1.65 -29.35 7.60
CA ASP A 2355 1.10 -31.30 9.32
CA LEU A 2356 0.83 -33.74 6.43
CA GLY A 2357 1.65 -30.88 4.10
CA TYR A 2358 -1.69 -30.65 2.40
CA ASN A 2359 -4.16 -27.81 2.15
CA TYR A 2360 -6.74 -26.39 -0.20
CA ASP A 2361 -6.83 -23.10 -1.99
CA ASN A 2362 -9.71 -22.40 0.34
CA LEU A 2363 -12.32 -23.73 2.77
CA GLU A 2364 -15.34 -22.34 0.98
CA ILE A 2365 -18.27 -24.51 0.00
CA SER A 2366 -19.52 -23.55 -3.41
CA GLY A 2367 -18.35 -20.06 -2.67
CA LEU A 2368 -19.73 -19.88 0.82
CA ASN A 2369 -17.35 -18.68 3.47
CA LEU A 2370 -16.98 -20.56 6.71
CA LYS A 2371 -18.96 -17.93 8.55
CA GLU A 2372 -21.57 -18.02 5.84
CA ILE A 2373 -22.00 -21.75 6.00
CA GLU A 2374 -21.91 -21.44 9.76
CA ALA A 2375 -25.04 -19.33 9.73
CA LEU A 2376 -26.42 -21.67 7.11
CA ILE A 2377 -26.00 -24.60 9.47
CA ALA A 2378 -27.69 -22.58 12.19
CA LYS A 2379 -30.58 -22.04 9.85
CA ARG A 2380 -31.27 -25.74 10.06
CA LYS A 2381 -31.98 -25.31 13.77
CA SER A 2382 -34.51 -22.59 13.12
CA HIS A 2383 -37.15 -25.20 13.85
CA ALA A 2384 -37.67 -28.80 14.78
CA ARG A 2385 -37.05 -31.16 11.94
CA VAL A 2386 -37.79 -34.76 11.19
CA PHE A 2387 -35.13 -37.32 10.52
CA ALA A 2388 -35.81 -40.83 9.47
CA GLY A 2389 -33.37 -43.15 11.06
CA PHE A 2390 -31.78 -46.23 9.60
CA LEU A 2391 -29.60 -49.13 10.67
CA LEU A 2392 -26.84 -49.46 8.12
CA PHE A 2393 -24.56 -52.47 7.90
CA GLY A 2394 -22.85 -54.75 5.37
CA ILE A 2395 -24.97 -56.23 2.59
CA GLY A 2396 -22.59 -58.16 0.34
CA THR A 2397 -23.62 -56.12 -2.67
CA SER A 2398 -24.59 -52.64 -3.74
CA ALA A 2399 -28.25 -51.69 -4.05
CA ASP A 2400 -30.36 -48.57 -4.44
CA ILE A 2401 -33.33 -48.16 -2.13
CA HIS A 2402 -36.30 -45.99 -3.07
CA LEU A 2403 -39.61 -45.50 -1.33
CA ASP A 2404 -42.81 -43.62 -1.56
CA ILE A 2405 -44.18 -42.47 1.78
CA CYS A 2406 -47.93 -43.02 2.24
CA LYS A 2407 -50.91 -41.64 4.15
CA THR A 2408 -52.36 -44.31 6.39
CA SER A 2409 -54.87 -44.56 3.57
CA ASP A 2410 -51.85 -45.62 1.54
CA GLY A 2411 -52.02 -42.64 -0.76
CA CYS A 2412 -48.30 -42.40 -1.48
CA HIS A 2413 -45.91 -39.63 -2.55
CA HIS A 2414 -42.38 -40.50 -3.62
CA ALA A 2415 -40.01 -39.43 -0.90
CA GLY A 2416 -36.51 -40.16 -2.12
CA VAL A 2417 -33.72 -42.61 -2.84
CA LEU A 2418 -30.78 -43.80 -0.83
CA PHE A 2419 -28.00 -46.10 -1.96
CA ILE A 2420 -25.96 -48.59 0.02
CA LEU A 2421 -22.52 -49.04 -1.50
CA GLY A 2422 -21.15 -52.51 -1.04
CA GLY A 2423 -19.85 -55.65 -2.62
CA SER A 2424 -18.69 -59.21 -2.10
CA ALA A 2425 -15.07 -59.06 -1.21
CA GLU A 2426 -15.66 -56.44 1.49
CA MET A 2427 -14.99 -56.85 5.17
CA HIS A 2428 -17.87 -57.42 7.54
CA TRP A 2429 -18.93 -54.16 9.04
CA ALA A 2430 -21.77 -52.15 10.54
CA TYR A 2431 -22.16 -48.59 11.75
CA ASN A 2432 -22.15 -47.59 15.41
CA ARG A 2433 -24.79 -44.98 14.80
CA LEU A 2434 -28.27 -44.24 13.67
CA TYR A 2435 -28.12 -43.08 10.06
CA LYS A 2436 -30.25 -39.99 9.88
CA TYR A 2437 -31.82 -38.45 6.83
CA ASP A 2438 -33.98 -35.32 6.76
CA ILE A 2439 -37.50 -36.09 5.59
CA THR A 2440 -38.91 -32.57 5.86
CA GLU A 2441 -38.97 -32.12 2.08
CA ALA A 2442 -40.53 -35.56 1.67
CA LEU A 2443 -43.03 -34.99 4.49
CA HIS A 2444 -43.58 -31.37 3.48
CA GLU A 2445 -46.57 -32.35 1.38
CA PHE A 2446 -47.39 -35.51 3.35
CA GLY A 2447 -47.32 -33.49 5.38
CA ILE A 2448 -45.73 -31.61 6.64
CA ASN A 2449 -46.82 -31.47 10.28
CA PRO A 2450 -45.28 -32.31 13.63
CA GLU A 2451 -47.34 -34.70 15.74
CA ASP A 2452 -49.38 -35.87 17.18
CA VAL A 2453 -47.77 -37.98 18.05
CA PHE A 2454 -46.95 -38.33 14.36
CA HIS A 2455 -50.19 -36.87 13.01
CA ALA A 2456 -52.33 -39.50 11.32
CA ASP A 2457 -49.90 -41.96 12.89
CA GLU A 2458 -46.14 -42.25 12.48
CA ALA A 2459 -46.56 -44.04 9.14
CA PHE A 2460 -47.01 -44.21 6.40
CA PHE A 2461 -44.54 -46.95 7.31
CA LEU A 2462 -44.50 -49.01 4.07
CA LYS A 2463 -41.18 -50.04 2.41
CA VAL A 2464 -39.98 -51.58 -0.90
CA SER A 2465 -38.06 -52.12 1.08
CA VAL A 2466 -35.30 -51.55 -1.49
CA VAL A 2467 -33.79 -52.72 -4.78
CA ALA A 2468 -30.19 -53.90 -5.08
CA VAL A 2469 -28.40 -53.64 -8.42
CA ASP A 2470 -29.84 -52.76 -11.83
CA GLY A 2471 -32.07 -55.85 -11.91
CA THR A 2472 -32.22 -57.22 -8.35
CA VAL A 2473 -34.19 -56.56 -5.15
CA LEU A 2474 -33.61 -57.47 -1.49
CA PRO A 2475 -36.10 -59.08 0.92
CA PRO A 2476 -37.70 -56.75 3.44
CA SER A 2477 -35.75 -58.84 5.90
CA LEU A 2478 -32.60 -57.28 4.53
CA LEU A 2479 -32.53 -54.23 6.70
CA HIS A 2480 -33.89 -53.71 10.18
CA GLU A 2481 -37.09 -51.71 10.46
CA PRO A 2482 -36.29 -48.04 10.37
CA THR A 2483 -37.27 -45.37 12.87
CA ILE A 2484 -38.28 -41.67 12.62
CA LEU A 2485 -36.43 -38.98 14.61
CA TYR A 2486 -38.03 -35.57 15.22
CA GLU A 2487 -36.34 -32.35 16.36
CA PRO A 2488 -37.25 -30.99 19.80
CA GLY A 2489 -39.11 -29.12 20.65
CA VAL A 2490 -41.50 -30.29 20.99
CA GLY A 2491 -44.48 -27.92 21.04
CA HIS A 2492 -44.12 -28.52 23.83
CA HIS A 2493 -45.50 -30.82 23.00
CA GLU A 2494 -46.87 -29.88 19.60
CA ASP A 2495 -48.90 -26.98 20.96
CA HIS A 2496 -51.97 -25.82 19.05
CA GLU A 2497 -54.55 -26.04 17.98
CA SER A 2498 -55.80 -26.54 15.52
CA GLY A 2499 -56.29 -24.18 13.97
CA SER A 2500 -58.69 -23.44 15.08
CA LEU A 2501 -56.43 -21.91 15.97
CA ALA A 2502 -55.68 -20.13 19.24
CA GLY A 2503 -53.97 -17.97 19.15
CA SER A 2504 -56.01 -15.24 20.81
CA GLY A 2505 -56.27 -14.62 23.48
CA VAL A 2506 -53.69 -13.77 23.11
CA ARG A 2507 -50.56 -13.55 20.96
CA LYS A 2508 -47.64 -15.45 22.46
CA ASP A 2509 -43.86 -15.28 22.90
CA VAL A 2510 -41.82 -14.86 19.73
CA ASN A 2511 -39.46 -17.62 20.85
CA THR A 2512 -42.30 -20.13 20.97
CA LEU A 2513 -44.06 -19.34 17.70
CA THR A 2514 -44.97 -22.14 15.31
CA THR A 2515 -44.33 -22.24 11.56
CA ALA A 2516 -48.01 -21.67 10.78
CA GLU A 2517 -48.16 -18.69 13.13
CA THR A 2518 -44.98 -17.23 11.61
CA GLU A 2519 -46.44 -17.57 8.11
CA ASN A 2520 -49.66 -15.83 9.11
CA LEU A 2521 -47.64 -13.08 10.80
CA ARG A 2522 -45.49 -12.60 7.70
CA LYS A 2523 -48.48 -12.47 5.35
CA ALA A 2524 -50.35 -10.14 7.70
CA LEU A 2525 -47.46 -7.71 8.07
CA ARG A 2526 -46.65 -7.82 4.36
CA GLY A 2527 -50.35 -7.30 3.68
CA VAL A 2528 -50.65 -4.20 5.85
CA LYS A 2529 -47.32 -2.89 4.59
CA GLU A 2530 -48.40 -3.18 0.95
CA ASP A 2531 -51.86 -1.86 1.78
CA HIS A 2532 -51.92 1.87 1.09
CA GLY A 2533 -55.38 2.31 2.60
CA TYR A 2534 -56.50 4.10 5.74
CA ASN A 2535 -55.32 1.20 7.89
CA GLY A 2536 -51.93 0.87 6.21
CA PHE A 2537 -48.69 0.23 8.11
CA GLN A 2538 -47.50 3.77 7.41
CA ALA A 2539 -50.88 5.18 8.41
CA ILE A 2540 -50.60 3.61 11.86
CA ALA A 2541 -46.89 4.33 12.26
CA ALA A 2542 -47.55 8.03 11.65
CA PHE A 2543 -49.31 8.11 15.02
CA HIS A 2544 -45.99 7.60 16.79
CA GLY A 2545 -43.34 9.01 14.46
CA LYS A 2546 -43.53 11.40 11.51
CA PRO A 2547 -45.30 13.18 10.32
CA ALA A 2548 -46.64 15.13 13.27
CA MET A 2549 -50.22 13.95 13.77
CA CYS A 2550 -51.13 16.66 16.26
CA PRO A 2551 -51.93 20.30 15.58
CA MET A 2552 -50.89 22.67 18.36
CA ALA A 2553 -53.08 25.64 19.18
CA ASP A 2554 -49.84 27.60 19.09
CA GLY A 2555 -49.91 26.75 15.39
CA HIS A 2556 -47.19 24.10 15.68
CA ASN A 2557 -47.55 20.47 14.62
CA LEU A 2558 -46.24 17.91 17.10
CA SER A 2559 -46.21 14.12 17.32
CA CYS A 2560 -49.21 12.64 19.10
CA CYS A 2561 -46.93 10.07 20.73
CA THR A 2562 -47.33 10.50 24.47
CA HIS A 2563 -43.77 10.46 25.80
CA GLY A 2564 -42.36 11.14 29.27
CA MET A 2565 -45.91 11.68 30.53
CA ALA A 2566 -48.24 10.03 33.04
CA THR A 2567 -50.30 8.49 30.24
CA PHE A 2568 -47.32 7.03 28.39
CA PRO A 2569 -48.39 3.50 29.30
CA HIS A 2570 -51.93 4.15 28.11
CA TRP A 2571 -51.11 5.68 24.73
CA HIS A 2572 -48.85 2.80 23.73
CA ARG A 2573 -51.46 0.28 24.87
CA LEU A 2574 -53.99 1.75 22.45
CA TYR A 2575 -51.35 1.95 19.72
CA THR A 2576 -50.52 -1.73 20.18
CA LYS A 2577 -54.19 -2.67 19.89
CA GLN A 2578 -54.48 -0.55 16.74
CA MET A 2579 -51.68 -2.46 15.03
CA GLU A 2580 -53.11 -5.74 16.35
CA GLY A 2581 -56.52 -5.15 14.80
CA ALA A 2582 -55.08 -4.16 11.43
CA LEU A 2583 -52.86 -7.25 11.22
CA LYS A 2584 -55.57 -9.61 12.47
CA ALA A 2585 -57.81 -8.33 9.68
CA HIS A 2586 -55.34 -9.88 7.25
CA GLY A 2587 -56.13 -13.35 8.52
CA SER A 2588 -53.90 -13.84 11.55
CA HIS A 2589 -56.13 -14.97 14.40
CA VAL A 2590 -53.14 -14.83 16.73
CA GLY A 2591 -52.52 -11.37 18.15
CA LEU A 2592 -49.22 -9.50 18.43
CA PRO A 2593 -46.32 -11.61 19.70
CA TYR A 2594 -43.93 -10.22 22.31
CA TRP A 2595 -40.14 -10.28 22.67
CA ASP A 2596 -38.86 -11.34 26.08
CA TRP A 2597 -36.02 -8.82 26.15
CA THR A 2598 -35.82 -9.15 29.94
CA ALA A 2599 -34.42 -12.64 29.54
CA ALA A 2600 -30.74 -13.02 28.62
CA PHE A 2601 -30.17 -13.07 24.86
CA SER A 2602 -27.26 -13.12 22.42
CA HIS A 2603 -29.17 -11.83 19.40
CA LEU A 2604 -32.45 -10.37 18.15
CA PRO A 2605 -35.49 -12.62 17.69
CA THR A 2606 -35.42 -14.82 14.59
CA LEU A 2607 -38.79 -13.26 13.76
CA VAL A 2608 -37.01 -9.99 13.02
CA THR A 2609 -33.52 -11.33 12.33
CA ASP A 2610 -34.34 -13.61 9.41
CA ASN A 2611 -33.48 -11.91 6.12
CA ASP A 2612 -35.12 -14.61 4.00
CA ASN A 2613 -38.38 -13.25 2.57
CA ASN A 2614 -39.22 -11.62 5.90
CA PRO A 2615 -41.25 -8.43 6.21
CA PHE A 2616 -40.15 -8.22 9.84
CA HIS A 2617 -36.52 -7.86 8.82
CA ASP A 2618 -36.86 -4.14 8.17
CA GLY A 2619 -39.33 -1.36 7.36
CA THR A 2620 -39.74 1.52 4.90
CA ILE A 2621 -40.09 5.24 5.61
CA GLU A 2622 -42.01 6.39 2.54
CA TYR A 2623 -42.41 9.80 4.15
CA LEU A 2624 -38.82 10.61 3.20
CA ASN A 2625 -38.40 7.94 0.53
CA VAL A 2626 -35.96 6.04 2.73
CA THR A 2627 -35.75 2.74 4.61
CA THR A 2628 -35.15 1.90 8.27
CA THR A 2629 -31.76 1.05 9.76
CA ARG A 2630 -30.36 -1.01 12.64
CA SER A 2631 -27.23 -0.70 14.78
CA PRO A 2632 -27.11 -3.28 17.56
CA ARG A 2633 -24.75 -2.30 20.38
CA ASP A 2634 -22.72 -4.66 22.56
CA LEU A 2635 -24.73 -3.24 25.47
CA LEU A 2636 -27.52 -5.55 24.32
CA PHE A 2637 -25.37 -8.37 25.69
CA ASN A 2638 -25.26 -9.31 29.37
CA ASP A 2639 -22.05 -10.67 30.88
CA PRO A 2640 -20.88 -8.86 34.02
CA GLU A 2641 -17.28 -9.45 35.09
CA HIS A 2642 -18.62 -10.40 38.51
CA GLY A 2643 -22.18 -11.19 39.61
CA SER A 2644 -25.18 -12.43 37.63
CA GLU A 2645 -28.57 -11.50 36.19
CA SER A 2646 -29.37 -9.27 33.21
CA PHE A 2647 -29.43 -5.48 33.07
CA PHE A 2648 -33.14 -5.44 32.26
CA TYR A 2649 -33.91 -8.09 34.85
CA ARG A 2650 -32.50 -5.80 37.56
CA GLN A 2651 -34.20 -2.68 36.19
CA VAL A 2652 -37.63 -4.24 35.82
CA LEU A 2653 -37.37 -6.22 39.04
CA PHE A 2654 -36.78 -2.99 40.95
CA ALA A 2655 -39.69 -1.32 39.15
CA LEU A 2656 -41.88 -4.19 40.37
CA GLU A 2657 -41.03 -3.15 43.92
CA GLN A 2658 -43.03 0.04 43.39
CA THR A 2659 -46.50 0.33 44.91
CA ASP A 2660 -47.81 3.48 43.22
CA PHE A 2661 -48.76 3.94 39.57
CA CYS A 2662 -46.82 7.20 39.10
CA LYS A 2663 -43.79 5.89 40.99
CA LEU A 2664 -43.88 2.90 38.67
CA GLU A 2665 -44.27 5.02 35.54
CA VAL A 2666 -41.09 6.98 36.25
CA GLN A 2667 -39.00 3.83 36.64
CA PHE A 2668 -41.12 2.11 34.01
CA GLU A 2669 -40.68 4.22 30.88
CA ILE A 2670 -37.01 5.00 31.45
CA THR A 2671 -36.09 1.31 31.44
CA HIS A 2672 -37.69 0.89 28.04
CA ASN A 2673 -35.57 3.62 26.45
CA ALA A 2674 -32.41 1.50 26.60
CA ILE A 2675 -33.68 -1.09 24.13
CA HIS A 2676 -34.51 1.56 21.52
CA SER A 2677 -31.17 3.33 22.05
CA TRP A 2678 -29.07 0.16 21.97
CA THR A 2679 -30.78 -1.28 18.90
CA GLY A 2680 -30.94 2.02 17.02
CA GLY A 2681 -27.39 3.14 17.79
CA HIS A 2682 -26.19 6.33 16.09
CA SER A 2683 -28.10 5.83 12.85
CA PRO A 2684 -30.46 8.57 11.69
CA TYR A 2685 -33.28 6.16 10.85
CA GLY A 2686 -32.83 3.68 13.69
CA MET A 2687 -34.76 2.83 16.85
CA SER A 2688 -33.06 5.65 18.74
CA THR A 2689 -34.89 8.22 16.62
CA LEU A 2690 -38.49 8.37 17.83
CA ASP A 2691 -39.52 10.03 14.57
CA PHE A 2692 -38.75 6.86 12.64
CA THR A 2693 -38.67 4.20 15.35
CA ALA A 2694 -42.24 3.07 14.77
CA TYR A 2695 -41.54 2.10 11.16
CA ASP A 2696 -39.51 -0.87 12.42
CA PRO A 2697 -41.68 -3.91 13.08
CA LEU A 2698 -39.59 -4.60 16.17
CA PHE A 2699 -41.04 -1.47 17.76
CA TRP A 2700 -44.39 -2.94 18.79
CA LEU A 2701 -42.82 -6.34 19.39
CA HIS A 2702 -40.77 -4.65 22.12
CA HIS A 2703 -43.70 -2.64 23.48
CA SER A 2704 -45.82 -5.79 23.32
CA ASN A 2705 -43.70 -7.28 26.15
CA THR A 2706 -43.58 -3.86 27.80
CA ASP A 2707 -47.34 -3.94 28.38
CA ARG A 2708 -47.04 -7.53 29.59
CA ILE A 2709 -44.67 -6.32 32.30
CA TRP A 2710 -47.16 -3.61 33.27
CA ALA A 2711 -49.88 -6.25 33.56
CA ILE A 2712 -47.61 -8.32 35.80
CA TRP A 2713 -47.18 -5.36 38.14
CA GLN A 2714 -50.94 -4.85 38.31
CA ALA A 2715 -51.38 -8.53 39.15
CA LEU A 2716 -48.72 -8.17 41.85
CA GLN A 2717 -50.64 -5.23 43.28
CA LYS A 2718 -53.82 -7.33 43.33
CA TYR A 2719 -51.93 -10.03 45.21
CA ARG A 2720 -50.68 -7.34 47.59
CA GLY A 2721 -54.25 -6.20 48.14
CA LEU A 2722 -53.39 -2.74 46.80
CA PRO A 2723 -55.05 -0.59 44.14
CA TYR A 2724 -54.26 -1.83 40.64
CA ASN A 2725 -57.09 -0.26 38.66
CA HIS A 2726 -57.09 3.24 40.15
CA ALA A 2727 -54.65 5.92 41.26
CA ASN A 2728 -54.69 9.06 43.42
CA CYS A 2729 -51.87 10.59 41.38
CA GLU A 2730 -52.64 12.50 38.18
CA ILE A 2731 -56.35 11.74 38.37
CA GLN A 2732 -57.63 14.40 35.97
CA ALA A 2733 -54.84 13.54 33.53
CA MET A 2734 -56.45 10.12 33.14
CA LYS A 2735 -59.76 11.71 32.15
CA THR A 2736 -58.35 13.54 29.13
CA PRO A 2737 -58.71 12.42 25.53
CA LEU A 2738 -55.75 10.45 24.15
CA ARG A 2739 -54.73 11.71 20.72
CA PRO A 2740 -54.84 10.72 18.13
CA PHE A 2741 -57.27 8.07 19.33
CA SER A 2742 -59.90 10.60 20.41
CA ASP A 2743 -59.60 12.44 17.09
CA ASN A 2744 -62.05 12.05 14.21
CA ILE A 2745 -59.17 10.81 12.06
CA ASN A 2746 -59.29 7.58 14.05
CA HIS A 2747 -60.72 4.85 11.80
CA ASN A 2748 -60.90 2.20 14.53
CA PRO A 2749 -64.02 2.38 16.70
CA VAL A 2750 -62.37 0.15 19.30
CA THR A 2751 -59.68 2.65 20.31
CA LYS A 2752 -62.09 5.51 19.68
CA ALA A 2753 -64.53 4.18 22.28
CA ASN A 2754 -61.74 3.89 24.84
CA SER A 2755 -60.17 7.34 24.41
CA ARG A 2756 -59.91 7.99 28.15
CA PRO A 2757 -57.02 6.51 30.14
CA VAL A 2758 -59.62 5.70 32.78
CA ASP A 2759 -60.96 3.04 30.41
CA VAL A 2760 -57.53 2.12 29.06
CA PHE A 2761 -56.54 0.90 32.52
CA GLU A 2762 -58.44 -2.30 31.90
CA TYR A 2763 -56.70 -4.46 29.34
CA ASN A 2764 -59.78 -6.68 29.19
CA ARG A 2765 -61.64 -3.93 27.38
CA LEU A 2766 -59.34 -4.41 24.42
CA ARG A 2767 -60.01 -8.17 24.36
CA TYR A 2768 -56.40 -9.35 24.58
CA GLN A 2769 -55.13 -11.89 27.10
CA TYR A 2770 -51.50 -12.47 28.03
CA ASP A 2771 -50.47 -16.12 27.85
CA ASN A 2772 -48.81 -15.88 31.26
CA LEU A 2773 -47.54 -13.55 33.98
CA VAL A 2774 -44.45 -15.62 34.77
CA PHE A 2775 -41.31 -13.56 35.33
CA HIS A 2776 -38.13 -15.60 34.88
CA GLY A 2777 -39.61 -18.82 36.24
CA HIS A 2778 -41.72 -17.35 39.04
CA THR A 2779 -45.46 -16.71 39.28
CA ILE A 2780 -47.33 -13.73 40.73
CA PRO A 2781 -47.76 -15.16 44.23
CA GLU A 2782 -44.13 -16.27 44.09
CA LEU A 2783 -42.69 -12.98 42.85
CA ASP A 2784 -43.96 -10.69 45.61
CA HIS A 2785 -42.39 -12.96 48.22
CA MET A 2786 -38.97 -12.29 46.71
CA LEU A 2787 -39.68 -8.58 46.26
CA GLU A 2788 -40.31 -8.35 49.99
CA GLU A 2789 -37.01 -10.05 50.80
CA ARG A 2790 -35.23 -7.55 48.56
CA LYS A 2791 -36.47 -4.82 50.90
CA LYS A 2792 -34.95 -6.53 53.94
CA HIS A 2793 -31.59 -4.90 53.19
CA ASP A 2794 -30.41 -1.29 53.32
CA ARG A 2795 -30.11 -0.24 49.67
CA ILE A 2796 -28.68 2.99 48.28
CA PHE A 2797 -29.99 4.69 45.13
CA ALA A 2798 -28.81 7.59 43.00
CA ALA A 2799 -31.54 10.14 42.26
CA PHE A 2800 -31.86 11.71 38.81
CA LEU A 2801 -34.23 14.36 37.47
CA LEU A 2802 -35.39 13.65 33.92
CA SER A 2803 -37.02 16.19 31.61
CA GLY A 2804 -37.50 17.03 27.94
CA ILE A 2805 -34.11 17.45 26.27
CA LYS A 2806 -35.67 17.93 22.84
CA LYS A 2807 -33.12 15.41 21.57
CA SER A 2808 -32.30 11.71 21.93
CA ALA A 2809 -29.27 11.29 24.18
CA ASP A 2810 -27.62 8.73 26.44
CA VAL A 2811 -26.89 9.71 30.04
CA VAL A 2812 -23.91 8.00 31.68
CA PHE A 2813 -22.66 8.76 35.17
CA GLU A 2814 -19.60 7.95 37.33
CA ILE A 2815 -18.22 8.24 40.91
CA CYS A 2816 -15.17 10.48 41.65
CA GLU A 2817 -12.75 9.64 44.49
CA PRO A 2818 -10.34 11.86 46.46
CA ASN A 2819 -7.50 10.38 44.39
CA HIS A 2820 -9.24 11.90 41.37
CA GLU A 2821 -9.88 8.41 40.02
CA CYS A 2822 -13.44 7.76 38.84
CA VAL A 2823 -15.47 4.64 38.03
CA PHE A 2824 -18.61 4.38 35.91
CA ALA A 2825 -21.72 3.48 37.89
CA GLY A 2826 -24.22 3.01 35.07
CA THR A 2827 -26.26 4.73 32.36
CA PHE A 2828 -29.78 5.41 31.11
CA ALA A 2829 -31.29 6.70 27.88
CA ILE A 2830 -33.44 9.77 27.31
CA LEU A 2831 -35.29 9.65 24.00
CA GLY A 2832 -36.60 12.73 22.19
CA GLY A 2833 -36.26 15.02 19.17
CA GLU A 2834 -38.08 17.62 17.07
CA LEU A 2835 -41.87 17.71 16.82
CA GLU A 2836 -41.92 16.77 20.50
CA MET A 2837 -44.09 17.94 23.38
CA PRO A 2838 -42.35 19.12 26.55
CA TRP A 2839 -42.37 16.60 29.40
CA SER A 2840 -40.94 15.87 32.84
CA PHE A 2841 -41.24 13.14 35.47
CA ASP A 2842 -42.91 13.95 38.79
CA ARG A 2843 -40.59 11.68 40.76
CA LEU A 2844 -36.82 11.23 40.89
CA PHE A 2845 -35.33 8.31 38.96
CA ARG A 2846 -33.78 5.79 41.34
CA TYR A 2847 -30.75 3.81 40.16
CA ASP A 2848 -29.27 1.05 42.31
CA ILE A 2849 -25.73 1.96 43.37
CA THR A 2850 -25.54 -0.34 46.39
CA LYS A 2851 -23.01 -2.83 45.04
CA VAL A 2852 -21.13 0.02 43.38
CA MET A 2853 -20.57 1.62 46.79
CA GLN A 2854 -19.46 -1.74 48.17
CA GLN A 2855 -16.84 -2.11 45.43
CA GLN A 2856 -15.69 1.44 46.14
CA HIS A 2857 -15.64 0.63 49.86
CA LEU A 2858 -17.70 3.74 50.56
CA ARG A 2859 -20.53 4.15 53.07
CA HIS A 2860 -23.60 6.39 53.01
CA ASP A 2861 -21.64 9.01 54.95
CA SER A 2862 -18.78 8.96 52.45
CA ASP A 2863 -18.11 11.86 50.09
CA PHE A 2864 -19.47 10.96 46.65
CA SER A 2865 -18.64 13.01 43.56
CA PHE A 2866 -21.13 12.26 40.79
CA LYS A 2867 -20.00 13.22 37.30
CA VAL A 2868 -22.51 13.03 34.46
CA LYS A 2869 -21.72 12.82 30.75
CA VAL A 2870 -24.55 13.21 28.25
CA VAL A 2871 -24.01 12.13 24.65
CA GLY A 2872 -26.57 12.74 21.91
CA THR A 2873 -27.57 10.20 19.25
CA ASP A 2874 -25.29 12.18 16.93
CA ASP A 2875 -22.44 11.06 19.19
CA ILE A 2876 -21.53 14.44 20.66
CA GLU A 2877 -21.23 15.52 24.30
CA LEU A 2878 -24.02 17.93 25.25
CA PRO A 2879 -23.80 21.01 27.44
CA PRO A 2880 -23.46 20.40 31.19
CA GLY A 2881 -26.50 22.58 31.85
CA ILE A 2882 -28.82 20.20 30.00
CA LEU A 2883 -29.61 18.16 33.11
CA LYS A 2884 -29.60 18.92 36.83
CA GLU A 2885 -26.97 17.64 39.24
CA PRO A 2886 -27.87 14.19 40.57
CA THR A 2887 -28.07 13.34 44.26
CA ILE A 2888 -27.75 10.27 46.50
CA GLU A 2889 -30.31 8.72 48.85
CA PHE A 2890 -30.60 5.61 51.03
CA GLU A 2891 -33.35 3.79 52.95
CA PRO A 2892 -32.75 2.53 56.50
CA ALA A 2893 -36.15 0.91 57.20
CA LEU A 2894 -37.00 -2.78 56.78
CA GLY A 2895 -39.18 -5.33 58.57
CA ASP A 2896 -42.69 -6.79 58.78
CA GLY A 2897 -45.85 -4.80 58.00
CA LEU A 2898 -48.01 -3.22 57.20
CA LYS A 2899 -51.02 -4.90 55.59
CA HIS A 2900 -54.62 -3.79 56.06
CA GLU A 2901 -53.64 -1.48 58.89
CA ASP A 2902 -54.90 0.55 60.45
CA GLU A 2903 -57.51 0.33 61.59
CA GLY A 2904 -61.07 -0.53 60.61
CA HIS A 2905 -64.16 -2.70 60.56
CA ASP A 2906 -66.48 -2.55 57.55
CA ASP A 2907 -67.98 -1.31 55.54
CA ARG A 2908 -66.61 -2.89 53.56
CA LEU A 2909 -66.57 0.27 51.44
CA SER A 2910 -67.09 1.64 48.98
CA HIS A 2911 -68.26 -1.76 47.74
CA VAL A 2912 -70.13 -3.83 50.29
CA LEU A 2913 -70.47 -7.61 50.40
CA ILE A 2914 -69.43 -8.12 46.77
CA ARG A 2915 -72.25 -10.30 45.82
CA LYS A 2916 -72.75 -12.70 48.69
CA GLU A 2917 -74.10 -16.20 48.42
CA VAL A 2918 -77.73 -16.39 49.52
CA ASP A 2919 -76.77 -18.98 52.14
CA LEU A 2920 -74.07 -16.65 53.44
CA LEU A 2921 -76.37 -13.65 53.77
CA SER A 2922 -76.05 -11.69 57.01
CA LEU A 2923 -79.13 -11.37 59.19
CA LYS A 2924 -78.70 -7.62 58.85
CA GLU A 2925 -78.16 -8.09 55.11
CA ALA A 2926 -81.44 -9.98 54.70
CA ASN A 2927 -83.25 -7.06 56.32
CA ALA A 2928 -81.55 -4.64 53.92
CA ILE A 2929 -82.55 -6.89 51.01
CA LYS A 2930 -86.19 -6.99 52.11
CA ASP A 2931 -86.39 -3.20 52.39
CA ALA A 2932 -84.74 -2.60 49.02
CA LEU A 2933 -86.93 -5.18 47.30
CA TYR A 2934 -90.07 -3.62 48.75
CA LYS A 2935 -88.93 -0.27 47.36
CA LEU A 2936 -88.13 -1.76 43.95
CA GLN A 2937 -91.28 -3.87 43.73
CA ASN A 2938 -93.38 -0.85 44.71
CA ASP A 2939 -91.43 1.36 42.31
CA HIS A 2940 -93.81 2.57 39.60
CA SER A 2941 -91.32 4.66 37.65
CA LYS A 2942 -90.03 3.82 34.18
CA GLY A 2943 -87.20 1.89 35.82
CA GLY A 2944 -89.49 0.20 38.34
CA PHE A 2945 -89.62 -3.54 38.99
CA GLU A 2946 -92.71 -4.14 36.86
CA GLU A 2947 -91.47 -1.80 34.13
CA ILE A 2948 -88.08 -3.51 33.91
CA ALA A 2949 -89.87 -6.85 33.80
CA GLY A 2950 -91.70 -5.37 30.82
CA TYR A 2951 -88.29 -5.28 29.15
CA HIS A 2952 -88.37 -9.08 29.20
CA GLY A 2953 -91.70 -9.92 27.58
CA TYR A 2954 -95.18 -8.78 28.60
CA PRO A 2955 -96.30 -6.31 28.01
CA ASN A 2956 -94.43 -6.18 24.70
CA LYS A 2957 -92.00 -3.27 24.34
CA CYS A 2958 -90.28 -4.22 21.08
CA PRO A 2959 -91.89 -3.24 17.75
CA GLU A 2960 -91.06 -4.56 14.27
CA LYS A 2961 -90.90 -2.53 11.07
CA GLY A 2962 -94.33 -4.01 10.52
CA ASP A 2963 -94.80 -2.29 13.86
CA ASP A 2964 -95.66 -5.48 15.72
CA LYS A 2965 -94.50 -5.56 19.35
CA TYR A 2966 -92.79 -8.71 20.62
CA PRO A 2967 -91.13 -10.06 23.78
CA CYS A 2968 -87.65 -8.54 24.00
CA CYS A 2969 -86.07 -11.56 25.68
CA VAL A 2970 -83.34 -12.91 23.43
CA HIS A 2971 -82.96 -16.63 22.69
CA GLY A 2972 -80.36 -18.70 20.85
CA MET A 2973 -78.49 -15.47 20.16
CA PRO A 2974 -74.72 -14.93 19.97
CA ILE A 2975 -75.24 -12.17 22.54
CA PHE A 2976 -77.52 -14.22 24.77
CA PRO A 2977 -75.13 -13.91 27.70
CA HIS A 2978 -74.85 -10.16 27.20
CA TRP A 2979 -78.53 -9.18 27.03
CA ARG A 2980 -79.27 -11.30 30.09
CA ARG A 2981 -76.51 -9.58 32.04
CA LEU A 2982 -77.87 -6.13 31.21
CA HIS A 2983 -81.42 -7.12 32.14
CA THR A 2984 -80.22 -8.43 35.51
CA ILE A 2985 -78.11 -5.40 36.43
CA GLN A 2986 -80.94 -3.15 35.28
CA MET A 2987 -82.69 -3.93 38.57
CA GLU A 2988 -79.43 -4.05 40.54
CA ARG A 2989 -78.63 -0.45 39.64
CA ALA A 2990 -82.14 0.50 40.69
CA LEU A 2991 -81.52 -1.25 44.01
CA LYS A 2992 -78.46 0.97 44.39
CA ASN A 2993 -80.82 3.91 43.84
CA HIS A 2994 -82.97 2.38 46.59
CA GLY A 2995 -79.93 2.51 48.85
CA SER A 2996 -79.13 -1.21 48.90
CA GLN A 2997 -75.84 -1.99 50.63
CA ILE A 2998 -75.21 -5.22 48.76
CA GLY A 2999 -75.75 -6.53 45.22
CA ILE A 3000 -77.98 -9.34 43.95
CA PRO A 3001 -77.18 -12.50 45.90
CA TYR A 3002 -76.45 -15.73 44.03
CA TRP A 3003 -77.71 -19.27 44.66
CA ASN A 3004 -75.39 -22.24 44.18
CA TRP A 3005 -78.16 -24.71 43.39
CA THR A 3006 -75.43 -27.05 42.16
CA LYS A 3007 -74.82 -27.82 45.83
CA ARG A 3008 -76.93 -30.83 46.79
CA MET A 3009 -80.07 -29.98 48.76
CA SER A 3010 -83.08 -31.94 49.98
CA SER A 3011 -85.45 -29.03 49.33
CA ILE A 3012 -85.72 -25.33 48.50
CA PRO A 3013 -83.60 -23.04 50.65
CA ALA A 3014 -85.45 -21.50 53.59
CA PHE A 3015 -84.61 -18.11 52.07
CA PHE A 3016 -86.74 -18.95 49.04
CA GLY A 3017 -89.00 -21.42 50.84
CA ASP A 3018 -90.26 -18.71 53.19
CA ASP A 3019 -93.96 -18.27 52.41
CA SER A 3020 -94.47 -15.60 55.06
CA ASN A 3021 -96.41 -12.49 54.03
CA ASN A 3022 -93.45 -10.31 55.01
CA ASN A 3023 -91.22 -11.52 52.18
CA PRO A 3024 -90.61 -9.82 48.83
CA PHE A 3025 -89.54 -13.21 47.47
CA TYR A 3026 -92.68 -15.05 48.60
CA LYS A 3027 -95.25 -13.38 46.34
CA TYR A 3028 -95.46 -10.79 43.58
CA HIS A 3029 -98.59 -9.18 42.14
CA ILE A 3030 -98.27 -8.51 38.41
CA ARG A 3031 -100.15 -5.25 37.85
CA ALA A 3032 -100.19 -5.83 34.10
CA VAL A 3033 -102.49 -8.84 34.48
CA ASN A 3034 -103.75 -8.29 38.03
CA GLN A 3035 -102.47 -11.70 39.11
CA TYR A 3036 -99.85 -13.09 41.48
CA THR A 3037 -96.69 -14.95 40.49
CA THR A 3038 -96.19 -18.57 41.56
CA ARG A 3039 -93.61 -21.36 41.71
CA ASP A 3040 -93.37 -25.07 42.45
CA VAL A 3041 -90.94 -27.08 44.56
CA ASP A 3042 -90.87 -29.86 41.99
CA VAL A 3043 -89.24 -33.22 42.68
CA GLU A 3044 -87.25 -32.74 39.49
CA LEU A 3045 -85.99 -29.41 40.80
CA PHE A 3046 -84.44 -31.27 43.74
CA ASN A 3047 -83.59 -34.83 42.73
CA GLN A 3048 -84.88 -36.91 45.64
CA THR A 3049 -82.40 -39.72 46.24
CA LYS A 3050 -79.87 -41.14 48.70
CA PHE A 3051 -76.47 -40.90 47.03
CA GLY A 3052 -74.64 -41.02 43.70
CA GLU A 3053 -71.58 -39.92 41.74
CA TYR A 3054 -73.04 -36.93 39.90
CA ASP A 3055 -76.49 -35.35 39.88
CA TYR A 3056 -78.19 -33.97 36.76
CA LEU A 3057 -77.30 -30.34 37.40
CA TYR A 3058 -74.03 -31.29 39.10
CA TYR A 3059 -72.61 -33.08 36.06
CA SER A 3060 -74.18 -30.56 33.68
CA THR A 3061 -72.47 -27.70 35.51
CA LEU A 3062 -69.13 -29.48 35.20
CA GLN A 3063 -69.65 -29.98 31.47
CA VAL A 3064 -70.46 -26.31 30.86
CA LEU A 3065 -67.31 -25.30 32.74
CA GLU A 3066 -65.42 -27.97 30.81
CA GLU A 3067 -66.45 -26.41 27.50
CA ASN A 3068 -63.52 -24.83 25.69
CA SER A 3069 -65.06 -22.91 22.79
CA PHE A 3070 -67.21 -19.81 23.22
CA CYS A 3071 -69.92 -21.15 20.90
CA GLY A 3072 -69.92 -24.56 22.57
CA PHE A 3073 -70.06 -22.86 25.97
CA GLU A 3074 -72.89 -20.59 24.86
CA VAL A 3075 -75.12 -23.40 23.63
CA GLN A 3076 -74.46 -25.88 26.45
CA TYR A 3077 -74.87 -22.99 28.88
CA GLU A 3078 -78.23 -21.92 27.48
CA ILE A 3079 -79.68 -25.42 27.76
CA LEU A 3080 -78.43 -25.72 31.34
CA HIS A 3081 -80.42 -22.96 33.03
CA SER A 3082 -83.48 -23.68 30.90
CA ALA A 3083 -83.91 -26.83 32.97
CA VAL A 3084 -84.03 -24.80 36.19
CA HIS A 3085 -86.57 -22.42 34.67
CA ALA A 3086 -89.02 -25.25 33.98
CA TRP A 3087 -88.37 -27.12 37.21
CA LEU A 3088 -88.59 -24.04 39.42
CA GLY A 3089 -91.55 -22.29 37.80
CA GLY A 3090 -93.27 -25.57 36.94
CA ALA A 3091 -96.27 -25.02 34.67
CA GLY A 3092 -97.83 -22.11 36.53
CA LYS A 3093 -99.13 -19.47 34.12
CA TYR A 3094 -97.35 -16.72 36.05
CA SER A 3095 -93.85 -18.03 36.71
CA MET A 3096 -90.26 -18.18 35.43
CA SER A 3097 -91.35 -20.92 33.03
CA THR A 3098 -93.59 -18.51 31.14
CA LEU A 3099 -91.79 -16.27 28.65
CA GLU A 3100 -94.22 -13.40 29.18
CA TYR A 3101 -94.08 -13.26 32.96
CA SER A 3102 -90.67 -14.72 33.77
CA ALA A 3103 -89.13 -11.43 34.88
CA TYR A 3104 -91.89 -10.68 37.39
CA ASP A 3105 -90.46 -13.32 39.71
CA PRO A 3106 -88.23 -11.73 42.34
CA VAL A 3107 -86.08 -14.86 42.19
CA PHE A 3108 -85.47 -14.21 38.50
CA MET A 3109 -82.70 -11.83 39.56
CA ILE A 3110 -81.08 -14.44 41.81
CA HIS A 3111 -81.15 -17.21 39.21
CA HIS A 3112 -79.41 -15.19 36.50
CA SER A 3113 -76.97 -13.70 38.98
CA SER A 3114 -75.68 -17.19 39.78
CA LEU A 3115 -75.44 -17.85 36.04
CA ASP A 3116 -73.30 -14.73 35.66
CA ARG A 3117 -71.03 -16.08 38.40
CA ILE A 3118 -70.69 -19.34 36.45
CA TRP A 3119 -69.88 -17.41 33.28
CA ILE A 3120 -67.18 -15.45 35.10
CA LEU A 3121 -65.70 -18.67 36.47
CA TRP A 3122 -65.60 -20.06 32.94
CA GLN A 3123 -63.66 -16.96 31.89
CA GLN A 3124 -61.15 -17.53 34.69
CA LEU A 3125 -60.75 -21.19 33.76
CA GLN A 3126 -60.26 -20.33 30.09
CA LYS A 3127 -57.60 -17.81 31.08
CA ARG A 3128 -55.72 -20.57 32.87
CA ARG A 3129 -56.41 -22.74 29.82
CA MET A 3130 -54.65 -20.04 27.79
CA LYS A 3131 -57.59 -20.23 25.40
CA LEU A 3132 -59.37 -17.21 23.99
CA TYR A 3133 -62.61 -16.46 25.84
CA TYR A 3134 -63.46 -12.87 24.81
CA ALA A 3135 -66.23 -13.82 22.36
CA ALA A 3136 -67.05 -15.35 18.99
CA ASP A 3137 -66.44 -13.41 15.78
CA CYS A 3138 -69.96 -14.15 14.55
CA ALA A 3139 -72.69 -11.56 14.07
CA GLY A 3140 -70.33 -8.59 14.43
CA ASP A 3141 -73.18 -6.29 13.43
CA LEU A 3142 -75.10 -7.67 16.40
CA MET A 3143 -72.08 -7.18 18.65
CA LYS A 3144 -72.24 -3.51 17.69
CA PHE A 3145 -76.04 -3.41 17.52
CA PRO A 3146 -77.35 -1.13 20.26
CA MET A 3147 -79.10 -3.24 22.89
CA HIS A 3148 -82.83 -2.68 22.52
CA PRO A 3149 -84.48 -1.61 24.48
CA PHE A 3150 -81.66 -0.40 26.71
CA SER A 3151 -80.22 1.91 24.06
CA TYR A 3152 -83.06 2.72 21.68
CA LYS A 3153 -85.40 3.82 24.48
CA SER A 3154 -84.19 7.34 25.24
CA GLU A 3155 -86.69 7.36 28.11
CA ASN A 3156 -84.53 4.73 29.82
CA GLU A 3157 -83.93 6.09 33.31
CA ASP A 3158 -80.68 4.10 33.47
CA GLU A 3159 -78.21 6.44 31.81
CA PHE A 3160 -75.24 4.23 32.67
CA THR A 3161 -76.55 1.30 30.64
CA ARG A 3162 -78.22 3.57 28.08
CA VAL A 3163 -74.69 4.63 27.16
CA ASN A 3164 -73.00 1.29 27.79
CA SER A 3165 -75.49 -0.66 25.69
CA VAL A 3166 -73.22 -2.57 23.30
CA PRO A 3167 -72.52 -6.30 23.51
CA ASN A 3168 -68.86 -5.56 22.84
CA ILE A 3169 -68.87 -3.53 26.06
CA VAL A 3170 -71.11 -5.78 28.13
CA PHE A 3171 -68.43 -8.45 28.41
CA ASP A 3172 -66.58 -6.37 31.00
CA HIS A 3173 -68.48 -6.43 34.30
CA TYR A 3174 -65.59 -4.78 36.13
CA LYS A 3175 -66.26 -1.47 34.40
CA PHE A 3176 -69.85 -2.01 35.56
CA ASN A 3177 -68.45 -2.24 39.10
CA TYR A 3178 -69.95 -5.70 39.71
CA ASP A 3179 -68.17 -8.56 41.50
CA TYR A 3180 -68.78 -11.69 43.57
CA ASP A 3181 -67.62 -12.87 46.98
CA ASN A 3182 -65.90 -15.89 45.45
CA MET A 3183 -65.85 -18.16 42.40
CA ARG A 3184 -65.82 -21.38 44.43
CA ILE A 3185 -67.96 -24.34 43.38
CA ARG A 3186 -69.09 -26.94 45.91
CA GLY A 3187 -66.42 -25.63 48.28
CA HIS A 3188 -63.74 -25.99 45.61
CA ASP A 3189 -61.42 -23.18 44.50
CA ILE A 3190 -60.61 -22.21 40.92
CA ASN A 3191 -57.31 -24.10 41.03
CA GLU A 3192 -59.02 -27.15 42.53
CA LEU A 3193 -61.79 -27.01 39.94
CA GLU A 3194 -59.11 -26.99 37.24
CA ALA A 3195 -57.73 -30.27 38.59
CA ILE A 3196 -61.23 -31.73 38.91
CA ILE A 3197 -62.18 -30.89 35.32
CA ASN A 3198 -58.89 -32.37 34.15
CA GLU A 3199 -59.67 -35.61 35.97
CA LEU A 3200 -63.09 -35.70 34.30
CA ARG A 3201 -61.23 -36.04 31.00
CA ASN A 3202 -59.43 -39.18 32.15
CA LYS A 3203 -62.02 -41.60 30.81
CA ASP A 3204 -63.49 -41.98 27.33
CA ARG A 3205 -67.08 -40.78 27.03
CA ILE A 3206 -69.96 -41.01 24.56
CA PHE A 3207 -72.86 -38.56 24.22
CA ALA A 3208 -75.83 -37.79 21.99
CA GLY A 3209 -75.93 -34.40 20.26
CA PHE A 3210 -79.15 -32.41 19.85
CA VAL A 3211 -80.30 -29.10 18.35
CA LEU A 3212 -83.33 -26.93 19.10
CA SER A 3213 -85.37 -24.93 16.61
CA GLY A 3214 -87.80 -22.23 17.68
CA ILE A 3215 -91.01 -23.86 18.85
CA ARG A 3216 -92.81 -20.86 20.31
CA ILE A 3217 -93.40 -22.64 23.62
CA THR A 3218 -91.75 -23.91 26.78
CA ALA A 3219 -91.60 -27.68 26.41
CA THR A 3220 -90.12 -30.75 28.10
CA VAL A 3221 -88.16 -33.30 26.09
CA LYS A 3222 -87.59 -36.89 27.21
CA VAL A 3223 -84.90 -39.02 25.54
CA PHE A 3224 -85.09 -42.81 25.25
CA ILE A 3225 -82.51 -45.23 23.86
CA HIS A 3226 -83.23 -48.78 22.69
CA GLY A 3227 -81.02 -51.62 21.49
CA THR A 3228 -81.68 -54.74 19.42
CA GLY A 3229 -85.25 -55.96 19.94
CA ALA A 3230 -86.18 -52.65 21.55
CA THR A 3231 -84.12 -53.50 24.63
CA ASP A 3232 -85.64 -51.59 27.55
CA HIS A 3233 -82.92 -52.47 30.06
CA GLU A 3234 -81.91 -48.82 29.77
CA GLU A 3235 -85.01 -47.31 28.16
CA PHE A 3236 -84.90 -43.83 29.69
CA ALA A 3237 -81.63 -42.17 28.74
CA GLY A 3238 -82.17 -38.59 29.92
CA LYS A 3239 -84.17 -35.39 29.43
CA PHE A 3240 -83.92 -31.63 28.99
CA ALA A 3241 -86.18 -28.56 29.01
CA ILE A 3242 -86.70 -26.16 26.10
CA LEU A 3243 -87.40 -22.63 27.32
CA GLY A 3244 -89.57 -20.47 25.08
CA GLY A 3245 -93.04 -18.96 24.61
CA GLU A 3246 -95.60 -17.62 22.15
CA LYS A 3247 -94.54 -14.93 19.68
CA GLU A 3248 -90.88 -15.73 20.27
CA MET A 3249 -88.32 -14.90 17.57
CA PRO A 3250 -87.03 -17.70 15.35
CA TRP A 3251 -83.89 -19.35 16.75
CA ALA A 3252 -81.74 -22.46 16.34
CA TYR A 3253 -78.65 -24.05 17.86
CA GLU A 3254 -75.45 -24.72 15.92
CA ARG A 3255 -73.44 -26.80 18.39
CA LEU A 3256 -74.57 -30.20 19.66
CA LEU A 3257 -76.16 -30.54 23.09
CA LYS A 3258 -73.83 -32.95 24.86
CA LEU A 3259 -76.17 -35.46 26.51
CA ASP A 3260 -74.06 -38.08 28.28
CA ILE A 3261 -75.29 -41.55 27.36
CA THR A 3262 -72.20 -43.49 28.43
CA ASP A 3263 -73.99 -45.31 31.26
CA ALA A 3264 -76.81 -46.43 28.99
CA VAL A 3265 -74.43 -47.55 26.24
CA HIS A 3266 -72.29 -49.52 28.69
CA HIS A 3267 -75.18 -51.19 30.49
CA LEU A 3268 -76.76 -52.10 27.16
CA HIS A 3269 -73.38 -53.13 25.75
CA LEU A 3270 -74.14 -51.32 22.51
CA LYS A 3271 -71.87 -51.43 19.46
CA ASP A 3272 -70.85 -48.55 17.21
CA GLU A 3273 -73.73 -49.49 14.91
CA GLU A 3274 -76.95 -47.49 14.65
CA ILE A 3275 -78.98 -47.48 17.86
CA ARG A 3276 -82.60 -46.51 18.43
CA PHE A 3277 -83.40 -42.97 19.57
CA ARG A 3278 -86.99 -42.48 20.72
CA MET A 3279 -88.12 -38.92 21.37
CA GLU A 3280 -91.06 -37.94 23.57
CA VAL A 3281 -91.89 -34.25 23.82
CA THR A 3282 -94.61 -32.73 26.00
CA ALA A 3283 -95.92 -29.16 25.95
CA TYR A 3284 -96.04 -26.46 28.62
CA ASN A 3285 -99.30 -27.96 29.85
CA GLY A 3286 -97.98 -31.51 29.49
CA VAL A 3287 -99.68 -31.88 26.11
CA PRO A 3288 -97.84 -34.23 23.74
CA VAL A 3289 -96.62 -32.38 20.65
CA SER A 3290 -95.46 -33.29 17.15
CA THR A 3291 -92.20 -35.11 16.45
CA LYS A 3292 -90.60 -32.41 14.31
CA LEU A 3293 -87.57 -32.61 16.61
CA ALA A 3294 -85.11 -34.88 14.81
CA ASP A 3295 -83.14 -37.71 16.41
CA PRO A 3296 -79.75 -36.85 17.91
CA LEU A 3297 -76.35 -37.61 16.40
CA ILE A 3298 -73.97 -39.83 18.38
CA ALA A 3299 -70.90 -38.10 19.81
CA HIS A 3300 -67.68 -39.74 21.02
CA ARG A 3301 -65.17 -37.93 23.24
CA PRO A 3302 -61.72 -39.51 23.34
CA ALA A 3303 -59.53 -39.00 26.42
CA ASP B 1 -104.86 -32.92 87.71
CA ASN B 2 -102.77 -30.81 85.34
CA VAL B 3 -101.53 -27.69 87.13
CA VAL B 4 -101.16 -24.80 84.70
CA ARG B 5 -98.12 -22.61 85.32
CA LYS B 6 -98.38 -18.88 84.66
CA ASP B 7 -96.10 -15.89 85.27
CA VAL B 8 -96.60 -13.89 88.45
CA SER B 9 -97.76 -10.94 86.35
CA HIS B 10 -100.54 -13.14 84.96
CA LEU B 11 -102.10 -13.58 88.39
CA THR B 12 -105.38 -11.84 89.22
CA VAL B 13 -106.26 -10.12 92.48
CA ASP B 14 -108.19 -13.10 93.85
CA GLU B 15 -105.54 -15.54 92.63
CA VAL B 16 -102.85 -13.57 94.44
CA GLN B 17 -104.99 -13.59 97.58
CA ALA B 18 -105.29 -17.36 97.30
CA LEU B 19 -101.54 -17.56 96.79
CA HIS B 20 -101.02 -15.55 99.98
CA GLY B 21 -103.32 -17.88 101.91
CA ALA B 22 -101.47 -20.97 100.68
CA LEU B 23 -98.00 -19.68 101.53
CA HIS B 24 -99.32 -18.33 104.83
CA ASP B 25 -100.36 -21.86 105.80
CA VAL B 26 -97.14 -23.42 104.52
CA THR B 27 -95.11 -21.01 106.65
CA ALA B 28 -97.47 -21.51 109.59
CA SER B 29 -97.16 -25.26 109.05
CA THR B 30 -94.88 -27.27 111.33
CA GLY B 31 -95.24 -30.55 109.46
CA PRO B 32 -93.15 -32.19 106.75
CA LEU B 33 -94.69 -29.80 104.24
CA SER B 34 -93.54 -26.76 106.19
CA PHE B 35 -91.54 -24.07 104.37
CA GLU B 36 -88.68 -24.65 106.79
CA ASP B 37 -88.47 -28.42 106.27
CA ILE B 38 -88.59 -27.88 102.51
CA THR B 39 -85.84 -25.26 102.58
CA SER B 40 -83.62 -27.57 104.63
CA TYR B 41 -83.39 -29.75 101.53
CA HIS B 42 -81.17 -27.11 99.93
CA ALA B 43 -78.82 -25.27 102.28
CA ALA B 44 -78.69 -25.10 106.07
CA PRO B 45 -78.54 -27.03 108.05
CA ALA B 46 -76.06 -28.99 105.96
CA SER B 47 -77.12 -32.64 106.14
CA CYS B 48 -75.17 -33.73 103.05
CA ASP B 49 -71.78 -35.42 103.49
CA TYR B 50 -69.10 -37.23 101.49
CA LYS B 51 -66.03 -39.07 102.78
CA GLY B 52 -66.43 -37.67 106.29
CA ARG B 53 -67.09 -34.22 104.85
CA LYS B 54 -70.37 -32.47 105.67
CA ILE B 55 -71.50 -30.53 102.60
CA ALA B 56 -74.58 -28.68 101.34
CA CYS B 57 -77.25 -30.94 99.87
CA CYS B 58 -78.16 -28.42 97.17
CA VAL B 59 -77.02 -29.42 93.67
CA HIS B 60 -75.02 -26.79 91.79
CA GLY B 61 -72.39 -27.06 89.05
CA MET B 62 -73.56 -30.60 88.33
CA PRO B 63 -74.99 -32.09 85.14
CA SER B 64 -78.01 -33.06 87.22
CA PHE B 65 -78.62 -29.43 88.18
CA PRO B 66 -81.57 -29.02 85.81
CA PHE B 67 -83.44 -31.99 87.25
CA TRP B 68 -82.81 -31.75 90.99
CA HIS B 69 -84.18 -28.21 91.19
CA ARG B 70 -87.08 -29.01 88.88
CA ALA B 71 -88.24 -31.59 91.41
CA TYR B 72 -87.41 -29.11 94.18
CA VAL B 73 -89.98 -26.73 92.69
CA VAL B 74 -92.58 -29.51 92.64
CA GLN B 75 -91.99 -30.05 96.36
CA ALA B 76 -92.87 -26.45 97.20
CA GLU B 77 -95.79 -26.41 94.76
CA ARG B 78 -97.37 -29.57 96.18
CA ALA B 79 -96.95 -28.23 99.71
CA LEU B 80 -98.85 -25.12 98.66
CA LEU B 81 -101.50 -27.14 96.83
CA SER B 82 -102.17 -29.28 99.91
CA GLN B 83 -103.21 -26.05 101.62
CA ARG B 84 -106.07 -25.56 99.18
CA LYS B 85 -104.17 -23.50 96.62
CA THR B 86 -106.41 -23.08 93.58
CA VAL B 87 -103.60 -22.10 91.21
CA GLY B 88 -100.12 -23.37 90.36
CA MET B 89 -96.60 -22.20 91.15
CA PRO B 90 -95.99 -18.95 89.27
CA TYR B 91 -92.64 -17.71 87.96
CA TRP B 92 -90.73 -14.46 87.47
CA ASP B 93 -89.80 -14.07 83.81
CA TRP B 94 -86.56 -12.19 84.46
CA THR B 95 -85.43 -12.80 80.88
CA GLU B 96 -87.60 -9.98 79.53
CA THR B 97 -87.26 -6.22 79.91
CA LEU B 98 -88.27 -5.24 83.44
CA THR B 99 -87.77 -2.26 85.75
CA GLN B 100 -88.67 -3.76 89.13
CA LEU B 101 -89.56 -7.06 90.78
CA PRO B 102 -93.07 -8.50 90.50
CA ALA B 103 -95.67 -6.80 92.69
CA LEU B 104 -96.15 -10.14 94.43
CA VAL B 105 -92.67 -9.70 95.89
CA THR B 106 -92.32 -5.94 96.31
CA GLU B 107 -95.48 -5.69 98.41
CA PRO B 108 -94.16 -4.76 101.86
CA ILE B 109 -95.15 -6.73 104.95
CA PHE B 110 -98.03 -5.03 106.75
CA ILE B 111 -101.68 -5.62 107.65
CA ASP B 112 -104.34 -3.07 106.72
CA SER B 113 -105.37 -1.10 109.80
CA LEU B 114 -108.78 -0.57 108.20
CA GLY B 115 -109.06 -4.04 106.67
CA GLY B 116 -108.59 -5.16 103.07
CA LYS B 117 -106.23 -7.05 100.75
CA THR B 118 -103.14 -5.45 102.27
CA GLN B 119 -101.62 -8.10 104.52
CA PRO B 120 -98.35 -9.55 105.81
CA ASN B 121 -96.47 -10.78 102.76
CA TYR B 122 -93.88 -13.52 103.23
CA TRP B 123 -92.99 -13.13 99.56
CA HIS B 124 -91.40 -9.82 100.54
CA ARG B 125 -89.15 -10.97 103.38
CA GLY B 126 -88.30 -14.56 104.31
CA GLU B 127 -87.44 -15.88 107.76
CA ILE B 128 -84.38 -18.01 108.52
CA ALA B 129 -85.00 -20.76 111.05
CA PHE B 130 -81.36 -21.88 111.18
CA ALA B 131 -79.85 -18.53 112.19
CA ASN B 132 -83.14 -17.11 113.45
CA LYS B 133 -82.66 -14.10 111.18
CA ALA B 134 -84.46 -12.19 108.43
CA THR B 135 -83.55 -12.22 104.74
CA ALA B 136 -82.59 -9.16 102.71
CA ARG B 137 -82.43 -8.25 99.03
CA ALA B 138 -80.79 -5.43 97.07
CA VAL B 139 -81.89 -4.68 93.51
CA ASP B 140 -78.64 -4.17 91.60
CA ASP B 141 -78.51 -1.59 88.82
CA ARG B 142 -77.81 -4.43 86.40
CA LEU B 143 -80.80 -6.46 87.57
CA PHE B 144 -83.24 -4.25 85.70
CA GLU B 145 -82.98 -3.05 82.10
CA LYS B 146 -81.18 0.29 81.85
CA VAL B 147 -81.22 0.52 78.06
CA GLU B 148 -84.36 0.20 75.95
CA THR B 149 -83.28 0.00 72.31
CA GLY B 150 -83.08 -2.35 69.32
CA HIS B 151 -81.36 -5.11 71.29
CA TYR B 152 -81.91 -8.07 73.60
CA THR B 153 -81.46 -7.85 77.37
CA LYS B 154 -78.10 -9.27 78.45
CA LEU B 155 -79.98 -11.87 80.49
CA MET B 156 -81.94 -12.89 77.39
CA GLU B 157 -78.69 -13.11 75.41
CA SER B 158 -77.34 -15.49 78.04
CA VAL B 159 -80.49 -17.61 77.80
CA LEU B 160 -80.22 -17.70 74.00
CA ASP B 161 -76.53 -18.59 74.19
CA ALA B 162 -77.50 -21.59 76.31
CA LEU B 163 -80.28 -22.57 73.91
CA GLU B 164 -77.72 -22.60 71.11
CA ARG B 165 -76.24 -25.70 72.75
CA ASP B 166 -77.08 -29.06 71.19
CA GLU B 167 -75.82 -31.47 73.84
CA PHE B 168 -77.19 -31.76 77.37
CA CYS B 169 -73.77 -31.58 79.06
CA LYS B 170 -72.95 -28.57 76.90
CA PHE B 171 -76.31 -26.91 77.58
CA GLU B 172 -76.23 -27.12 81.36
CA ILE B 173 -73.02 -25.07 81.45
CA GLN B 174 -74.52 -21.74 80.41
CA PHE B 175 -77.95 -22.84 81.61
CA GLU B 176 -77.03 -22.56 85.30
CA LEU B 177 -74.64 -19.64 84.85
CA ALA B 178 -77.46 -17.46 83.52
CA HIS B 179 -79.51 -18.51 86.54
CA ASN B 180 -76.81 -17.89 89.14
CA ALA B 181 -76.32 -14.38 87.80
CA ILE B 182 -79.84 -13.58 89.00
CA HIS B 183 -79.23 -14.78 92.56
CA TYR B 184 -76.47 -12.18 92.85
CA LEU B 185 -78.25 -9.33 91.07
CA VAL B 186 -81.32 -9.86 93.26
CA GLY B 187 -79.83 -10.94 96.58
CA GLY B 188 -77.07 -8.31 96.68
CA LYS B 189 -74.41 -7.76 99.31
CA TYR B 190 -76.36 -8.67 102.45
CA GLU B 191 -75.12 -11.39 104.79
CA TYR B 192 -78.48 -13.11 104.33
CA SER B 193 -79.08 -12.71 100.59
CA MET B 194 -79.71 -14.88 97.54
CA SER B 195 -76.01 -14.60 96.71
CA ASN B 196 -75.27 -16.59 99.85
CA LEU B 197 -76.02 -20.29 99.30
CA ASP B 198 -76.21 -20.81 103.05
CA TYR B 199 -79.48 -18.90 103.33
CA THR B 200 -80.53 -18.60 99.71
CA ALA B 201 -83.39 -21.07 99.83
CA TYR B 202 -85.06 -19.36 102.79
CA ASP B 203 -86.22 -16.61 100.43
CA PRO B 204 -89.39 -17.39 98.50
CA ILE B 205 -87.89 -15.70 95.45
CA PHE B 206 -85.69 -18.79 95.18
CA PHE B 207 -88.56 -20.80 93.71
CA LEU B 208 -89.83 -17.92 91.60
CA HIS B 209 -86.40 -17.93 89.97
CA HIS B 210 -86.11 -21.67 89.44
CA SER B 211 -89.72 -22.04 88.29
CA ASN B 212 -88.77 -19.72 85.43
CA VAL B 213 -85.41 -21.21 84.48
CA ASP B 214 -87.15 -24.58 84.37
CA ARG B 215 -89.43 -23.08 81.73
CA ILE B 216 -86.30 -22.30 79.74
CA PHE B 217 -85.17 -25.90 80.14
CA ALA B 218 -88.55 -27.13 78.88
CA ILE B 219 -88.14 -24.87 75.85
CA TRP B 220 -84.74 -26.40 75.13
CA GLN B 221 -86.29 -29.86 75.37
CA ARG B 222 -88.83 -28.77 72.75
CA LEU B 223 -86.04 -27.31 70.63
CA GLN B 224 -84.30 -30.68 70.75
CA GLU B 225 -87.47 -32.31 69.45
CA LEU B 226 -87.53 -29.70 66.67
CA ARG B 227 -83.85 -30.25 65.91
CA GLY B 228 -84.43 -33.98 65.56
CA LYS B 229 -82.75 -35.22 68.74
CA ASN B 230 -84.13 -37.05 71.78
CA PRO B 231 -84.09 -34.78 74.82
CA LYS B 232 -84.93 -37.79 76.97
CA ALA B 233 -81.68 -39.53 76.04
CA ILE B 234 -78.05 -38.53 76.58
CA ASP B 235 -74.66 -40.26 76.43
CA CYS B 236 -73.29 -37.76 78.94
CA ALA B 237 -74.03 -37.94 82.67
CA HIS B 238 -75.21 -41.53 82.33
CA GLU B 239 -74.01 -42.22 85.87
CA LEU B 240 -75.95 -39.30 87.36
CA ALA B 241 -79.06 -39.95 85.27
CA ARG B 242 -79.30 -43.44 86.78
CA GLN B 243 -78.36 -42.25 90.28
CA GLU B 244 -81.52 -41.27 92.17
CA LEU B 245 -81.62 -37.88 93.89
CA GLU B 246 -81.80 -37.17 97.61
CA PRO B 247 -83.54 -36.49 99.67
CA PHE B 248 -86.33 -37.13 97.17
CA ASN B 249 -85.24 -40.76 96.92
CA ARG B 250 -85.73 -41.13 100.67
CA ASP B 251 -88.79 -42.92 102.04
CA THR B 252 -89.59 -39.85 104.12
CA ASN B 253 -90.43 -37.95 100.93
CA PRO B 254 -93.89 -36.54 101.63
CA VAL B 255 -94.67 -36.22 97.92
CA PRO B 256 -95.40 -39.52 96.20
CA ILE B 257 -94.82 -37.94 92.79
CA THR B 258 -91.18 -37.00 93.33
CA LYS B 259 -90.69 -40.13 95.42
CA GLN B 260 -91.65 -42.34 92.48
CA HIS B 261 -89.80 -40.11 90.02
CA SER B 262 -86.75 -39.84 92.27
CA ARG B 263 -84.58 -40.87 89.33
CA PRO B 264 -83.41 -38.09 87.03
CA VAL B 265 -84.43 -40.35 84.15
CA ASP B 266 -87.93 -40.39 85.66
CA LEU B 267 -87.77 -36.60 85.85
CA PHE B 268 -87.07 -36.26 82.13
CA ASP B 269 -90.70 -35.42 81.30
CA TYR B 270 -92.09 -32.70 83.56
CA HIS B 271 -95.55 -33.47 82.21
CA GLN B 272 -95.44 -36.61 84.35
CA LEU B 273 -94.99 -34.51 87.48
CA GLY B 274 -98.56 -33.26 87.16
CA TYR B 275 -98.00 -29.74 85.85
CA SER B 276 -97.38 -27.85 82.61
CA TYR B 277 -96.50 -24.36 81.36
CA ASP B 278 -99.16 -22.02 79.99
CA SER B 279 -96.99 -21.04 77.02
CA LEU B 280 -93.40 -21.56 75.89
CA ASN B 281 -93.32 -18.40 73.80
CA LEU B 282 -89.98 -17.01 74.97
CA ASN B 283 -90.15 -13.25 74.40
CA GLY B 284 -93.30 -13.82 72.35
CA MET B 285 -91.46 -16.17 69.99
CA THR B 286 -92.56 -19.73 69.22
CA PRO B 287 -90.33 -22.78 69.71
CA GLU B 288 -90.07 -22.96 65.92
CA GLU B 289 -89.24 -19.26 65.62
CA LEU B 290 -86.65 -19.77 68.35
CA LYS B 291 -85.00 -22.57 66.37
CA ILE B 292 -84.80 -20.20 63.41
CA LYS B 293 -83.33 -17.35 65.46
CA LEU B 294 -80.76 -19.70 66.99
CA ASP B 295 -79.71 -21.08 63.61
CA GLU B 296 -79.01 -17.49 62.54
CA ARG B 297 -76.69 -17.18 65.55
CA HIS B 298 -74.69 -20.34 64.87
CA SER B 299 -73.67 -18.89 61.50
CA LYS B 300 -72.34 -15.70 63.06
CA GLU B 301 -68.63 -15.29 63.69
CA ARG B 302 -68.13 -14.71 67.41
CA ALA B 303 -65.23 -14.48 69.86
CA PHE B 304 -65.39 -16.13 73.27
CA ALA B 305 -63.21 -15.99 76.37
CA SER B 306 -62.51 -19.48 77.72
CA PHE B 307 -63.14 -19.67 81.46
CA ARG B 308 -62.32 -22.66 83.66
CA LEU B 309 -65.44 -23.43 85.69
CA LYS B 310 -64.51 -24.79 89.12
CA GLY B 311 -65.05 -24.33 92.85
CA PHE B 312 -63.58 -20.91 93.64
CA GLY B 313 -64.00 -21.25 97.41
CA GLY B 314 -67.47 -19.69 97.35
CA SER B 315 -69.50 -16.96 95.65
CA ALA B 316 -67.51 -14.76 93.28
CA ASN B 317 -68.11 -12.19 90.55
CA VAL B 318 -65.97 -12.36 87.41
CA VAL B 319 -65.42 -9.10 85.55
CA VAL B 320 -64.21 -9.28 81.95
CA TYR B 321 -61.99 -6.67 80.31
CA ALA B 322 -61.19 -6.80 76.61
CA CYS B 323 -57.99 -5.14 75.40
CA LEU B 324 -56.81 -4.55 71.84
CA PRO B 325 -53.19 -5.57 71.21
CA ASP B 326 -50.85 -2.64 70.64
CA SER B 327 -47.34 -1.68 71.77
CA ASP B 328 -47.03 -0.32 74.18
CA PRO B 329 -44.12 -2.78 73.89
CA ARG B 330 -43.42 -2.68 77.63
CA SER B 331 -45.89 -2.29 80.52
CA ASP B 332 -48.65 -1.24 78.12
CA ASP B 333 -52.35 -2.07 78.49
CA HIS B 334 -55.27 -0.95 76.33
CA CYS B 335 -58.96 -1.87 76.51
CA GLU B 336 -62.28 -1.61 78.34
CA LYS B 337 -64.80 -3.71 80.29
CA ALA B 338 -66.43 -6.21 77.93
CA GLY B 339 -68.88 -7.54 80.51
CA ASP B 340 -69.20 -9.64 83.66
CA PHE B 341 -70.76 -12.78 85.12
CA PHE B 342 -71.35 -14.31 88.54
CA VAL B 343 -70.57 -17.73 89.99
CA LEU B 344 -72.76 -18.71 92.93
CA GLY B 345 -71.13 -20.41 95.91
CA GLY B 346 -70.79 -20.41 99.69
CA SER B 347 -69.43 -22.23 102.75
CA THR B 348 -69.77 -25.99 103.10
CA GLU B 349 -70.09 -25.96 99.32
CA ALA B 350 -69.24 -29.32 97.74
CA PRO B 351 -66.26 -29.00 95.41
CA TRP B 352 -67.11 -29.05 91.70
CA VAL B 353 -65.46 -28.74 88.29
CA PHE B 354 -66.73 -28.81 84.71
CA TYR B 355 -65.42 -31.00 81.88
CA ARG B 356 -65.22 -28.20 79.33
CA PRO B 357 -64.51 -24.47 79.21
CA TYR B 358 -67.18 -21.79 79.53
CA PHE B 359 -67.51 -19.50 76.53
CA PHE B 360 -68.03 -15.86 77.50
CA ASP B 361 -69.05 -13.91 74.40
CA VAL B 362 -66.76 -10.92 73.90
CA THR B 363 -67.60 -10.35 70.23
CA LYS B 364 -69.17 -6.96 70.94
CA ALA B 365 -66.10 -5.84 72.89
CA VAL B 366 -63.72 -6.90 70.11
CA GLN B 367 -65.73 -4.63 67.82
CA ARG B 368 -65.72 -1.97 70.53
CA LEU B 369 -61.93 -2.30 70.37
CA GLY B 370 -61.75 -2.17 66.58
CA VAL B 371 -59.85 -5.38 65.77
CA ALA B 372 -60.70 -8.36 63.59
CA LEU B 373 -62.49 -11.27 65.23
CA SER B 374 -60.05 -13.63 63.54
CA GLY B 375 -57.13 -11.38 64.44
CA HIS B 376 -55.11 -10.85 67.63
CA TYR B 377 -56.69 -9.61 70.87
CA TYR B 378 -56.15 -10.12 74.61
CA VAL B 379 -58.69 -10.72 77.37
CA LYS B 380 -58.06 -9.17 80.78
CA THR B 381 -59.91 -10.63 83.75
CA GLU B 382 -60.57 -9.15 87.19
CA LEU B 383 -62.05 -11.23 89.99
CA PHE B 384 -64.17 -9.50 92.64
CA SER B 385 -66.14 -10.75 95.63
CA VAL B 386 -69.87 -10.57 96.28
CA ASN B 387 -69.15 -7.23 97.92
CA GLY B 388 -66.98 -6.11 95.01
CA THR B 389 -63.75 -6.80 96.90
CA SER B 390 -60.76 -7.75 94.74
CA LEU B 391 -60.00 -11.45 95.10
CA SER B 392 -56.68 -13.26 94.79
CA PRO B 393 -55.65 -13.82 91.17
CA ASP B 394 -54.63 -17.33 92.24
CA ILE B 395 -58.32 -18.17 92.57
CA LEU B 396 -59.39 -17.49 88.98
CA PRO B 397 -57.01 -18.72 86.28
CA GLN B 398 -56.28 -16.61 83.21
CA PRO B 399 -58.78 -17.27 80.39
CA THR B 400 -58.10 -17.94 76.68
CA VAL B 401 -60.12 -17.10 73.56
CA ALA B 402 -62.58 -19.50 71.93
CA TYR B 403 -63.57 -19.13 68.26
CA ARG B 404 -65.79 -20.80 65.66
CA PRO B 405 -67.11 -19.67 63.38
CA GLY B 406 -70.00 -20.32 60.99
CA LYS B 407 -69.55 -18.82 57.53
CA GLY B 408 -68.77 -17.16 55.39
CA HIS B 409 -68.48 -18.57 51.87
CA ILE B 410 -67.06 -17.57 49.65
CA ASP B 411 -64.63 -18.51 50.73
CA PRO B 412 -61.41 -20.28 51.78
CA PRO B 413 -58.19 -18.47 50.79
CA VAL B 414 -56.40 -19.41 47.55
CA HIS B 415 -52.95 -19.58 49.16
CA HIS B 416 -49.48 -18.97 47.69
CA ARG B 417 -46.68 -20.84 45.89
CA GLN B 418 -44.20 -22.67 48.14
CA ASN B 419 -40.42 -22.84 47.61
CA GLU B 420 -38.77 -26.13 46.58
CA ASP B 421 -36.05 -28.02 48.46
CA TYR B 422 -35.64 -29.48 51.96
CA ILE B 423 -34.75 -32.67 53.86
CA VAL B 424 -37.19 -35.57 54.05
CA ARG B 425 -37.75 -37.38 57.34
CA LYS B 426 -37.88 -41.20 57.32
CA ASN B 427 -38.41 -44.16 59.67
CA ILE B 428 -35.39 -45.43 61.57
CA ASP B 429 -35.81 -48.81 59.89
CA HIS B 430 -35.58 -47.06 56.53
CA LEU B 431 -31.97 -46.18 57.29
CA THR B 432 -29.30 -48.02 55.31
CA ARG B 433 -26.02 -49.33 56.70
CA SER B 434 -24.16 -46.32 55.30
CA GLU B 435 -26.83 -43.87 56.48
CA THR B 436 -26.94 -45.34 59.97
CA TYR B 437 -23.16 -45.24 60.36
CA GLU B 438 -22.87 -41.66 59.13
CA LEU B 439 -25.84 -40.74 61.31
CA ARG B 440 -24.04 -42.24 64.30
CA LYS B 441 -21.01 -40.13 63.40
CA ALA B 442 -23.12 -36.98 63.15
CA MET B 443 -24.76 -37.79 66.49
CA GLU B 444 -21.34 -38.12 68.09
CA ARG B 445 -20.45 -34.73 66.63
CA PHE B 446 -23.65 -33.18 67.96
CA GLN B 447 -23.05 -34.56 71.46
CA ALA B 448 -19.36 -33.72 71.31
CA ASP B 449 -20.21 -30.04 70.87
CA THR B 450 -20.26 -28.38 74.28
CA SER B 451 -21.17 -24.87 73.12
CA VAL B 452 -24.57 -23.17 73.13
CA ASP B 453 -25.12 -25.03 69.86
CA GLY B 454 -24.27 -28.37 71.47
CA PHE B 455 -26.62 -31.28 72.17
CA GLN B 456 -26.51 -30.61 75.92
CA ALA B 457 -27.42 -26.98 75.26
CA THR B 458 -30.48 -27.93 73.21
CA VAL B 459 -31.44 -30.22 76.09
CA GLU B 460 -31.19 -27.35 78.56
CA TYR B 461 -33.42 -25.34 76.23
CA HIS B 462 -36.11 -27.93 76.95
CA GLY B 463 -35.72 -28.82 80.63
CA LEU B 464 -33.41 -27.56 83.37
CA PRO B 465 -32.31 -25.17 84.24
CA ALA B 466 -35.62 -23.30 84.47
CA ARG B 467 -35.25 -20.28 82.18
CA CYS B 468 -38.56 -20.40 80.26
CA PRO B 469 -40.59 -17.78 82.17
CA GLU B 470 -37.90 -15.10 81.82
CA PRO B 471 -34.19 -14.67 82.55
CA ASP B 472 -34.96 -12.14 85.28
CA ALA B 473 -37.80 -14.16 86.79
CA LYS B 474 -37.37 -15.25 90.41
CA VAL B 475 -39.55 -18.36 90.31
CA ARG B 476 -39.03 -20.33 87.09
CA PHE B 477 -40.49 -23.48 85.54
CA ALA B 478 -39.77 -26.02 82.79
CA CYS B 479 -40.20 -25.18 79.08
CA CYS B 480 -42.21 -28.25 77.95
CA MET B 481 -45.74 -27.57 76.71
CA HIS B 482 -47.46 -30.13 78.93
CA GLY B 483 -51.14 -29.21 79.24
CA MET B 484 -50.87 -26.55 76.54
CA ALA B 485 -52.80 -26.46 73.27
CA SER B 486 -49.59 -25.21 71.66
CA PHE B 487 -47.92 -28.53 72.44
CA PRO B 488 -47.99 -29.42 68.74
CA HIS B 489 -46.31 -26.16 67.77
CA TRP B 490 -43.60 -25.71 70.40
CA HIS B 491 -42.44 -29.32 70.24
CA ARG B 492 -42.60 -29.27 66.45
CA LEU B 493 -40.34 -26.21 66.39
CA PHE B 494 -38.15 -27.74 69.09
CA VAL B 495 -37.51 -30.97 67.18
CA THR B 496 -37.02 -28.98 63.98
CA GLN B 497 -34.43 -26.92 65.84
CA VAL B 498 -32.74 -30.15 66.91
CA GLU B 499 -32.79 -31.29 63.28
CA ASP B 500 -31.36 -28.00 62.02
CA ALA B 501 -28.49 -28.41 64.48
CA LEU B 502 -27.95 -32.00 63.34
CA VAL B 503 -27.86 -30.85 59.71
CA ARG B 504 -24.81 -28.73 60.50
CA ARG B 505 -23.00 -31.93 61.46
CA GLY B 506 -23.28 -33.19 57.89
CA PRO B 507 -25.78 -36.02 58.31
CA PRO B 508 -26.84 -38.31 55.46
CA ILE B 509 -30.47 -37.54 56.31
CA GLY B 510 -32.77 -35.43 58.49
CA VAL B 511 -33.96 -36.67 61.88
CA PRO B 512 -35.55 -40.10 61.56
CA TYR B 513 -38.63 -41.20 63.51
CA TRP B 514 -39.66 -44.40 65.31
CA ASP B 515 -42.93 -45.76 63.96
CA TRP B 516 -44.96 -46.32 67.12
CA THR B 517 -48.02 -47.60 65.25
CA LYS B 518 -46.69 -50.92 63.94
CA PRO B 519 -45.86 -53.83 66.24
CA MET B 520 -42.50 -53.37 67.98
CA THR B 521 -40.52 -56.37 69.21
CA HIS B 522 -37.74 -54.35 70.82
CA LEU B 523 -35.70 -51.13 70.72
CA PRO B 524 -34.36 -50.38 67.24
CA ASP B 525 -30.67 -51.20 66.78
CA LEU B 526 -29.99 -47.49 66.26
CA ALA B 527 -30.38 -46.92 70.00
CA ALA B 528 -30.30 -50.49 71.29
CA SER B 529 -26.64 -51.15 70.49
CA GLU B 530 -24.35 -50.31 73.41
CA ASP B 531 -21.22 -49.93 71.28
CA TYR B 532 -20.82 -48.44 67.81
CA VAL B 533 -18.47 -50.87 66.09
CA ASP B 534 -18.15 -50.41 62.33
CA PRO B 535 -15.49 -51.85 60.04
CA ASN B 536 -14.05 -48.34 59.75
CA GLY B 537 -11.94 -48.29 62.90
CA HIS B 538 -14.07 -50.46 65.17
CA THR B 539 -14.73 -47.74 67.74
CA ARG B 540 -16.44 -48.18 71.10
CA HIS B 541 -19.67 -46.50 72.20
CA ASN B 542 -23.05 -45.70 70.63
CA PRO B 543 -24.02 -42.05 71.02
CA PHE B 544 -27.67 -43.06 70.71
CA PHE B 545 -27.44 -45.63 73.50
CA ASN B 546 -27.21 -43.21 76.41
CA ALA B 547 -26.43 -39.59 77.30
CA ASN B 548 -24.17 -37.54 79.58
CA ILE B 549 -26.29 -35.87 82.25
CA SER B 550 -24.51 -32.62 83.01
CA PHE B 551 -26.44 -32.17 86.27
CA GLU B 552 -25.64 -35.57 87.72
CA GLU B 553 -22.36 -36.50 86.05
CA GLU B 554 -24.06 -39.84 85.39
CA HIS B 555 -25.25 -41.88 82.42
CA HIS B 556 -28.83 -41.62 81.19
CA HIS B 557 -30.72 -44.87 81.75
CA THR B 558 -33.99 -46.34 80.46
CA SER B 559 -36.34 -49.20 81.37
CA ARG B 560 -39.03 -50.78 79.23
CA SER B 561 -41.79 -53.01 80.60
CA ILE B 562 -43.92 -52.54 77.49
CA ASP B 563 -42.27 -54.20 74.49
CA ALA B 564 -44.06 -57.56 74.36
CA ARG B 565 -47.32 -55.63 74.65
CA LEU B 566 -46.26 -53.60 71.61
CA PHE B 567 -45.50 -56.69 69.53
CA ALA B 568 -48.96 -58.18 70.00
CA PRO B 569 -51.02 -60.01 67.38
CA ALA B 570 -54.40 -58.69 66.25
CA ALA B 571 -57.33 -60.01 64.22
CA TYR B 572 -57.32 -56.79 62.21
CA GLY B 573 -53.57 -56.83 61.56
CA ASP B 574 -51.92 -53.61 62.69
CA HIS B 575 -54.46 -52.74 65.38
CA THR B 576 -52.07 -52.31 68.31
CA ALA B 577 -52.93 -50.51 71.54
CA LEU B 578 -51.10 -47.41 70.30
CA PHE B 579 -52.81 -47.79 66.93
CA ASP B 580 -56.17 -47.70 68.71
CA GLY B 581 -55.37 -44.64 70.81
CA ILE B 582 -53.95 -42.63 67.90
CA LEU B 583 -56.83 -43.70 65.67
CA TYR B 584 -59.37 -42.55 68.26
CA ALA B 585 -57.56 -39.20 68.50
CA PHE B 586 -57.75 -39.21 64.70
CA GLU B 587 -61.47 -39.72 64.96
CA GLN B 588 -61.77 -36.03 66.01
CA GLU B 589 -62.89 -33.00 63.95
CA ASP B 590 -61.06 -30.33 65.95
CA PHE B 591 -57.27 -30.33 66.13
CA CYS B 592 -57.36 -28.42 69.39
CA ASP B 593 -59.78 -30.96 70.81
CA PHE B 594 -57.63 -33.63 69.18
CA GLU B 595 -54.60 -31.93 70.46
CA ILE B 596 -55.69 -32.39 74.05
CA GLN B 597 -56.62 -36.07 73.88
CA PHE B 598 -53.75 -36.77 71.49
CA GLU B 599 -51.29 -35.24 73.97
CA LEU B 600 -52.78 -37.33 76.77
CA VAL B 601 -51.86 -40.39 74.73
CA HIS B 602 -48.41 -38.94 74.04
CA ASN B 603 -47.43 -39.23 77.70
CA SER B 604 -47.77 -43.00 77.70
CA ILE B 605 -44.70 -43.50 75.53
CA HIS B 606 -42.33 -41.44 77.68
CA ALA B 607 -43.52 -43.37 80.72
CA TRP B 608 -43.05 -46.74 79.02
CA ILE B 609 -39.50 -45.89 77.99
CA GLY B 610 -38.44 -44.27 81.26
CA GLY B 611 -39.90 -46.97 83.50
CA SER B 612 -38.90 -46.46 87.12
CA GLU B 613 -35.48 -44.97 86.40
CA ASP B 614 -34.83 -41.77 88.34
CA TYR B 615 -32.93 -40.16 85.46
CA SER B 616 -35.00 -41.16 82.44
CA MET B 617 -37.74 -40.10 80.01
CA SER B 618 -40.06 -40.76 82.94
CA THR B 619 -38.64 -37.63 84.56
CA LEU B 620 -39.40 -34.31 82.88
CA HIS B 621 -36.28 -32.73 84.36
CA TYR B 622 -34.05 -35.22 82.54
CA ALA B 623 -36.40 -36.46 79.82
CA ALA B 624 -34.83 -34.39 77.06
CA PHE B 625 -31.39 -35.95 77.56
CA ASP B 626 -32.38 -39.20 75.85
CA PRO B 627 -31.54 -39.20 72.14
CA ILE B 628 -34.75 -41.20 71.75
CA PHE B 629 -36.71 -38.26 73.10
CA TYR B 630 -36.68 -36.16 69.93
CA LEU B 631 -36.58 -39.36 67.87
CA HIS B 632 -40.02 -40.00 69.34
CA HIS B 633 -41.34 -36.47 68.93
CA SER B 634 -40.22 -36.65 65.30
CA ASN B 635 -42.84 -39.36 64.79
CA VAL B 636 -45.30 -37.32 66.85
CA ASP B 637 -44.77 -34.44 64.43
CA ARG B 638 -45.51 -36.86 61.59
CA LEU B 639 -48.74 -37.80 63.35
CA TRP B 640 -49.78 -34.16 63.72
CA ALA B 641 -49.37 -33.62 59.98
CA ILE B 642 -51.36 -36.73 59.12
CA TRP B 643 -54.43 -35.49 61.00
CA GLN B 644 -54.15 -32.05 59.39
CA ALA B 645 -54.17 -33.78 56.01
CA LEU B 646 -57.20 -35.85 56.99
CA GLN B 647 -59.03 -32.63 57.86
CA ILE B 648 -58.95 -31.77 54.16
CA ARG B 649 -62.37 -33.43 54.29
CA ARG B 650 -63.84 -30.02 55.03
CA GLN B 651 -62.52 -28.84 58.38
CA LYS B 652 -59.81 -26.19 58.68
CA PRO B 653 -56.32 -27.11 59.89
CA TYR B 654 -55.19 -23.48 59.72
CA ARG B 655 -58.05 -22.24 61.87
CA ALA B 656 -57.29 -22.34 65.58
CA HIS B 657 -60.46 -21.76 67.61
CA CYS B 658 -58.96 -23.63 70.57
CA ALA B 659 -56.17 -21.88 72.48
CA GLN B 660 -56.42 -18.91 70.12
CA SER B 661 -54.76 -16.66 72.71
CA ILE B 662 -51.95 -19.20 73.13
CA GLU B 663 -51.24 -19.21 69.39
CA GLN B 664 -50.47 -15.49 69.28
CA LEU B 665 -48.21 -16.05 72.28
CA PRO B 666 -44.48 -15.61 71.65
CA MET B 667 -42.93 -19.06 71.35
CA LYS B 668 -40.32 -18.95 74.09
CA PRO B 669 -37.63 -19.59 74.41
CA PHE B 670 -37.32 -18.96 70.68
CA ALA B 671 -39.03 -15.58 71.03
CA PHE B 672 -37.02 -13.41 73.44
CA PRO B 673 -35.58 -13.47 71.09
CA SER B 674 -32.80 -12.87 73.61
CA PRO B 675 -29.39 -14.58 73.63
CA LEU B 676 -29.02 -18.36 73.38
CA ASN B 677 -30.15 -19.76 70.04
CA ASN B 678 -28.52 -18.33 66.92
CA ASN B 679 -30.80 -19.96 64.32
CA GLU B 680 -32.55 -17.56 61.93
CA LYS B 681 -35.36 -19.86 60.83
CA THR B 682 -36.83 -20.65 64.24
CA HIS B 683 -35.96 -17.08 65.22
CA SER B 684 -38.37 -15.60 62.68
CA ASN B 685 -40.76 -18.52 63.15
CA SER B 686 -41.66 -17.71 66.75
CA VAL B 687 -45.36 -17.38 65.93
CA PRO B 688 -47.59 -20.46 66.03
CA THR B 689 -49.61 -19.07 63.13
CA ASP B 690 -46.55 -19.41 60.91
CA ILE B 691 -45.92 -22.95 62.12
CA TYR B 692 -49.08 -24.41 60.61
CA ASP B 693 -47.61 -24.73 57.11
CA TYR B 694 -44.17 -26.26 57.57
CA GLU B 695 -43.89 -26.77 53.82
CA GLU B 696 -41.76 -24.05 52.25
CA THR B 697 -41.53 -22.54 55.73
CA LEU B 698 -39.53 -24.95 57.87
CA HIS B 699 -38.33 -26.28 54.54
CA TYR B 700 -38.65 -30.04 54.98
CA SER B 701 -40.92 -32.97 54.11
CA TYR B 702 -41.98 -36.33 55.51
CA ASP B 703 -41.57 -39.60 53.63
CA ASP B 704 -45.36 -39.72 53.58
CA LEU B 705 -48.57 -39.20 55.55
CA THR B 706 -49.76 -42.71 56.43
CA PHE B 707 -51.02 -44.58 59.48
CA GLY B 708 -49.88 -48.17 60.02
CA GLY B 709 -50.57 -50.02 56.77
CA MET B 710 -53.20 -47.48 55.73
CA ASN B 711 -53.06 -44.41 53.49
CA LEU B 712 -55.23 -41.33 53.97
CA ASP B 713 -58.30 -42.93 52.40
CA GLU B 714 -57.88 -46.29 54.15
CA ILE B 715 -57.67 -44.43 57.46
CA GLU B 716 -61.07 -42.87 56.78
CA GLU B 717 -62.39 -46.31 55.83
CA THR B 718 -61.45 -47.75 59.22
CA ILE B 719 -62.81 -44.68 60.98
CA HIS B 720 -66.16 -45.32 59.28
CA HIS B 721 -66.12 -48.98 60.30
CA ARG B 722 -65.74 -47.79 63.88
CA GLN B 723 -68.69 -45.45 63.42
CA GLN B 724 -70.79 -48.16 61.76
CA HIS B 725 -71.72 -49.33 65.25
CA GLU B 726 -72.38 -48.02 68.77
CA ARG B 727 -69.47 -47.36 71.12
CA VAL B 728 -69.16 -46.71 74.86
CA PHE B 729 -66.62 -44.38 76.45
CA ALA B 730 -65.70 -42.74 79.73
CA GLY B 731 -64.23 -39.24 80.12
CA SER B 732 -61.57 -38.20 82.61
CA LEU B 733 -60.37 -34.84 83.92
CA PHE B 734 -56.71 -33.83 84.15
CA GLY B 735 -55.92 -31.14 86.72
CA GLY B 736 -52.19 -31.58 86.18
CA ILE B 737 -51.27 -31.91 89.86
CA GLY B 738 -48.47 -34.03 91.31
CA LYS B 739 -45.06 -35.37 90.29
CA SER B 740 -44.49 -37.91 87.53
CA ALA B 741 -46.94 -40.72 88.33
CA LEU B 742 -48.96 -43.51 86.72
CA VAL B 743 -52.67 -44.16 87.27
CA ASN B 744 -54.39 -47.54 87.03
CA ILE B 745 -58.05 -47.42 86.05
CA PHE B 746 -60.44 -50.03 87.45
CA ILE B 747 -64.12 -50.72 86.86
CA ASN B 748 -65.87 -51.40 90.17
CA LYS B 749 -68.06 -54.27 88.97
CA PRO B 750 -70.70 -55.92 91.15
CA GLY B 751 -68.88 -57.95 93.81
CA SER B 752 -65.49 -57.56 95.50
CA SER B 753 -63.28 -57.96 92.44
CA PRO B 754 -62.71 -54.85 90.33
CA HIS B 755 -61.47 -55.23 86.75
CA LYS B 756 -58.79 -53.01 85.22
CA ALA B 757 -60.10 -51.14 82.18
CA GLY B 758 -56.77 -49.47 81.43
CA ASP B 759 -54.24 -46.95 82.73
CA ILE B 760 -52.85 -43.48 82.06
CA ALA B 761 -49.59 -41.55 82.45
CA ILE B 762 -49.15 -38.15 84.07
CA LEU B 763 -45.50 -37.12 83.77
CA GLY B 764 -43.64 -34.08 85.08
CA GLY B 765 -41.17 -32.84 87.69
CA THR B 766 -41.32 -30.39 90.59
CA LYS B 767 -40.28 -27.56 88.26
CA GLU B 768 -43.18 -28.26 85.90
CA MET B 769 -45.29 -25.18 85.21
CA PRO B 770 -48.83 -25.43 86.58
CA TRP B 771 -51.16 -26.81 83.92
CA ALA B 772 -54.64 -28.26 83.43
CA PHE B 773 -57.03 -29.43 80.72
CA ASP B 774 -60.65 -28.35 80.26
CA ARG B 775 -61.70 -31.41 78.24
CA LEU B 776 -62.54 -35.03 79.00
CA TYR B 777 -60.11 -37.81 78.05
CA LYS B 778 -62.22 -40.04 75.80
CA VAL B 779 -61.31 -43.59 76.78
CA GLU B 780 -63.00 -46.67 75.32
CA ILE B 781 -64.71 -48.92 77.87
CA THR B 782 -66.83 -50.92 75.42
CA ASP B 783 -64.67 -54.05 75.45
CA ALA B 784 -64.26 -53.86 79.22
CA LEU B 785 -68.00 -53.68 79.86
CA LYS B 786 -68.52 -56.38 77.23
CA ALA B 787 -66.19 -58.72 79.13
CA LEU B 788 -67.92 -57.76 82.38
CA ALA B 789 -71.32 -58.17 80.74
CA LEU B 790 -72.38 -54.74 81.97
CA ASP B 791 -75.00 -52.48 80.39
CA VAL B 792 -74.29 -48.83 79.59
CA ASP B 793 -76.40 -48.08 82.62
CA GLY B 794 -75.51 -50.47 85.43
CA ASP B 795 -74.70 -50.86 89.10
CA TYR B 796 -70.98 -50.30 88.59
CA GLU B 797 -68.38 -47.58 89.18
CA VAL B 798 -64.98 -46.54 87.87
CA THR B 799 -62.15 -45.70 90.26
CA PHE B 800 -58.57 -44.43 90.01
CA ASP B 801 -55.46 -45.89 91.62
CA ILE B 802 -52.55 -43.46 91.27
CA HIS B 803 -48.94 -44.16 92.23
CA ASP B 804 -45.41 -42.90 91.60
CA MET B 805 -42.52 -44.67 89.86
CA HIS B 806 -41.52 -46.11 93.23
CA GLY B 807 -43.49 -48.54 95.37
CA ASN B 808 -45.42 -45.62 96.87
CA LYS B 809 -49.06 -45.04 95.96
CA LEU B 810 -50.66 -41.59 95.89
CA SER B 811 -54.09 -40.13 96.63
CA SER B 812 -56.51 -40.09 93.70
CA ASP B 813 -58.81 -37.65 95.50
CA LEU B 814 -57.67 -35.06 92.97
CA ILE B 815 -59.50 -36.94 90.22
CA PRO B 816 -63.30 -36.92 89.95
CA HIS B 817 -65.36 -39.92 88.85
CA PRO B 818 -65.26 -40.56 85.09
CA ALA B 819 -68.18 -39.21 83.08
CA VAL B 820 -70.43 -41.47 81.00
CA ILE B 821 -69.99 -41.04 77.24
CA SER B 822 -72.16 -42.70 74.60
CA GLU B 823 -71.56 -42.81 70.85
CA PRO B 824 -74.47 -44.00 68.72
CA ALA B 825 -73.80 -45.50 65.30
CA HIS B 826 -73.33 -42.90 62.58
CA PRO B 827 -72.61 -44.67 59.29
CA SER B 828 -72.39 -42.62 56.10
CA PHE B 829 -71.79 -42.79 52.35
CA GLU B 830 -68.18 -43.45 51.35
CA ASP B 831 -66.39 -41.45 48.65
CA VAL B 832 -64.53 -42.89 45.64
CA THR B 833 -61.06 -41.75 44.53
CA THR B 834 -59.60 -42.35 41.06
CA SER B 835 -55.93 -42.09 42.05
CA LEU B 836 -53.71 -43.35 43.16
CA ARG B 837 -52.80 -46.87 44.28
CA ILE B 838 -49.71 -46.90 46.51
CA ARG B 839 -47.01 -49.50 45.87
CA LYS B 840 -44.68 -50.56 48.68
CA ASN B 841 -41.33 -52.28 49.24
CA VAL B 842 -41.88 -56.02 49.49
CA ASP B 843 -39.10 -56.20 52.07
CA TYR B 844 -40.94 -53.90 54.47
CA LEU B 845 -44.54 -55.10 54.31
CA THR B 846 -46.88 -55.40 57.30
CA PRO B 847 -47.43 -58.99 58.43
CA GLU B 848 -51.14 -58.43 57.81
CA GLU B 849 -50.35 -57.30 54.25
CA THR B 850 -48.24 -60.42 53.72
CA ASN B 851 -51.16 -62.46 55.02
CA ASP B 852 -53.23 -60.93 52.23
CA LEU B 853 -50.49 -61.85 49.77
CA ARG B 854 -50.53 -65.39 51.16
CA HIS B 855 -54.15 -65.70 50.05
CA ALA B 856 -53.89 -63.38 47.06
CA LEU B 857 -51.57 -65.49 44.92
CA ASP B 858 -53.32 -68.60 46.23
CA LEU B 859 -56.55 -67.40 44.62
CA LEU B 860 -54.70 -66.28 41.49
CA GLU B 861 -53.18 -69.74 41.02
CA LYS B 862 -56.47 -71.48 41.78
CA ASP B 863 -58.14 -69.29 39.16
CA PRO B 864 -58.73 -71.60 36.21
CA SER B 865 -59.61 -68.78 33.83
CA ALA B 866 -57.39 -66.71 31.54
CA GLY B 867 -56.94 -64.33 34.48
CA GLY B 868 -55.16 -67.07 36.42
CA PHE B 869 -51.50 -66.84 37.40
CA ASP B 870 -50.26 -69.43 34.90
CA GLN B 871 -52.51 -67.94 32.23
CA LEU B 872 -50.72 -64.61 32.58
CA GLY B 873 -48.00 -66.35 30.60
CA ALA B 874 -50.36 -66.08 27.63
CA PHE B 875 -48.96 -62.58 27.18
CA HIS B 876 -45.32 -63.55 27.66
CA GLY B 877 -44.78 -67.07 26.30
CA GLU B 878 -47.19 -69.43 24.55
CA PRO B 879 -49.34 -69.38 22.80
CA LYS B 880 -47.91 -67.64 19.73
CA TRP B 881 -50.64 -65.04 19.25
CA CYS B 882 -48.31 -62.02 19.43
CA PRO B 883 -47.52 -61.93 15.69
CA ASN B 884 -51.18 -62.28 14.73
CA PRO B 885 -53.55 -65.13 13.92
CA GLU B 886 -52.57 -65.35 10.26
CA ALA B 887 -48.83 -65.75 10.77
CA GLU B 888 -47.39 -69.20 10.08
CA HIS B 889 -43.85 -68.96 11.42
CA LYS B 890 -44.25 -67.25 14.78
CA VAL B 891 -42.13 -66.62 17.89
CA ALA B 892 -42.47 -66.10 21.63
CA CYS B 893 -43.43 -62.54 22.48
CA CYS B 894 -40.75 -62.33 25.15
CA VAL B 895 -40.68 -58.63 24.29
CA HIS B 896 -37.18 -57.17 24.46
CA GLY B 897 -34.78 -54.95 22.50
CA MET B 898 -37.75 -52.70 21.71
CA ALA B 899 -38.40 -49.03 22.41
CA VAL B 900 -41.74 -50.19 23.82
CA PHE B 901 -40.03 -52.46 26.35
CA PRO B 902 -40.89 -50.18 29.27
CA HIS B 903 -44.43 -49.65 28.01
CA TRP B 904 -45.33 -53.27 27.26
CA HIS B 905 -44.00 -54.77 30.48
CA ARG B 906 -45.74 -52.02 32.43
CA LEU B 907 -49.11 -53.19 31.10
CA LEU B 908 -48.14 -56.79 31.81
CA ALA B 909 -47.50 -55.92 35.45
CA LEU B 910 -50.78 -54.00 35.60
CA GLN B 911 -52.55 -57.06 34.21
CA ALA B 912 -51.43 -59.19 37.15
CA GLU B 913 -52.30 -56.40 39.59
CA ASN B 914 -55.87 -56.22 38.31
CA ALA B 915 -56.06 -60.01 38.37
CA LEU B 916 -55.43 -59.95 42.12
CA ARG B 917 -57.72 -56.93 42.39
CA ARG B 918 -60.49 -59.14 41.03
CA HIS B 919 -59.65 -61.65 43.76
CA GLY B 920 -60.11 -58.95 46.40
CA TYR B 921 -56.43 -58.46 47.18
CA SER B 922 -56.17 -55.30 49.27
CA GLY B 923 -53.44 -53.46 47.39
CA ALA B 924 -51.02 -53.81 44.48
CA PHE B 925 -47.80 -55.64 43.63
CA PRO B 926 -44.91 -54.47 45.80
CA TYR B 927 -41.36 -53.98 44.54
CA TRP B 928 -37.91 -55.27 45.48
CA ASP B 929 -34.97 -52.87 45.22
CA TRP B 930 -32.04 -54.75 43.69
CA THR B 931 -29.58 -51.90 44.27
CA HIS B 932 -28.66 -52.62 47.88
CA PRO B 933 -26.73 -55.76 48.82
CA ILE B 934 -28.83 -58.92 49.04
CA SER B 935 -28.00 -60.65 52.32
CA LYS B 936 -31.22 -62.65 51.98
CA LEU B 937 -34.30 -63.20 49.82
CA PRO B 938 -37.70 -61.67 50.52
CA ASP B 939 -39.61 -63.53 53.23
CA LEU B 940 -42.55 -63.45 50.84
CA VAL B 941 -40.87 -66.06 48.66
CA THR B 942 -38.18 -67.55 50.90
CA PRO B 943 -40.46 -69.69 53.06
CA GLU B 944 -41.46 -73.06 51.61
CA THR B 945 -44.53 -73.29 53.83
CA TYR B 946 -46.30 -71.03 56.33
CA THR B 947 -48.85 -71.01 59.14
CA ASP B 948 -49.50 -67.45 60.29
CA PRO B 949 -52.28 -66.43 62.68
CA SER B 950 -55.90 -67.36 61.96
CA ASP B 951 -54.83 -70.44 60.01
CA ASN B 952 -53.25 -72.82 62.51
CA GLN B 953 -52.45 -75.08 59.56
CA ASP B 954 -49.43 -76.10 57.48
CA LYS B 955 -49.97 -74.34 54.16
CA HIS B 956 -47.57 -74.39 51.21
CA ASN B 957 -46.32 -70.94 50.19
CA PRO B 958 -47.62 -70.17 46.70
CA TRP B 959 -44.87 -67.57 46.39
CA TYR B 960 -42.15 -70.13 47.04
CA ASN B 961 -42.25 -71.94 43.69
CA GLY B 962 -44.29 -72.32 40.52
CA HIS B 963 -45.37 -75.01 38.05
CA ILE B 964 -45.19 -75.15 34.25
CA GLU B 965 -48.49 -76.72 33.23
CA THR B 966 -47.44 -76.37 29.60
CA VAL B 967 -44.91 -79.20 29.92
CA ASP B 968 -45.79 -80.43 33.39
CA GLN B 969 -42.55 -79.19 34.94
CA ASP B 970 -41.54 -77.06 37.93
CA THR B 971 -39.69 -73.76 38.30
CA THR B 972 -37.00 -72.81 40.81
CA ARG B 973 -34.37 -70.17 41.63
CA ASN B 974 -30.61 -70.17 42.14
CA VAL B 975 -28.50 -67.16 43.13
CA ARG B 976 -25.27 -68.26 41.45
CA GLY B 977 -23.41 -64.95 41.49
CA ASP B 978 -22.56 -63.61 44.94
CA LEU B 979 -25.15 -60.87 45.44
CA TYR B 980 -24.67 -61.08 49.21
CA GLN B 981 -23.08 -58.16 51.04
CA GLN B 982 -20.98 -56.73 48.22
CA PRO B 983 -20.82 -53.02 49.05
CA GLU B 984 -17.83 -50.90 48.06
CA PHE B 985 -18.46 -47.33 49.23
CA GLY B 986 -21.47 -47.22 51.54
CA HIS B 987 -24.50 -47.00 49.27
CA SER B 988 -22.33 -47.79 46.26
CA THR B 989 -22.75 -51.42 45.18
CA ASP B 990 -22.04 -53.63 42.18
CA ILE B 991 -25.47 -52.75 40.81
CA ALA B 992 -25.72 -49.09 41.83
CA PRO B 993 -23.40 -47.97 39.02
CA GLN B 994 -25.06 -50.49 36.71
CA VAL B 995 -28.29 -48.49 36.91
CA LEU B 996 -26.79 -45.03 37.44
CA LEU B 997 -24.99 -45.50 34.13
CA ALA B 998 -28.34 -45.50 32.33
CA LEU B 999 -29.90 -42.84 34.55
CA GLU B 1000 -27.20 -40.50 33.26
CA GLN B 1001 -29.06 -39.87 30.00
CA ASP B 1002 -31.56 -37.34 28.64
CA ASP B 1003 -32.84 -39.18 25.57
CA PHE B 1004 -35.62 -41.68 26.17
CA CYS B 1005 -34.67 -44.48 23.79
CA SER B 1006 -30.97 -44.02 24.51
CA PHE B 1007 -31.74 -44.41 28.20
CA GLU B 1008 -33.89 -47.44 27.46
CA VAL B 1009 -31.10 -49.17 25.54
CA GLN B 1010 -28.52 -49.12 28.34
CA TYR B 1011 -31.19 -49.39 31.04
CA GLU B 1012 -32.83 -52.52 29.65
CA ILE B 1013 -29.40 -54.10 29.17
CA SER B 1014 -28.85 -53.73 32.91
CA HIS B 1015 -32.35 -55.05 33.58
CA ASN B 1016 -31.70 -58.29 31.71
CA PHE B 1017 -28.70 -59.12 33.89
CA ILE B 1018 -30.85 -59.57 36.99
CA HIS B 1019 -33.02 -62.18 35.26
CA ALA B 1020 -29.96 -64.36 34.73
CA LEU B 1021 -28.68 -63.67 38.24
CA VAL B 1022 -31.92 -64.98 39.75
CA GLY B 1023 -32.23 -67.95 37.39
CA GLY B 1024 -28.70 -69.24 37.97
CA THR B 1025 -28.22 -72.71 36.53
CA THR B 1026 -31.69 -74.26 36.46
CA PRO B 1027 -33.27 -74.81 33.05
CA TYR B 1028 -36.51 -73.49 34.52
CA GLY B 1029 -35.55 -70.20 36.16
CA MET B 1030 -35.65 -66.46 35.47
CA ALA B 1031 -32.74 -66.92 33.07
CA SER B 1032 -35.21 -68.76 30.86
CA LEU B 1033 -37.41 -66.01 29.44
CA ARG B 1034 -39.95 -68.61 28.31
CA TYR B 1035 -40.71 -69.68 31.86
CA THR B 1036 -40.49 -66.33 33.65
CA ALA B 1037 -44.29 -66.32 33.61
CA TYR B 1038 -44.18 -69.15 36.14
CA ASP B 1039 -42.50 -67.23 38.96
CA PRO B 1040 -43.99 -64.37 40.96
CA ILE B 1041 -40.53 -62.81 41.21
CA PHE B 1042 -41.02 -61.76 37.59
CA PHE B 1043 -43.60 -59.18 38.63
CA LEU B 1044 -41.80 -58.26 41.85
CA HIS B 1045 -38.71 -57.57 39.75
CA HIS B 1046 -40.36 -55.75 36.85
CA SER B 1047 -42.27 -53.60 39.32
CA ASN B 1048 -38.97 -52.25 40.66
CA THR B 1049 -37.81 -51.81 37.07
CA ASP B 1050 -40.88 -49.66 36.44
CA ARG B 1051 -40.11 -47.78 39.66
CA ILE B 1052 -36.59 -46.87 38.52
CA TRP B 1053 -37.92 -45.82 35.12
CA ALA B 1054 -40.38 -43.50 36.85
CA ILE B 1055 -37.49 -42.07 38.84
CA TRP B 1056 -35.65 -41.35 35.60
CA GLN B 1057 -38.74 -39.57 34.30
CA ALA B 1058 -38.84 -37.52 37.49
CA LEU B 1059 -35.14 -36.74 37.06
CA GLN B 1060 -35.85 -35.55 33.52
CA LYS B 1061 -38.55 -33.23 34.86
CA TYR B 1062 -36.04 -32.06 37.46
CA ARG B 1063 -33.57 -31.41 34.65
CA GLY B 1064 -36.27 -29.55 32.72
CA LYS B 1065 -36.31 -32.05 29.87
CA PRO B 1066 -39.16 -33.99 28.26
CA TYR B 1067 -40.19 -36.77 30.64
CA ASN B 1068 -43.52 -37.96 29.22
CA THR B 1069 -42.64 -37.68 25.54
CA ALA B 1070 -40.28 -39.54 23.21
CA ASN B 1071 -39.42 -37.85 19.91
CA CYS B 1072 -37.13 -40.83 19.33
CA ALA B 1073 -38.82 -43.83 17.69
CA ILE B 1074 -42.21 -42.14 17.42
CA ALA B 1075 -43.41 -44.87 15.08
CA SER B 1076 -42.82 -47.37 17.87
CA MET B 1077 -44.48 -45.05 20.39
CA ARG B 1078 -47.52 -44.93 18.12
CA LYS B 1079 -47.65 -48.68 17.49
CA PRO B 1080 -50.48 -50.57 19.17
CA LEU B 1081 -49.06 -53.07 21.66
CA GLN B 1082 -49.78 -56.78 21.33
CA PRO B 1083 -51.34 -58.88 22.28
CA PHE B 1084 -52.85 -56.37 24.70
CA GLY B 1085 -54.25 -54.40 21.76
CA LEU B 1086 -56.08 -57.48 20.52
CA SER B 1087 -58.38 -57.31 23.54
CA SER B 1088 -60.79 -60.10 24.50
CA ASP B 1089 -60.83 -62.87 24.64
CA VAL B 1090 -57.03 -62.84 24.35
CA ASN B 1091 -56.95 -59.95 26.82
CA PRO B 1092 -59.71 -59.85 29.42
CA ASP B 1093 -58.53 -56.47 30.68
CA ILE B 1094 -60.04 -53.47 28.91
CA ILE B 1095 -58.10 -50.98 31.04
CA THR B 1096 -54.88 -51.94 29.23
CA ARG B 1097 -56.74 -51.49 25.95
CA GLU B 1098 -57.55 -47.92 26.99
CA HIS B 1099 -53.79 -47.36 26.95
CA ALA B 1100 -52.68 -49.81 24.25
CA ILE B 1101 -50.59 -47.04 22.70
CA PRO B 1102 -47.09 -46.76 24.17
CA PHE B 1103 -47.31 -42.98 23.87
CA ASP B 1104 -50.39 -43.09 26.09
CA VAL B 1105 -48.60 -45.31 28.59
CA PHE B 1106 -46.06 -42.68 29.60
CA ASN B 1107 -48.19 -41.01 32.25
CA TYR B 1108 -47.86 -43.57 35.05
CA ARG B 1109 -49.55 -41.23 37.51
CA GLY B 1110 -52.92 -39.98 36.23
CA ASN B 1111 -53.59 -42.41 33.39
CA PHE B 1112 -53.33 -45.63 35.38
CA HIS B 1113 -53.60 -43.96 38.78
CA TYR B 1114 -50.72 -45.85 40.36
CA LYS B 1115 -47.84 -44.40 42.40
CA TYR B 1116 -44.96 -45.54 44.62
CA ASP B 1117 -44.68 -44.76 48.32
CA THR B 1118 -41.20 -43.34 47.71
CA LEU B 1119 -39.07 -42.68 44.64
CA GLU B 1120 -35.43 -42.89 45.66
CA PHE B 1121 -32.33 -44.73 44.45
CA ASN B 1122 -31.44 -46.09 47.86
CA GLY B 1123 -31.77 -43.08 50.16
CA LEU B 1124 -30.91 -40.46 47.55
CA SER B 1125 -33.15 -37.42 47.16
CA ILE B 1126 -34.24 -36.05 43.79
CA SER B 1127 -31.69 -33.24 44.02
CA GLN B 1128 -29.06 -35.59 45.44
CA LEU B 1129 -29.60 -37.95 42.49
CA ASN B 1130 -28.62 -35.16 40.10
CA ARG B 1131 -25.65 -34.41 42.34
CA GLU B 1132 -24.56 -38.05 42.39
CA LEU B 1133 -24.63 -38.21 38.59
CA ASP B 1134 -22.81 -34.87 38.50
CA LYS B 1135 -20.10 -36.51 40.60
CA ILE B 1136 -19.74 -38.88 37.67
CA LYS B 1137 -19.79 -35.95 35.25
CA SER B 1138 -17.30 -34.10 37.45
CA HIS B 1139 -14.40 -35.94 35.82
CA ASP B 1140 -13.43 -37.87 32.69
CA ARG B 1141 -14.14 -41.59 32.47
CA VAL B 1142 -13.27 -44.44 30.13
CA PHE B 1143 -15.93 -46.77 28.72
CA ALA B 1144 -15.93 -49.91 26.58
CA GLY B 1145 -18.45 -49.81 23.74
CA PHE B 1146 -20.58 -52.94 23.44
CA LEU B 1147 -23.58 -53.59 21.18
CA LEU B 1148 -26.08 -56.40 21.72
CA SER B 1149 -27.86 -58.08 18.80
CA GLY B 1150 -30.07 -60.54 20.65
CA ILE B 1151 -29.64 -63.58 18.41
CA LYS B 1152 -29.37 -67.37 18.64
CA LYS B 1153 -29.40 -68.57 22.25
CA SER B 1154 -28.90 -67.19 25.76
CA VAL B 1155 -25.18 -66.90 26.48
CA LEU B 1156 -22.67 -65.59 29.01
CA VAL B 1157 -20.13 -63.02 27.82
CA LYS B 1158 -16.80 -62.11 29.41
CA PHE B 1159 -14.06 -59.67 28.39
CA ASN B 1160 -10.76 -58.15 29.49
CA VAL B 1161 -8.21 -55.40 28.78
CA CYS B 1162 -4.72 -56.00 27.37
CA ALA B 1163 -1.73 -53.75 28.09
CA PRO B 1164 0.82 -53.11 25.35
CA PRO B 1165 3.57 -54.54 27.58
CA HIS B 1166 1.52 -57.63 28.47
CA ASP B 1167 -0.24 -56.73 31.72
CA CYS B 1168 -3.76 -57.95 30.86
CA HIS B 1169 -6.60 -57.68 33.42
CA PRO B 1170 -10.12 -59.10 33.48
CA ALA B 1171 -12.57 -56.27 32.82
CA GLY B 1172 -15.78 -58.10 33.70
CA GLU B 1173 -18.73 -60.01 32.26
CA PHE B 1174 -22.46 -59.83 31.51
CA TYR B 1175 -25.41 -62.04 30.59
CA LEU B 1176 -27.21 -62.07 27.25
CA LEU B 1177 -30.64 -63.70 27.37
CA GLY B 1178 -33.02 -64.67 24.57
CA ASP B 1179 -33.35 -67.81 22.46
CA GLU B 1180 -34.38 -68.63 18.89
CA ASN B 1181 -37.89 -69.11 20.24
CA GLU B 1182 -37.99 -65.32 20.59
CA MET B 1183 -37.81 -62.63 17.91
CA ALA B 1184 -34.30 -61.48 17.05
CA TRP B 1185 -33.50 -57.85 17.91
CA ALA B 1186 -30.68 -55.32 18.04
CA TYR B 1187 -30.04 -51.98 19.78
CA ASP B 1188 -29.46 -48.72 17.91
CA ARG B 1189 -27.20 -47.34 20.62
CA VAL B 1190 -23.85 -48.38 22.11
CA PHE B 1191 -23.64 -49.64 25.68
CA LYS B 1192 -20.97 -47.83 27.68
CA TYR B 1193 -19.41 -50.24 30.18
CA ASP B 1194 -17.34 -48.48 32.82
CA THR B 1195 -13.70 -49.54 32.52
CA THR B 1196 -12.29 -46.70 34.61
CA ASN B 1197 -12.24 -48.93 37.68
CA VAL B 1198 -10.61 -51.68 35.62
CA LEU B 1199 -7.80 -49.36 34.51
CA ASP B 1200 -7.42 -48.13 38.09
CA GLU B 1201 -7.09 -51.64 39.49
CA ASN B 1202 -4.60 -52.50 36.75
CA ASN B 1203 -2.79 -49.24 37.47
CA LEU B 1204 -2.49 -48.83 33.70
CA HIS B 1205 -1.18 -45.65 32.09
CA PHE B 1206 -3.98 -43.89 30.21
CA TYR B 1207 -1.79 -43.14 27.21
CA ASP B 1208 -1.36 -46.57 25.61
CA HIS B 1209 -2.92 -48.95 23.10
CA ILE B 1210 -6.07 -50.48 24.57
CA PHE B 1211 -6.81 -54.10 23.69
CA ILE B 1212 -10.41 -54.93 24.58
CA THR B 1213 -11.42 -58.57 24.10
CA TYR B 1214 -14.85 -60.15 23.70
CA GLU B 1215 -15.46 -63.83 24.44
CA VAL B 1216 -18.83 -65.58 24.25
CA PHE B 1217 -19.93 -68.95 25.59
CA ASP B 1218 -23.28 -70.57 26.38
CA LEU B 1219 -24.29 -70.12 30.02
CA HIS B 1220 -25.84 -73.58 29.85
CA GLY B 1221 -22.32 -75.02 29.74
CA THR B 1222 -21.25 -74.90 26.09
CA SER B 1223 -18.20 -73.17 24.62
CA LEU B 1224 -18.85 -70.72 21.80
CA GLY B 1225 -16.62 -68.59 19.57
CA THR B 1226 -15.88 -64.86 19.48
CA ASP B 1227 -17.06 -63.98 15.98
CA ILE B 1228 -20.61 -63.68 17.29
CA PHE B 1229 -19.93 -59.99 17.91
CA HIS B 1230 -17.55 -57.70 16.01
CA LYS B 1231 -14.64 -55.98 17.76
CA ALA B 1232 -15.78 -53.81 20.65
CA ASN B 1233 -15.13 -50.07 20.56
CA VAL B 1234 -12.98 -47.89 22.81
CA ILE B 1235 -14.77 -44.88 24.28
CA HIS B 1236 -13.11 -41.97 26.08
CA ASP B 1237 -15.80 -39.86 27.71
CA SER B 1238 -14.64 -36.36 28.63
CA GLY B 1239 -16.77 -33.63 30.22
CA THR B 1240 -16.71 -30.09 31.58
CA GLY B 1241 -14.72 -27.24 30.09
CA SER B 1242 -12.48 -26.53 28.71
CA ARG B 1243 -15.32 -24.29 27.51
CA GLU B 1244 -13.78 -23.62 24.09
CA HIS B 1245 -16.42 -22.02 21.87
CA ASP B 1246 -18.96 -22.71 24.61
CA ARG B 1247 -18.60 -20.72 27.82
CA TYR B 1248 -18.00 -22.64 31.04
CA VAL B 1249 -19.10 -19.66 33.14
CA GLU B 1250 -21.09 -21.94 35.43
CA GLU B 1251 -21.00 -23.31 38.96
CA VAL B 1252 -20.43 -27.04 39.41
CA THR B 1253 -20.55 -28.86 42.75
CA GLY B 1254 -18.81 -28.64 44.88
CA ALA B 1255 -21.07 -28.85 47.93
CA SER B 1256 -20.23 -30.06 51.44
CA HIS B 1257 -19.24 -27.89 54.42
CA ILE B 1258 -18.54 -24.28 53.45
CA ARG B 1259 -16.10 -21.71 54.85
CA LYS B 1260 -17.75 -18.45 55.89
CA ASN B 1261 -16.57 -14.85 56.25
CA LEU B 1262 -15.46 -14.14 59.81
CA ASN B 1263 -17.12 -10.72 59.70
CA ASP B 1264 -20.39 -12.25 58.51
CA LEU B 1265 -20.50 -14.80 61.32
CA ASN B 1266 -23.70 -15.03 63.37
CA LEU B 1267 -23.69 -14.61 67.14
CA GLY B 1268 -24.15 -18.34 67.73
CA GLU B 1269 -21.51 -19.13 65.11
CA MET B 1270 -18.94 -16.95 66.87
CA GLU B 1271 -19.76 -18.61 70.19
CA SER B 1272 -19.44 -22.06 68.61
CA LEU B 1273 -16.11 -21.02 67.08
CA ARG B 1274 -14.55 -19.99 70.39
CA ALA B 1275 -15.99 -23.10 72.04
CA ALA B 1276 -14.39 -25.28 69.36
CA PHE B 1277 -10.97 -23.72 69.91
CA LEU B 1278 -11.30 -24.18 73.67
CA HIS B 1279 -11.62 -27.94 73.15
CA ILE B 1280 -8.59 -28.35 70.90
CA GLN B 1281 -6.74 -25.87 73.10
CA ASN B 1282 -7.33 -27.93 76.24
CA ASP B 1283 -5.45 -30.92 74.81
CA GLY B 1284 -2.07 -31.03 73.09
CA THR B 1285 -3.51 -31.65 69.61
CA TYR B 1286 -3.41 -27.97 68.63
CA GLU B 1287 0.28 -27.60 69.45
CA SER B 1288 1.21 -31.03 68.12
CA ILE B 1289 -0.08 -30.00 64.70
CA ALA B 1290 1.55 -26.58 65.00
CA GLN B 1291 4.88 -28.40 65.27
CA TYR B 1292 4.49 -29.27 61.59
CA HIS B 1293 5.03 -25.63 60.64
CA GLY B 1294 6.90 -23.99 63.51
CA LYS B 1295 10.11 -24.79 65.37
CA PRO B 1296 11.23 -27.27 65.91
CA GLY B 1297 9.88 -28.97 62.78
CA LYS B 1298 10.02 -32.59 61.64
CA CYS B 1299 12.20 -32.24 58.55
CA GLU B 1300 16.00 -32.33 58.56
CA LEU B 1301 19.00 -31.73 56.32
CA ASN B 1302 22.38 -33.50 56.25
CA HIS B 1303 23.06 -31.30 59.26
CA ARG B 1304 21.21 -28.75 61.40
CA SER B 1305 17.65 -30.05 61.17
CA ILE B 1306 15.02 -27.70 59.78
CA ALA B 1307 11.32 -26.90 59.65
CA CYS B 1308 8.95 -28.59 57.23
CA CYS B 1309 7.31 -25.23 56.56
CA VAL B 1310 7.24 -24.79 52.79
CA ARG B 1311 7.75 -21.09 52.10
CA GLY B 1312 9.41 -19.49 49.07
CA MET B 1313 8.49 -22.52 46.96
CA PRO B 1314 6.13 -23.09 44.05
CA THR B 1315 4.27 -25.56 46.26
CA PHE B 1316 3.52 -22.97 48.93
CA PRO B 1317 -0.13 -22.85 47.91
CA GLN B 1318 -0.50 -26.59 48.44
CA TRP B 1319 1.47 -27.42 51.58
CA HIS B 1320 -0.28 -24.68 53.55
CA ARG B 1321 -3.65 -25.72 52.14
CA LEU B 1322 -3.10 -29.15 53.67
CA TYR B 1323 -1.74 -27.62 56.87
CA VAL B 1324 -4.86 -25.56 57.57
CA ALA B 1325 -7.25 -28.25 56.34
CA GLN B 1326 -5.75 -30.63 58.91
CA VAL B 1327 -6.72 -28.34 61.79
CA GLU B 1328 -10.20 -27.74 60.42
CA ASN B 1329 -10.66 -31.51 60.35
CA ALA B 1330 -9.44 -31.74 63.94
CA LEU B 1331 -11.87 -29.03 65.02
CA LEU B 1332 -14.70 -30.95 63.36
CA LYS B 1333 -13.59 -33.95 65.41
CA MET B 1334 -13.68 -31.64 68.42
CA GLY B 1335 -17.36 -31.15 67.63
CA SER B 1336 -17.10 -27.73 65.99
CA SER B 1337 -20.60 -26.87 64.78
CA VAL B 1338 -19.20 -24.51 62.15
CA ALA B 1339 -16.42 -24.60 59.54
CA VAL B 1340 -13.24 -22.58 59.96
CA PRO B 1341 -14.06 -19.09 58.71
CA TYR B 1342 -11.71 -16.76 56.84
CA TRP B 1343 -10.69 -13.25 57.92
CA GLU B 1344 -11.23 -10.65 55.20
CA TRP B 1345 -7.98 -8.81 55.90
CA THR B 1346 -8.01 -7.70 52.27
CA ALA B 1347 -10.82 -5.28 53.10
CA PRO B 1348 -10.47 -1.95 54.91
CA ILE B 1349 -10.55 -2.51 58.67
CA ASP B 1350 -10.93 -0.02 61.51
CA HIS B 1351 -10.11 -2.51 64.26
CA LEU B 1352 -9.34 -6.22 64.65
CA PRO B 1353 -12.17 -8.75 64.68
CA GLY B 1354 -13.71 -9.30 68.11
CA LEU B 1355 -12.61 -12.93 68.15
CA ILE B 1356 -9.01 -11.73 67.94
CA ASP B 1357 -8.75 -8.49 69.89
CA ASP B 1358 -11.23 -9.39 72.63
CA ALA B 1359 -9.65 -10.67 75.84
CA THR B 1360 -12.96 -10.85 77.69
CA TYR B 1361 -15.70 -13.42 77.13
CA PHE B 1362 -18.87 -14.43 78.98
CA ASN B 1363 -21.12 -17.49 79.00
CA SER B 1364 -23.89 -19.34 80.83
CA ARG B 1365 -21.22 -20.99 82.97
CA GLN B 1366 -21.19 -20.29 86.71
CA GLN B 1367 -20.43 -16.61 87.35
CA ARG B 1368 -20.20 -16.10 83.59
CA TYR B 1369 -17.05 -17.18 81.75
CA ASP B 1370 -13.40 -16.71 82.69
CA PRO B 1371 -11.07 -16.33 79.71
CA ASN B 1372 -9.16 -18.03 78.51
CA PRO B 1373 -9.81 -15.54 75.72
CA PHE B 1374 -9.30 -18.25 73.11
CA PHE B 1375 -6.29 -16.28 71.90
CA ARG B 1376 -2.67 -17.41 72.14
CA GLY B 1377 -1.93 -19.82 74.97
CA LYS B 1378 1.59 -21.15 75.51
CA ILE B 1379 4.50 -22.75 73.68
CA SER B 1380 5.88 -25.72 75.63
CA PHE B 1381 9.11 -25.70 73.62
CA GLU B 1382 9.90 -22.16 74.75
CA ASN B 1383 7.98 -22.53 78.01
CA ALA B 1384 6.52 -19.09 77.33
CA VAL B 1385 3.45 -17.27 76.02
CA THR B 1386 3.40 -15.50 72.66
CA THR B 1387 2.45 -11.88 72.01
CA ARG B 1388 1.37 -9.43 69.31
CA ASP B 1389 2.39 -6.02 67.97
CA PRO B 1390 -0.02 -4.54 65.44
CA GLN B 1391 1.80 -1.88 63.43
CA GLU B 1392 0.08 1.51 63.36
CA GLU B 1393 -0.44 1.05 59.62
CA LEU B 1394 -3.03 -1.65 60.30
CA PHE B 1395 -5.60 -1.82 57.52
CA ASN B 1396 -6.25 1.88 56.88
CA SER B 1397 -4.77 2.49 53.42
CA GLU B 1398 -5.28 0.36 50.31
CA TYR B 1399 -1.84 -1.22 50.69
CA MET B 1400 -2.72 -4.92 50.59
CA GLN B 1401 -5.69 -4.16 48.35
CA ASN B 1402 -3.60 -2.89 45.45
CA ASN B 1403 -1.03 -5.61 46.04
CA VAL B 1404 -3.51 -8.48 45.81
CA LEU B 1405 -5.04 -6.95 42.69
CA LEU B 1406 -1.59 -6.65 41.13
CA ALA B 1407 -0.99 -10.34 41.86
CA LEU B 1408 -4.36 -11.46 40.50
CA GLU B 1409 -3.45 -9.85 37.18
CA GLN B 1410 -0.87 -12.61 36.75
CA ASP B 1411 -1.82 -15.38 34.34
CA ASN B 1412 0.94 -17.92 34.96
CA TYR B 1413 0.67 -20.18 38.00
CA CYS B 1414 4.26 -19.96 39.24
CA ASP B 1415 4.47 -16.25 38.42
CA PHE B 1416 1.31 -15.65 40.44
CA GLU B 1417 2.63 -17.94 43.18
CA ILE B 1418 5.76 -15.89 43.78
CA GLN B 1419 4.03 -12.53 43.35
CA PHE B 1420 1.17 -13.50 45.66
CA GLU B 1421 3.01 -15.19 48.51
CA LEU B 1422 5.18 -12.13 49.12
CA VAL B 1423 1.99 -10.12 49.54
CA HIS B 1424 0.60 -12.68 51.99
CA ASN B 1425 3.76 -12.36 54.08
CA ALA B 1426 2.96 -8.70 54.74
CA LEU B 1427 0.06 -9.74 56.96
CA HIS B 1428 2.12 -11.88 59.31
CA SER B 1429 4.66 -9.09 59.75
CA LEU B 1430 2.02 -6.36 60.02
CA LEU B 1431 0.50 -7.77 63.21
CA GLY B 1432 3.70 -9.45 64.39
CA GLY B 1433 5.64 -6.18 64.67
CA LYS B 1434 8.74 -6.36 66.86
CA GLY B 1435 7.52 -9.17 69.12
CA GLN B 1436 10.12 -11.84 69.87
CA TYR B 1437 7.36 -14.43 69.84
CA SER B 1438 4.90 -12.97 67.35
CA MET B 1439 3.43 -13.39 63.87
CA SER B 1440 6.61 -11.80 62.53
CA SER B 1441 8.60 -14.68 64.01
CA LEU B 1442 8.55 -17.41 61.37
CA ASP B 1443 9.60 -20.01 63.93
CA TYR B 1444 6.74 -19.34 66.31
CA SER B 1445 4.06 -17.82 64.07
CA ALA B 1446 2.24 -21.13 63.74
CA PHE B 1447 1.45 -21.30 67.46
CA ASP B 1448 -0.80 -18.25 67.23
CA PRO B 1449 -4.45 -19.11 66.60
CA VAL B 1450 -4.73 -16.08 64.33
CA PHE B 1451 -2.15 -17.74 62.10
CA PHE B 1452 -4.93 -19.97 60.78
CA LEU B 1453 -7.32 -17.07 60.22
CA HIS B 1454 -4.57 -15.54 58.07
CA HIS B 1455 -4.03 -18.63 55.94
CA ALA B 1456 -7.76 -19.36 55.87
CA ASN B 1457 -8.43 -16.34 53.67
CA THR B 1458 -5.16 -17.06 51.88
CA ASP B 1459 -6.69 -20.35 50.76
CA ARG B 1460 -9.76 -18.47 49.54
CA LEU B 1461 -7.56 -16.12 47.52
CA TRP B 1462 -5.89 -19.07 45.81
CA ALA B 1463 -9.33 -20.39 44.86
CA ILE B 1464 -10.40 -16.98 43.54
CA TRP B 1465 -7.45 -16.85 41.14
CA GLN B 1466 -8.10 -20.41 40.01
CA GLU B 1467 -11.70 -19.42 39.35
CA LEU B 1468 -10.44 -16.40 37.42
CA GLN B 1469 -8.26 -18.68 35.30
CA ARG B 1470 -11.33 -20.77 34.49
CA TYR B 1471 -13.13 -17.60 33.40
CA ARG B 1472 -10.14 -16.51 31.31
CA GLY B 1473 -10.22 -19.87 29.56
CA LEU B 1474 -6.71 -20.67 30.76
CA PRO B 1475 -5.22 -23.65 32.61
CA TYR B 1476 -6.48 -23.56 36.19
CA GLU B 1477 -6.45 -27.21 37.24
CA GLU B 1478 -2.72 -27.99 37.16
CA ALA B 1479 0.52 -26.07 36.65
CA ASN B 1480 2.70 -26.50 33.57
CA CYS B 1481 5.66 -24.93 35.41
CA ALA B 1482 7.82 -26.62 38.07
CA ILE B 1483 6.32 -29.97 37.06
CA ASN B 1484 8.96 -31.94 38.96
CA LEU B 1485 7.88 -30.39 42.26
CA MET B 1486 4.23 -31.27 41.64
CA HIS B 1487 5.03 -34.95 42.11
CA GLN B 1488 7.06 -34.59 45.30
CA PRO B 1489 5.81 -36.00 48.61
CA LEU B 1490 4.89 -33.33 51.15
CA MET B 1491 6.33 -33.83 54.62
CA PRO B 1492 5.28 -34.10 57.19
CA PHE B 1493 1.98 -34.89 55.48
CA SER B 1494 3.58 -37.84 53.69
CA ASP B 1495 4.47 -39.45 57.02
CA PRO B 1496 3.55 -43.13 57.05
CA ASN B 1497 1.86 -43.22 60.45
CA GLU B 1498 2.68 -39.86 62.03
CA ASN B 1499 0.06 -38.11 59.89
CA HIS B 1500 -3.06 -40.02 60.95
CA GLY B 1501 -5.19 -37.64 58.90
CA ASN B 1502 -6.79 -39.83 56.25
CA VAL B 1503 -7.70 -37.11 53.76
CA THR B 1504 -4.29 -35.47 54.18
CA LEU B 1505 -2.63 -38.81 53.47
CA LYS B 1506 -4.75 -39.16 50.34
CA HIS B 1507 -3.41 -35.84 49.09
CA SER B 1508 0.27 -35.90 50.02
CA LYS B 1509 1.41 -34.35 46.74
CA PRO B 1510 0.77 -30.97 45.12
CA GLN B 1511 -0.65 -32.70 42.05
CA ASP B 1512 -3.58 -33.73 44.24
CA CYS B 1513 -4.00 -30.53 46.23
CA PHE B 1514 -5.17 -28.34 43.35
CA ASP B 1515 -8.91 -28.93 43.50
CA TYR B 1516 -10.27 -27.70 46.83
CA ARG B 1517 -13.94 -28.24 45.99
CA ASN B 1518 -13.64 -31.88 45.00
CA ASN B 1519 -10.38 -33.33 46.31
CA PHE B 1520 -10.56 -31.64 49.72
CA GLY B 1521 -14.34 -31.52 49.61
CA TYR B 1522 -14.95 -28.00 50.94
CA LYS B 1523 -16.36 -24.78 49.47
CA TYR B 1524 -16.48 -21.02 50.19
CA ASP B 1525 -19.72 -19.06 50.77
CA ASN B 1526 -18.55 -16.85 47.90
CA LEU B 1527 -15.44 -15.87 45.94
CA GLU B 1528 -16.35 -12.20 45.51
CA PHE B 1529 -13.12 -10.33 46.20
CA HIS B 1530 -14.19 -6.93 47.50
CA HIS B 1531 -17.78 -7.90 46.74
CA LEU B 1532 -17.09 -8.31 43.02
CA SER B 1533 -18.12 -11.22 40.78
CA ILE B 1534 -15.54 -13.36 38.99
CA PRO B 1535 -16.34 -11.93 35.56
CA SER B 1536 -16.14 -8.38 36.90
CA LEU B 1537 -12.89 -9.01 38.77
CA ASP B 1538 -11.09 -10.02 35.57
CA ALA B 1539 -12.72 -7.09 33.76
CA THR B 1540 -11.31 -4.74 36.40
CA LEU B 1541 -7.85 -6.25 36.01
CA LYS B 1542 -8.05 -5.78 32.24
CA ALA B 1543 -9.07 -2.17 32.85
CA ARG B 1544 -5.95 -1.75 34.98
CA LYS B 1545 -3.84 -3.11 32.14
CA GLU B 1546 -4.91 -0.20 29.96
CA HIS B 1547 -3.21 2.54 31.99
CA ASP B 1548 0.55 2.81 31.56
CA ARG B 1549 2.27 1.60 34.73
CA VAL B 1550 5.78 1.50 36.20
CA PHE B 1551 7.01 -1.14 38.62
CA ALA B 1552 10.02 -1.96 40.79
CA GLY B 1553 11.50 -5.44 40.58
CA PHE B 1554 13.21 -7.32 43.41
CA LEU B 1555 15.31 -10.48 43.30
CA LEU B 1556 14.48 -11.84 46.73
CA HIS B 1557 15.94 -14.73 48.74
CA ASN B 1558 16.61 -16.18 52.18
CA ILE B 1559 18.27 -13.51 54.32
CA GLY B 1560 18.40 -15.57 57.50
CA THR B 1561 16.14 -13.16 59.36
CA SER B 1562 12.97 -11.06 59.24
CA ALA B 1563 13.23 -7.56 57.79
CA ASP B 1564 11.20 -4.78 56.18
CA ILE B 1565 12.49 -3.66 52.78
CA SER B 1566 11.61 -0.05 51.97
CA ILE B 1567 12.26 1.95 48.80
CA TYR B 1568 12.96 5.60 48.24
CA ILE B 1569 12.40 6.99 44.76
CA CYS B 1570 14.06 10.40 44.43
CA LEU B 1571 14.69 13.00 41.74
CA PRO B 1572 18.03 13.06 39.93
CA ASP B 1573 19.65 15.54 42.33
CA GLY B 1574 22.15 13.10 43.81
CA SER B 1575 20.46 13.08 47.21
CA GLY B 1576 23.00 12.03 49.82
CA GLY B 1577 20.54 9.93 51.83
CA ASN B 1578 16.78 9.76 52.20
CA ASP B 1579 15.60 13.08 50.80
CA CYS B 1580 12.18 14.41 51.77
CA SER B 1581 10.05 12.86 52.48
CA HIS B 1582 11.14 10.64 51.12
CA LYS B 1583 9.77 7.16 50.40
CA ALA B 1584 7.85 5.33 47.69
CA GLY B 1585 6.69 2.07 49.29
CA THR B 1586 7.82 -1.06 51.12
CA PHE B 1587 7.36 -4.81 51.51
CA TYR B 1588 7.96 -7.36 54.25
CA VAL B 1589 10.34 -10.32 54.30
CA LEU B 1590 9.75 -13.17 56.75
CA GLY B 1591 12.49 -15.50 57.97
CA GLY B 1592 13.93 -17.26 61.02
CA GLU B 1593 15.89 -20.30 62.20
CA THR B 1594 15.63 -23.80 60.76
CA GLU B 1595 14.76 -22.04 57.50
CA MET B 1596 15.53 -23.84 54.25
CA PRO B 1597 17.56 -21.51 52.05
CA PHE B 1598 15.71 -20.39 48.92
CA VAL B 1599 15.91 -18.01 45.96
CA PHE B 1600 12.89 -16.68 44.05
CA ASP B 1601 12.77 -17.30 40.30
CA ARG B 1602 10.90 -14.08 39.58
CA LEU B 1603 11.29 -10.37 40.31
CA TYR B 1604 8.77 -9.22 42.91
CA LYS B 1605 6.57 -6.60 41.25
CA PHE B 1606 5.81 -3.44 43.22
CA GLU B 1607 3.79 -0.62 41.67
CA ILE B 1608 5.53 2.76 41.87
CA THR B 1609 3.28 4.65 39.45
CA GLU B 1610 1.80 6.68 42.31
CA ALA B 1611 5.26 7.75 43.46
CA LEU B 1612 6.19 8.77 39.91
CA HIS B 1613 3.06 10.93 39.79
CA LYS B 1614 4.11 12.51 43.09
CA LEU B 1615 7.45 13.38 41.49
CA GLY B 1616 5.83 14.34 38.19
CA VAL B 1617 7.96 12.03 36.06
CA LYS B 1618 6.38 10.16 33.14
CA LEU B 1619 7.08 6.56 32.14
CA HIS B 1620 9.23 7.68 29.19
CA GLY B 1621 11.35 9.75 31.57
CA GLY B 1622 14.35 8.03 33.15
CA LEU B 1623 14.95 10.78 35.69
CA PHE B 1624 13.92 9.13 38.94
CA ASP B 1625 16.37 6.98 40.90
CA LEU B 1626 15.60 4.03 43.17
CA GLU B 1627 17.24 3.95 46.60
CA LEU B 1628 17.18 0.87 48.84
CA ASP B 1629 16.67 1.00 52.61
CA ILE B 1630 16.21 -2.16 54.67
CA VAL B 1631 15.42 -2.33 58.39
CA ALA B 1632 15.30 -5.54 60.42
CA TYR B 1633 12.44 -6.21 62.84
CA ASN B 1634 14.90 -6.51 65.73
CA GLY B 1635 16.76 -3.38 64.64
CA SER B 1636 19.82 -5.50 63.85
CA HIS B 1637 22.37 -5.23 61.05
CA LEU B 1638 21.51 -7.09 57.85
CA ASP B 1639 24.38 -8.57 55.85
CA SER B 1640 24.94 -7.14 52.37
CA HIS B 1641 23.71 -10.08 50.32
CA ILE B 1642 20.78 -8.14 48.90
CA PHE B 1643 20.68 -7.67 45.13
CA ASP B 1644 20.33 -4.20 43.60
CA PRO B 1645 16.64 -3.60 42.95
CA THR B 1646 15.70 -3.17 39.29
CA ILE B 1647 13.27 -0.87 37.49
CA ILE B 1648 10.70 -2.07 34.96
CA PHE B 1649 7.75 -0.58 33.08
CA GLU B 1650 4.62 -1.76 31.27
CA PRO B 1651 3.13 0.25 28.42
CA GLY B 1652 -0.42 -0.40 27.24
CA ILE B 1653 -0.15 -2.29 23.95
CA ASP B 1654 -2.22 -4.33 21.50
CA THR B 1655 -2.08 -6.19 18.20
CA HIS B 1656 -1.57 -4.57 14.80
CA VAL B 1657 -2.04 -5.19 11.08
CA LEU B 1658 0.69 -7.13 9.32
CA ASP B 1659 2.97 -4.85 7.29
CA HIS B 1660 4.31 -7.73 5.21
CA ASP B 1661 2.71 -8.58 1.86
CA ASN B 1662 1.14 -12.00 1.31
CA THR B 1663 3.80 -12.87 -1.26
CA GLU B 1664 7.46 -12.26 -0.45
CA GLU B 1665 10.24 -11.91 -3.05
CA ILE B 1666 8.67 -14.14 -3.98
CA LEU B 1667 12.08 -15.73 -4.57
CA VAL B 1668 15.60 -14.39 -5.12
CA ARG B 1669 18.42 -15.85 -7.22
CA LYS B 1670 21.34 -16.93 -5.04
CA ASN B 1671 24.90 -18.19 -5.39
CA ILE B 1672 25.01 -21.99 -5.50
CA ILE B 1673 27.89 -21.96 -3.01
CA ASP B 1674 25.75 -20.28 -0.36
CA LEU B 1675 22.59 -22.36 -0.76
CA SER B 1676 20.87 -23.33 2.50
CA PRO B 1677 20.04 -26.90 3.52
CA ARG B 1678 16.37 -26.19 2.82
CA GLU B 1679 17.16 -24.58 -0.54
CA ARG B 1680 19.38 -27.51 -1.47
CA VAL B 1681 16.94 -30.28 -0.59
CA SER B 1682 14.07 -28.44 -2.28
CA LEU B 1683 16.21 -27.77 -5.35
CA VAL B 1684 17.22 -31.41 -5.79
CA LYS B 1685 13.63 -32.58 -5.47
CA ALA B 1686 12.44 -30.00 -7.99
CA LEU B 1687 15.25 -31.02 -10.34
CA LYS B 1688 14.16 -34.65 -10.22
CA GLY B 1689 10.53 -33.74 -10.90
CA MET B 1690 11.45 -31.47 -13.80
CA GLN B 1691 13.86 -33.92 -15.42
CA ASN B 1692 11.28 -36.69 -15.07
CA ASP B 1693 8.47 -34.42 -16.23
CA ARG B 1694 7.28 -35.27 -19.74
CA SER B 1695 4.82 -32.39 -19.99
CA ALA B 1696 4.92 -29.45 -22.41
CA ASP B 1697 7.06 -27.52 -19.93
CA GLY B 1698 9.19 -30.47 -18.84
CA TYR B 1699 12.97 -30.18 -18.69
CA GLN B 1700 13.53 -31.65 -22.14
CA ALA B 1701 10.55 -29.89 -23.71
CA ILE B 1702 12.00 -26.58 -22.54
CA ALA B 1703 15.38 -27.57 -23.95
CA SER B 1704 13.60 -28.27 -27.24
CA PHE B 1705 12.83 -24.55 -27.32
CA HIS B 1706 16.54 -23.79 -27.57
CA ALA B 1707 17.70 -25.87 -30.53
CA LEU B 1708 16.30 -29.01 -32.14
CA PRO B 1709 14.11 -29.35 -33.81
CA PRO B 1710 14.55 -26.11 -35.75
CA LEU B 1711 11.34 -24.06 -35.71
CA CYS B 1712 12.59 -20.52 -36.42
CA PRO B 1713 10.69 -20.06 -39.71
CA ASN B 1714 7.44 -21.45 -38.31
CA PRO B 1715 5.45 -24.70 -38.19
CA SER B 1716 4.92 -24.89 -41.96
CA ALA B 1717 8.31 -23.54 -43.05
CA ALA B 1718 10.28 -25.78 -45.43
CA ASN B 1719 13.52 -24.92 -43.64
CA ARG B 1720 13.63 -23.93 -39.98
CA PHE B 1721 16.54 -22.64 -37.85
CA ALA B 1722 17.25 -23.05 -34.11
CA CYS B 1723 15.85 -20.53 -31.59
CA CYS B 1724 19.02 -19.73 -29.61
CA VAL B 1725 19.92 -16.12 -30.35
CA HIS B 1726 23.59 -15.71 -31.22
CA GLY B 1727 25.37 -12.79 -32.88
CA MET B 1728 22.29 -10.58 -32.53
CA ALA B 1729 21.28 -7.58 -30.42
CA THR B 1730 18.51 -9.55 -28.72
CA PHE B 1731 20.78 -12.10 -27.04
CA PRO B 1732 20.28 -10.43 -23.65
CA GLN B 1733 16.52 -10.56 -24.16
CA TRP B 1734 15.82 -14.01 -25.58
CA HIS B 1735 18.15 -15.74 -23.13
CA ARG B 1736 16.72 -13.73 -20.25
CA LEU B 1737 13.10 -14.59 -21.02
CA TYR B 1738 14.22 -18.16 -21.69
CA THR B 1739 15.74 -18.30 -18.22
CA VAL B 1740 12.56 -16.77 -16.84
CA GLN B 1741 10.56 -19.59 -18.40
CA PHE B 1742 12.80 -22.22 -16.83
CA GLN B 1743 12.66 -20.49 -13.45
CA ASP B 1744 8.86 -20.34 -13.62
CA ALA B 1745 8.90 -24.08 -14.23
CA LEU B 1746 11.03 -24.50 -11.11
CA ARG B 1747 8.31 -22.64 -9.23
CA ARG B 1748 5.77 -25.02 -10.77
CA HIS B 1749 7.88 -27.88 -9.39
CA GLY B 1750 7.74 -26.30 -5.95
CA SER B 1751 11.28 -24.90 -5.83
CA LEU B 1752 11.79 -23.06 -2.55
CA VAL B 1753 13.68 -20.17 -4.15
CA GLY B 1754 14.56 -18.84 -7.60
CA ILE B 1755 17.19 -20.43 -9.85
CA PRO B 1756 20.66 -20.32 -8.34
CA TYR B 1757 23.77 -19.15 -10.18
CA TRP B 1758 27.46 -20.07 -10.29
CA ASP B 1759 29.45 -16.84 -10.44
CA TRP B 1760 32.59 -17.46 -12.50
CA THR B 1761 33.81 -13.97 -11.61
CA LYS B 1762 35.34 -14.96 -8.28
CA PRO B 1763 38.32 -17.28 -7.91
CA VAL B 1764 37.40 -20.96 -8.30
CA SER B 1765 39.39 -23.94 -7.06
CA GLU B 1766 36.79 -26.57 -7.91
CA LEU B 1767 33.17 -27.19 -8.92
CA PRO B 1768 30.46 -26.28 -6.40
CA LYS B 1769 29.41 -29.15 -4.16
CA LEU B 1770 26.02 -29.03 -5.87
CA LEU B 1771 27.71 -30.11 -9.09
CA SER B 1772 29.81 -32.71 -7.28
CA ALA B 1773 26.85 -35.07 -6.91
CA GLU B 1774 27.43 -37.77 -7.35
CA THR B 1775 25.38 -38.26 -4.23
CA PHE B 1776 23.15 -36.31 -1.85
CA HIS B 1777 23.40 -36.89 1.89
CA ASP B 1778 20.85 -34.32 3.05
CA PRO B 1779 18.92 -33.94 5.01
CA ILE B 1780 19.07 -37.48 6.36
CA HIS B 1781 19.90 -39.54 3.28
CA ASN B 1782 22.91 -41.85 3.37
CA VAL B 1783 23.03 -41.69 0.61
CA ASN B 1784 20.53 -40.37 -1.93
CA VAL B 1785 21.21 -41.44 -5.52
CA SER B 1786 20.98 -37.78 -6.51
CA ASN B 1787 23.02 -37.08 -9.66
CA PRO B 1788 20.85 -34.15 -10.71
CA PHE B 1789 23.83 -32.60 -12.48
CA PHE B 1790 26.08 -35.63 -12.93
CA LYS B 1791 24.19 -36.70 -16.05
CA ALA B 1792 21.02 -36.19 -18.08
CA ASP B 1793 18.94 -37.91 -20.77
CA ILE B 1794 18.40 -36.37 -24.20
CA GLU B 1795 14.87 -36.45 -25.64
CA PHE B 1796 15.89 -35.82 -29.25
CA GLU B 1797 18.34 -38.72 -29.37
CA GLY B 1798 17.87 -40.71 -26.17
CA ASP B 1799 21.55 -40.65 -25.23
CA GLY B 1800 23.26 -39.44 -22.05
CA VAL B 1801 24.72 -35.95 -21.71
CA HIS B 1802 28.50 -35.77 -21.37
CA THR B 1803 30.78 -33.32 -19.58
CA GLU B 1804 34.55 -32.95 -19.98
CA ARG B 1805 35.99 -30.64 -17.33
CA ASP B 1806 39.62 -31.45 -18.09
CA ILE B 1807 40.39 -27.82 -18.90
CA GLN B 1808 42.89 -26.75 -16.24
CA PRO B 1809 42.43 -23.06 -17.00
CA ASP B 1810 38.94 -23.59 -15.57
CA PHE B 1811 40.29 -23.18 -12.05
CA LEU B 1812 43.21 -21.74 -10.08
CA PHE B 1813 46.19 -23.57 -11.53
CA HIS B 1814 47.87 -22.12 -9.74
CA SER B 1815 51.01 -20.87 -11.49
CA GLY B 1816 53.41 -19.29 -9.01
CA ASP B 1817 50.71 -17.56 -7.04
CA HIS B 1818 49.56 -15.38 -8.32
CA GLU B 1819 46.69 -17.83 -8.02
CA GLY B 1820 45.95 -17.11 -10.59
CA TYR B 1821 48.41 -15.61 -13.08
CA HIS B 1822 45.47 -14.14 -14.98
CA ASN B 1823 41.75 -13.85 -14.24
CA TRP B 1824 40.70 -14.33 -17.86
CA PHE B 1825 36.96 -14.44 -17.16
CA PHE B 1826 37.11 -11.49 -14.76
CA GLU B 1827 39.35 -9.48 -17.09
CA THR B 1828 36.91 -10.11 -19.94
CA VAL B 1829 33.99 -9.01 -17.78
CA LEU B 1830 35.95 -5.81 -17.13
CA LEU B 1831 36.36 -5.26 -20.87
CA ALA B 1832 32.59 -5.57 -21.21
CA LEU B 1833 31.79 -3.33 -18.23
CA GLU B 1834 33.97 -0.64 -19.82
CA GLN B 1835 31.20 0.48 -22.17
CA GLU B 1836 28.15 2.73 -22.33
CA ASP B 1837 26.68 1.85 -25.73
CA TYR B 1838 24.00 -0.83 -25.35
CA CYS B 1839 24.42 -2.63 -28.68
CA ASP B 1840 28.24 -2.42 -28.63
CA PHE B 1841 28.30 -3.66 -25.04
CA GLU B 1842 26.36 -6.73 -26.17
CA ILE B 1843 29.31 -7.63 -28.38
CA GLN B 1844 31.80 -8.05 -25.54
CA PHE B 1845 29.04 -9.19 -23.17
CA GLU B 1846 27.78 -11.94 -25.49
CA ILE B 1847 31.14 -13.18 -26.73
CA ALA B 1848 32.28 -13.75 -23.14
CA HIS B 1849 29.26 -16.02 -22.67
CA ASN B 1850 30.64 -18.58 -25.12
CA GLY B 1851 33.95 -18.93 -23.30
CA ILE B 1852 32.71 -21.10 -20.44
CA HIS B 1853 30.55 -23.37 -22.59
CA THR B 1854 33.49 -24.59 -24.67
CA TRP B 1855 35.47 -25.44 -21.54
CA ILE B 1856 32.55 -27.49 -20.22
CA GLY B 1857 31.82 -29.44 -23.40
CA GLY B 1858 35.47 -30.13 -24.19
CA SER B 1859 35.29 -32.50 -27.14
CA ALA B 1860 32.03 -34.22 -26.19
CA LYS B 1861 29.40 -34.90 -28.86
CA TYR B 1862 26.61 -34.15 -26.40
CA GLY B 1863 27.85 -31.23 -24.30
CA MET B 1864 27.98 -27.45 -24.03
CA GLY B 1865 30.36 -27.30 -26.99
CA HIS B 1866 27.59 -28.65 -29.21
CA LEU B 1867 24.88 -26.01 -29.57
CA HIS B 1868 22.35 -28.55 -30.79
CA TYR B 1869 22.34 -30.46 -27.51
CA ALA B 1870 23.94 -27.95 -25.15
CA SER B 1871 20.47 -27.15 -23.80
CA TYR B 1872 20.18 -30.65 -22.36
CA ASP B 1873 23.06 -29.99 -19.99
CA PRO B 1874 21.82 -29.36 -16.44
CA ILE B 1875 24.58 -26.78 -16.04
CA PHE B 1876 23.32 -24.92 -19.10
CA TYR B 1877 20.85 -22.94 -17.01
CA ILE B 1878 23.24 -22.37 -14.11
CA ARG B 1879 25.51 -20.53 -16.53
CA HIS B 1880 22.83 -18.34 -18.11
CA SER B 1881 21.43 -17.37 -14.71
CA GLN B 1882 24.78 -15.76 -13.96
CA THR B 1883 24.95 -14.24 -17.44
CA ASP B 1884 21.68 -12.42 -16.76
CA ARG B 1885 23.10 -11.34 -13.41
CA ILE B 1886 26.05 -9.75 -15.20
CA TRP B 1887 23.72 -7.90 -17.55
CA ALA B 1888 21.72 -6.64 -14.57
CA ILE B 1889 24.93 -5.32 -13.01
CA TRP B 1890 25.78 -3.31 -16.12
CA GLN B 1891 22.22 -1.98 -16.34
CA GLU B 1892 22.49 -0.58 -12.81
CA LEU B 1893 26.00 0.66 -13.59
CA GLN B 1894 24.56 2.71 -16.46
CA LYS B 1895 21.96 4.14 -14.08
CA TYR B 1896 24.82 5.05 -11.74
CA ARG B 1897 26.68 6.75 -14.59
CA GLY B 1898 23.55 8.73 -15.44
CA LEU B 1899 22.17 6.85 -18.44
CA SER B 1900 18.89 5.02 -18.91
CA GLY B 1901 19.99 1.40 -18.49
CA SER B 1902 16.59 0.16 -19.65
CA GLU B 1903 16.51 1.85 -23.05
CA ALA B 1904 18.25 1.54 -26.41
CA ASN B 1905 18.27 3.37 -29.75
CA CYS B 1906 19.87 0.53 -31.70
CA ALA B 1907 18.27 -2.37 -33.56
CA ILE B 1908 14.90 -1.03 -32.44
CA GLU B 1909 12.77 -2.91 -34.96
CA LEU B 1910 14.66 -6.07 -34.03
CA MET B 1911 13.76 -5.44 -30.40
CA ARG B 1912 10.17 -4.82 -31.48
CA THR B 1913 9.93 -8.20 -33.20
CA PRO B 1914 8.34 -10.65 -30.76
CA LEU B 1915 10.61 -13.41 -29.47
CA LYS B 1916 10.13 -16.94 -30.80
CA PRO B 1917 8.84 -19.29 -30.07
CA PHE B 1918 7.51 -17.29 -27.13
CA SER B 1919 5.14 -15.36 -29.39
CA PHE B 1920 3.65 -18.60 -30.73
CA GLY B 1921 1.97 -19.44 -27.43
CA ALA B 1922 0.34 -22.87 -27.23
CA PRO B 1923 1.27 -25.42 -27.76
CA TYR B 1924 4.82 -24.08 -27.69
CA ASN B 1925 4.38 -21.85 -24.65
CA LEU B 1926 1.72 -22.31 -21.99
CA ASN B 1927 3.20 -19.61 -19.73
CA SER B 1928 1.01 -16.52 -20.03
CA HIS B 1929 3.47 -14.57 -17.90
CA THR B 1930 6.07 -14.76 -20.65
CA GLN B 1931 3.49 -14.25 -23.38
CA GLU B 1932 2.85 -10.81 -21.88
CA PHE B 1933 6.55 -10.01 -22.35
CA SER B 1934 6.92 -11.40 -25.86
CA LYS B 1935 8.48 -8.13 -27.02
CA PRO B 1936 12.22 -7.86 -26.40
CA GLU B 1937 11.72 -4.21 -25.44
CA ASP B 1938 9.32 -5.31 -22.72
CA THR B 1939 11.95 -7.54 -21.13
CA PHE B 1940 14.32 -4.68 -20.38
CA ASP B 1941 13.29 -4.47 -16.72
CA TYR B 1942 14.10 -7.70 -14.91
CA LYS B 1943 11.91 -6.67 -11.98
CA LYS B 1944 8.75 -7.06 -14.06
CA PHE B 1945 9.29 -10.82 -14.02
CA GLY B 1946 8.98 -10.93 -10.24
CA TYR B 1947 12.51 -11.91 -9.25
CA ARG B 1948 15.63 -10.29 -7.80
CA TYR B 1949 19.27 -11.12 -7.12
CA ASP B 1950 20.79 -11.78 -3.70
CA ASN B 1951 23.40 -9.14 -4.55
CA LEU B 1952 24.76 -7.48 -7.68
CA GLU B 1953 28.47 -7.37 -6.88
CA LEU B 1954 31.79 -7.65 -8.72
CA GLU B 1955 34.08 -9.69 -6.47
CA GLY B 1956 32.42 -7.81 -3.61
CA ARG B 1957 32.62 -4.50 -5.46
CA SER B 1958 29.55 -2.27 -5.32
CA VAL B 1959 28.11 -0.50 -8.35
CA ALA B 1960 30.16 2.55 -7.40
CA HIS B 1961 33.25 0.40 -6.88
CA ILE B 1962 32.84 -1.06 -10.36
CA ASP B 1963 32.75 2.43 -11.87
CA GLU B 1964 35.93 3.23 -9.95
CA LEU B 1965 37.52 0.05 -11.29
CA ILE B 1966 36.69 1.22 -14.82
CA LYS B 1967 38.31 4.58 -14.14
CA GLU B 1968 41.40 2.73 -12.92
CA ARG B 1969 41.55 0.80 -16.19
CA GLN B 1970 41.02 4.10 -18.00
CA GLU B 1971 43.77 5.72 -15.93
CA HIS B 1972 46.41 4.59 -18.42
CA ASP B 1973 46.53 3.74 -22.12
CA GLY B 1974 46.65 0.29 -23.72
CA THR B 1975 46.38 -1.72 -26.94
CA PHE B 1976 43.41 -3.78 -28.11
CA ALA B 1977 43.35 -6.30 -30.96
CA GLY B 1978 40.11 -6.04 -32.94
CA PHE B 1979 38.80 -9.20 -34.58
CA LEU B 1980 35.96 -9.50 -37.11
CA LEU B 1981 33.59 -12.27 -36.03
CA LYS B 1982 31.88 -12.94 -39.36
CA GLY B 1983 30.13 -15.79 -37.57
CA PHE B 1984 30.56 -18.60 -40.10
CA GLY B 1985 31.56 -22.24 -39.68
CA THR B 1986 30.83 -24.40 -36.64
CA SER B 1987 31.85 -24.62 -32.98
CA ALA B 1988 35.56 -23.81 -32.96
CA THR B 1989 38.24 -22.18 -30.82
CA VAL B 1990 40.72 -19.55 -32.00
CA THR B 1991 44.14 -19.14 -30.38
CA LEU B 1992 46.10 -15.90 -30.60
CA LYS B 1993 49.88 -15.50 -30.79
CA ILE B 1994 51.88 -12.31 -31.36
CA CYS B 1995 55.33 -12.30 -32.99
CA ARG B 1996 58.06 -9.65 -33.38
CA ASP B 1997 59.10 -8.24 -36.77
CA ASP B 1998 61.48 -11.21 -36.75
CA TYR B 1999 60.23 -14.76 -36.25
CA THR B 2000 59.81 -15.07 -32.49
CA CYS B 2001 56.32 -15.03 -30.93
CA GLU B 2002 54.50 -15.26 -27.60
CA ASN B 2003 51.06 -16.60 -26.66
CA ALA B 2004 48.83 -13.53 -26.54
CA GLY B 2005 45.39 -14.93 -25.75
CA TYR B 2006 42.45 -16.87 -27.18
CA PHE B 2007 38.70 -16.94 -27.77
CA THR B 2008 35.99 -19.38 -28.86
CA VAL B 2009 32.79 -19.29 -30.91
CA LEU B 2010 30.10 -21.96 -30.71
CA GLY B 2011 27.43 -22.83 -33.28
CA GLY B 2012 25.89 -25.62 -35.36
CA SER B 2013 24.15 -26.28 -38.68
CA ALA B 2014 20.80 -25.25 -37.22
CA GLU B 2015 22.22 -21.85 -36.31
CA MET B 2016 21.01 -18.91 -38.40
CA PRO B 2017 23.81 -16.96 -40.07
CA TRP B 2018 25.04 -14.07 -37.93
CA ALA B 2019 27.75 -11.42 -37.61
CA PHE B 2020 28.82 -8.80 -35.07
CA ASP B 2021 28.63 -5.13 -36.06
CA ARG B 2022 31.90 -3.90 -34.56
CA LEU B 2023 35.30 -5.52 -34.07
CA TYR B 2024 35.72 -7.79 -31.05
CA LYS B 2025 38.40 -6.04 -28.99
CA TYR B 2026 40.82 -8.16 -26.98
CA ASP B 2027 43.26 -6.54 -24.56
CA ILE B 2028 46.83 -7.41 -25.57
CA THR B 2029 48.55 -4.78 -23.42
CA LYS B 2030 49.97 -7.20 -20.84
CA THR B 2031 51.25 -9.49 -23.58
CA LEU B 2032 53.07 -6.66 -25.34
CA ASP B 2033 54.48 -5.65 -21.96
CA HIS B 2034 56.01 -9.09 -21.56
CA MET B 2035 57.30 -8.83 -25.12
CA ASN B 2036 58.63 -5.36 -24.31
CA LEU B 2037 57.00 -3.84 -27.38
CA ARG B 2038 55.57 -0.38 -28.02
CA HIS B 2039 52.56 0.40 -30.23
CA GLU B 2040 55.05 2.12 -32.53
CA ASP B 2041 57.14 -1.05 -32.76
CA THR B 2042 56.66 -3.61 -35.53
CA PHE B 2043 54.72 -6.74 -34.58
CA TYR B 2044 52.13 -9.06 -36.13
CA ILE B 2045 49.09 -10.89 -34.78
CA ASN B 2046 48.61 -14.50 -35.86
CA GLY B 2047 45.52 -16.61 -35.19
CA THR B 2048 44.69 -20.31 -35.51
CA VAL B 2049 41.18 -21.77 -35.66
CA THR B 2050 40.50 -25.36 -34.59
CA ALA B 2051 37.14 -27.12 -34.41
CA TYR B 2052 36.04 -27.89 -30.86
CA ASP B 2053 35.96 -31.62 -31.59
CA GLY B 2054 37.44 -31.58 -35.09
CA THR B 2055 40.72 -30.53 -36.71
CA VAL B 2056 42.32 -27.29 -37.90
CA LEU B 2057 39.88 -25.16 -39.92
CA PRO B 2058 40.55 -22.88 -42.88
CA GLY B 2059 42.60 -19.83 -41.86
CA ASP B 2060 40.29 -17.76 -44.06
CA LEU B 2061 37.86 -17.94 -41.13
CA ILE B 2062 40.15 -15.49 -39.34
CA PRO B 2063 40.25 -12.03 -40.90
CA PRO B 2064 43.43 -9.97 -40.55
CA ALA B 2065 43.68 -8.65 -36.98
CA SER B 2066 43.26 -4.92 -36.42
CA ILE B 2067 45.74 -3.35 -33.99
CA ILE B 2068 43.78 -0.65 -32.16
CA PHE B 2069 45.88 1.50 -29.82
CA VAL B 2070 43.90 3.64 -27.38
CA PRO B 2071 45.96 6.65 -26.23
CA GLY B 2072 43.24 8.69 -24.52
CA ARG B 2073 42.30 10.08 -21.12
CA HIS B 2074 39.04 11.76 -20.10
CA ASN B 2075 40.86 14.32 -17.97
CA LEU B 2076 40.34 16.89 -17.44
CA ASN B 2077 42.73 15.17 -15.08
CA SER B 2078 41.23 13.64 -11.94
CA ARG B 2079 42.60 11.06 -9.48
CA LYS B 2080 40.73 8.20 -7.83
CA HIS B 2081 40.64 8.85 -4.09
CA THR B 2082 41.63 6.19 -1.58
CA PRO B 2083 41.00 6.75 2.13
CA ASN B 2084 44.77 6.35 2.56
CA LYS B 2085 47.24 7.63 2.62
CA ILE B 2086 45.69 11.06 3.18
CA ARG B 2087 48.10 13.83 4.18
CA HIS B 2088 46.92 16.56 6.55
CA GLU B 2089 48.17 19.82 8.07
CA LEU B 2090 49.81 19.79 11.49
CA THR B 2091 47.08 22.13 12.73
CA SER B 2092 44.28 20.10 11.12
CA LEU B 2093 45.22 16.96 13.04
CA SER B 2094 43.04 15.69 15.89
CA SER B 2095 44.37 14.93 19.37
CA ARG B 2096 44.24 11.22 18.51
CA ASP B 2097 46.08 11.88 15.25
CA VAL B 2098 48.87 13.64 17.14
CA ALA B 2099 49.14 10.80 19.66
CA SER B 2100 49.38 8.21 16.89
CA LEU B 2101 52.12 10.08 15.05
CA LYS B 2102 54.12 10.57 18.26
CA ALA B 2103 53.91 6.88 19.14
CA ALA B 2104 54.96 5.78 15.66
CA LEU B 2105 57.96 8.11 15.71
CA THR B 2106 59.02 6.73 19.09
CA SER B 2107 58.92 3.15 17.80
CA LEU B 2108 60.87 4.05 14.66
CA GLN B 2109 63.59 5.71 16.73
CA LYS B 2110 63.67 2.73 19.10
CA ASP B 2111 64.05 0.46 16.09
CA ASP B 2112 67.74 -0.34 15.68
CA GLY B 2113 67.33 -2.74 12.76
CA PRO B 2114 67.54 -2.24 9.00
CA ASN B 2115 64.40 -0.11 9.24
CA GLY B 2116 65.77 1.92 12.13
CA TYR B 2117 65.27 5.69 12.11
CA GLN B 2118 69.03 6.20 12.27
CA ALA B 2119 69.51 3.81 9.34
CA ILE B 2120 66.96 5.81 7.37
CA ALA B 2121 68.72 9.10 8.07
CA ALA B 2122 71.96 7.64 6.73
CA PHE B 2123 70.29 7.43 3.32
CA HIS B 2124 70.32 11.23 3.18
CA GLY B 2125 73.45 12.73 4.74
CA LEU B 2126 76.20 11.27 6.92
CA PRO B 2127 77.61 8.90 7.21
CA ALA B 2128 78.12 8.95 3.45
CA GLN B 2129 77.71 5.62 1.67
CA CYS B 2130 77.83 6.92 -1.92
CA HIS B 2131 80.99 7.61 -3.92
CA ASP B 2132 81.89 10.17 -6.57
CA THR B 2133 83.33 9.51 -10.04
CA SER B 2134 86.77 10.25 -8.60
CA GLY B 2135 85.92 8.25 -5.49
CA HIS B 2136 85.70 9.76 -2.00
CA GLN B 2137 82.56 9.28 0.09
CA ILE B 2138 79.95 11.92 -0.75
CA ALA B 2139 76.39 12.62 0.37
CA CYS B 2140 73.90 10.21 -1.19
CA CYS B 2141 71.21 12.91 -1.03
CA ILE B 2142 70.50 14.47 -4.43
CA HIS B 2143 70.23 18.22 -3.91
CA GLY B 2144 70.74 21.10 -6.34
CA MET B 2145 69.43 19.01 -9.23
CA ALA B 2146 66.28 18.84 -11.36
CA THR B 2147 65.53 15.53 -9.64
CA PHE B 2148 65.30 17.28 -6.26
CA PRO B 2149 61.52 16.88 -6.10
CA HIS B 2150 61.88 13.28 -7.24
CA TRP B 2151 64.54 12.13 -4.78
CA HIS B 2152 62.91 13.62 -1.69
CA ARG B 2153 59.53 12.33 -2.82
CA LEU B 2154 60.87 8.79 -2.59
CA TYR B 2155 62.64 9.61 0.67
CA THR B 2156 59.36 10.63 2.32
CA LEU B 2157 57.64 7.60 0.82
CA GLN B 2158 60.09 5.32 2.62
CA LEU B 2159 59.22 6.97 5.93
CA GLU B 2160 55.50 6.54 5.22
CA TRP B 2161 55.99 2.78 4.92
CA ALA B 2162 58.51 2.68 7.76
CA LEU B 2163 55.92 4.21 10.09
CA ALA B 2164 53.28 1.87 8.68
CA LYS B 2165 55.52 -0.96 9.89
CA HIS B 2166 55.04 0.52 13.37
CA GLY B 2167 51.28 0.79 12.96
CA SER B 2168 51.15 4.52 12.28
CA SER B 2169 47.49 5.42 11.75
CA VAL B 2170 48.58 8.84 10.53
CA ALA B 2171 50.43 9.66 7.30
CA VAL B 2172 53.24 12.21 7.35
CA PRO B 2173 51.55 15.57 7.89
CA TYR B 2174 52.75 18.82 6.31
CA TRP B 2175 53.56 22.21 7.81
CA ASP B 2176 51.98 25.15 6.00
CA TRP B 2177 54.59 27.75 6.96
CA THR B 2178 53.38 29.84 4.02
CA ARG B 2179 50.56 31.18 6.19
CA PRO B 2180 51.49 34.10 8.42
CA ILE B 2181 52.42 32.77 11.86
CA THR B 2182 53.80 34.17 15.12
CA GLU B 2183 55.28 30.94 16.46
CA LEU B 2184 56.24 27.38 15.52
CA PRO B 2185 53.60 24.65 15.68
CA HIS B 2186 53.17 23.49 19.28
CA ILE B 2187 53.19 19.94 17.95
CA LEU B 2188 56.94 20.37 17.44
CA THR B 2189 57.46 20.58 21.19
CA ASP B 2190 54.56 20.09 23.59
CA GLY B 2191 55.85 18.56 26.82
CA GLU B 2192 56.99 17.96 29.36
CA TYR B 2193 54.48 15.13 30.00
CA TYR B 2194 53.73 15.86 27.33
CA ASP B 2195 51.07 14.44 27.71
CA PHE B 2196 50.00 11.46 29.84
CA TRP B 2197 50.81 7.75 30.06
CA GLN B 2198 48.79 5.20 28.09
CA ASP B 2199 50.43 4.28 30.13
CA ALA B 2200 52.96 4.76 27.34
CA VAL B 2201 54.08 4.71 29.88
CA MET B 2202 55.59 8.17 30.42
CA PRO B 2203 57.93 9.65 30.33
CA ASN B 2204 58.56 9.80 26.58
CA PRO B 2205 60.77 12.45 24.99
CA PHE B 2206 58.96 11.94 21.68
CA SER B 2207 60.35 14.46 19.20
CA ARG B 2208 62.66 15.90 19.98
CA GLY B 2209 65.50 14.19 18.10
CA HIS B 2210 68.80 12.34 18.46
CA VAL B 2211 71.89 11.50 16.42
CA LYS B 2212 73.43 8.06 16.90
CA PHE B 2213 76.33 8.08 14.45
CA GLU B 2214 77.58 11.44 15.71
CA ASN B 2215 76.87 10.46 19.31
CA THR B 2216 74.89 13.59 20.16
CA PHE B 2217 71.44 15.18 20.24
CA THR B 2218 69.84 17.33 17.54
CA VAL B 2219 69.88 21.11 17.90
CA ARG B 2220 67.97 23.90 16.16
CA ASN B 2221 66.54 27.40 16.40
CA VAL B 2222 66.21 28.80 18.79
CA ARG B 2223 65.36 31.48 16.24
CA LYS B 2224 66.71 35.02 15.95
CA ALA B 2225 64.82 37.77 17.78
CA LEU B 2226 61.46 37.82 16.00
CA PHE B 2227 63.11 35.97 13.13
CA LYS B 2228 60.74 36.66 10.23
CA LEU B 2229 57.27 35.88 11.56
CA SER B 2230 55.61 39.24 12.22
CA PRO B 2231 54.46 40.57 8.84
CA ILE B 2232 56.09 41.21 6.70
CA GLY B 2233 52.70 41.31 5.01
CA LYS B 2234 50.08 40.59 4.45
CA HIS B 2235 50.81 38.70 2.57
CA SER B 2236 53.98 37.01 3.83
CA VAL B 2237 57.24 37.14 1.88
CA LEU B 2238 57.26 33.35 1.62
CA PHE B 2239 53.73 33.54 0.22
CA ASP B 2240 54.97 35.94 -2.45
CA GLN B 2241 57.83 33.56 -3.22
CA ALA B 2242 55.33 30.73 -3.52
CA LEU B 2243 53.52 32.73 -6.21
CA LEU B 2244 56.81 33.33 -8.01
CA ALA B 2245 57.27 29.57 -8.20
CA LEU B 2246 53.70 29.01 -9.40
CA GLU B 2247 54.26 31.66 -12.06
CA GLN B 2248 56.67 29.26 -13.78
CA THR B 2249 55.56 27.26 -16.79
CA ASP B 2250 58.44 24.94 -17.68
CA TYR B 2251 59.72 22.10 -15.49
CA CYS B 2252 63.30 23.30 -15.01
CA ASP B 2253 62.12 26.91 -14.66
CA PHE B 2254 59.81 25.76 -11.86
CA GLU B 2255 62.84 24.02 -10.35
CA VAL B 2256 64.81 27.26 -10.19
CA GLN B 2257 62.16 28.77 -7.93
CA PHE B 2258 60.90 25.55 -6.37
CA GLU B 2259 64.02 24.15 -4.73
CA VAL B 2260 65.58 27.48 -3.77
CA MET B 2261 62.46 28.69 -1.97
CA HIS B 2262 62.20 25.40 -0.08
CA ASN B 2263 65.79 25.83 1.08
CA THR B 2264 64.76 28.87 3.12
CA ILE B 2265 63.19 27.13 6.11
CA HIS B 2266 66.30 24.98 6.52
CA TYR B 2267 68.19 28.07 7.66
CA LEU B 2268 65.20 29.64 9.40
CA ILE B 2269 65.08 26.60 11.69
CA GLY B 2270 68.64 25.28 11.46
CA GLY B 2271 70.28 28.48 12.69
CA ARG B 2272 74.02 28.78 13.33
CA GLN B 2273 74.31 25.38 14.98
CA THR B 2274 76.78 22.59 14.21
CA TYR B 2275 74.18 19.81 13.97
CA ALA B 2276 71.04 21.40 12.52
CA PHE B 2277 69.03 21.96 9.34
CA SER B 2278 71.66 24.43 8.15
CA SER B 2279 73.97 21.42 8.07
CA LEU B 2280 72.89 19.31 5.10
CA HIS B 2281 74.87 16.39 6.52
CA TYR B 2282 72.78 16.22 9.69
CA ALA B 2283 69.53 17.85 8.61
CA SER B 2284 67.87 14.49 8.04
CA TYR B 2285 68.31 13.40 11.65
CA ASP B 2286 65.58 15.80 12.76
CA PRO B 2287 62.10 14.33 12.25
CA ILE B 2288 60.94 17.82 11.32
CA PHE B 2289 63.00 17.36 8.17
CA PHE B 2290 60.15 15.28 6.76
CA ILE B 2291 57.54 17.69 8.10
CA HIS B 2292 59.20 20.34 5.96
CA HIS B 2293 59.72 18.29 2.81
CA SER B 2294 56.22 16.85 3.04
CA PHE B 2295 54.87 20.33 2.35
CA VAL B 2296 57.54 20.73 -0.31
CA ASP B 2297 55.98 17.66 -1.94
CA LYS B 2298 52.52 19.20 -1.69
CA ILE B 2299 53.58 22.39 -3.48
CA TRP B 2300 55.00 20.42 -6.42
CA ALA B 2301 51.68 18.61 -6.85
CA ILE B 2302 49.74 21.88 -6.70
CA TRP B 2303 51.88 23.37 -9.46
CA GLU B 2304 51.16 20.34 -11.64
CA GLU B 2305 47.47 20.84 -10.94
CA LEU B 2306 47.75 24.44 -12.11
CA GLN B 2307 49.57 23.17 -15.19
CA SER B 2308 46.54 20.97 -15.88
CA ARG B 2309 44.33 24.05 -15.58
CA ARG B 2310 46.78 25.81 -17.89
CA HIS B 2311 46.59 22.91 -20.33
CA LEU B 2312 50.38 22.59 -20.39
CA GLN B 2313 52.77 19.63 -20.31
CA PHE B 2314 53.45 18.47 -16.75
CA ASN B 2315 52.96 14.70 -16.90
CA GLY B 2316 56.63 14.24 -17.77
CA ALA B 2317 59.68 16.45 -18.23
CA ASP B 2318 61.16 17.98 -21.39
CA CYS B 2319 64.44 19.22 -19.86
CA ALA B 2320 66.98 17.11 -17.93
CA VAL B 2321 66.36 14.11 -20.17
CA SER B 2322 69.46 12.29 -18.94
CA LEU B 2323 68.47 12.80 -15.31
CA MET B 2324 65.05 11.34 -16.12
CA SER B 2325 66.66 8.28 -17.70
CA LYS B 2326 69.18 7.79 -14.89
CA ALA B 2327 68.45 5.46 -11.98
CA MET B 2328 67.72 6.91 -8.54
CA ARG B 2329 70.39 6.49 -5.87
CA PRO B 2330 70.76 5.27 -3.40
CA PHE B 2331 67.24 3.97 -3.97
CA ASN B 2332 68.68 1.53 -6.49
CA LYS B 2333 71.50 0.45 -4.16
CA ASP B 2334 71.90 -2.53 -1.85
CA PHE B 2335 71.32 -0.25 1.13
CA ASN B 2336 67.66 0.08 0.14
CA HIS B 2337 65.28 -2.80 0.91
CA ASN B 2338 61.97 -1.01 0.42
CA PRO B 2339 59.92 -2.85 -2.21
CA PHE B 2340 57.99 0.27 -3.17
CA THR B 2341 60.93 2.57 -3.85
CA LYS B 2342 62.72 -0.40 -5.39
CA LYS B 2343 59.95 -0.41 -7.98
CA HIS B 2344 59.78 3.37 -8.34
CA ALA B 2345 63.52 3.93 -8.79
CA VAL B 2346 63.07 6.26 -11.76
CA PRO B 2347 61.84 9.84 -12.07
CA ASN B 2348 59.58 8.74 -14.90
CA THR B 2349 57.13 7.23 -12.42
CA LEU B 2350 57.62 9.83 -9.69
CA PHE B 2351 55.64 12.60 -11.38
CA ASP B 2352 52.10 11.70 -10.34
CA TYR B 2353 51.66 11.53 -6.57
CA GLU B 2354 48.70 9.24 -7.20
CA ASP B 2355 51.05 6.53 -8.42
CA LEU B 2356 52.64 6.34 -4.97
CA GLY B 2357 49.25 5.65 -3.42
CA TYR B 2358 48.54 8.83 -1.46
CA ASN B 2359 46.83 12.21 -1.74
CA TYR B 2360 46.31 15.51 0.09
CA ASP B 2361 43.27 16.65 2.07
CA ASN B 2362 43.32 19.88 0.08
CA LEU B 2363 45.08 21.78 -2.71
CA GLU B 2364 44.43 25.27 -1.34
CA ILE B 2365 47.31 27.57 -0.47
CA SER B 2366 46.69 30.06 2.34
CA GLY B 2367 42.96 29.43 1.90
CA LEU B 2368 43.09 30.05 -1.85
CA ASN B 2369 41.61 27.57 -4.31
CA LEU B 2370 43.34 26.62 -7.56
CA LYS B 2371 41.20 29.14 -9.45
CA GLU B 2372 41.77 31.83 -6.84
CA ILE B 2373 45.52 31.22 -6.92
CA GLU B 2374 45.66 31.54 -10.70
CA ALA B 2375 43.57 34.70 -10.48
CA LEU B 2376 46.02 36.27 -8.03
CA ILE B 2377 48.92 35.19 -10.24
CA ALA B 2378 47.21 36.89 -13.18
CA LYS B 2379 46.84 40.01 -11.05
CA ARG B 2380 50.62 39.90 -10.61
CA LYS B 2381 51.18 39.31 -14.32
CA SER B 2382 49.01 42.29 -15.23
CA HIS B 2383 51.56 44.60 -13.61
CA ALA B 2384 55.00 45.33 -15.08
CA ARG B 2385 57.74 44.21 -12.71
CA VAL B 2386 61.51 44.33 -12.19
CA PHE B 2387 63.55 41.37 -10.99
CA ALA B 2388 67.07 40.60 -9.81
CA GLY B 2389 69.07 37.70 -11.25
CA PHE B 2390 71.82 35.58 -9.70
CA LEU B 2391 73.49 32.31 -10.70
CA LEU B 2392 73.23 29.80 -7.86
CA PHE B 2393 75.78 27.01 -7.45
CA GLY B 2394 77.61 24.79 -4.97
CA ILE B 2395 80.07 26.59 -2.69
CA GLY B 2396 81.12 23.65 -0.53
CA THR B 2397 79.05 24.78 2.46
CA SER B 2398 75.87 26.47 3.65
CA ALA B 2399 75.65 30.26 3.44
CA ASP B 2400 73.08 33.00 3.99
CA ILE B 2401 73.48 35.92 1.58
CA HIS B 2402 71.85 39.25 2.38
CA LEU B 2403 71.35 41.80 -0.40
CA ASP B 2404 70.00 45.34 -0.81
CA ILE B 2405 69.33 47.96 -3.46
CA CYS B 2406 71.53 51.06 -3.19
CA LYS B 2407 71.90 54.36 -5.05
CA THR B 2408 75.07 56.10 -6.23
CA SER B 2409 75.36 57.49 -2.71
CA ASP B 2410 75.46 53.90 -1.46
CA GLY B 2411 72.27 54.57 0.49
CA CYS B 2412 70.65 51.25 1.41
CA HIS B 2413 67.08 49.96 1.03
CA HIS B 2414 66.28 46.51 2.43
CA ALA B 2415 65.74 44.23 -0.56
CA GLY B 2416 65.78 40.82 1.13
CA VAL B 2417 67.91 37.73 1.75
CA LEU B 2418 68.68 34.51 -0.11
CA PHE B 2419 69.75 31.12 1.23
CA ILE B 2420 72.18 28.44 0.07
CA LEU B 2421 71.99 24.95 1.56
CA GLY B 2422 74.91 22.53 1.28
CA GLY B 2423 77.65 20.70 3.17
CA SER B 2424 81.27 19.54 3.17
CA ALA B 2425 80.98 16.26 1.29
CA GLU B 2426 78.69 17.69 -1.38
CA MET B 2427 78.73 16.83 -5.07
CA HIS B 2428 79.41 19.68 -7.50
CA TRP B 2429 76.08 21.21 -8.51
CA ALA B 2430 74.81 24.35 -10.24
CA TYR B 2431 71.64 25.79 -11.79
CA ASN B 2432 71.38 25.82 -15.58
CA ARG B 2433 69.47 29.11 -15.37
CA LEU B 2434 69.75 32.11 -13.06
CA TYR B 2435 67.52 32.49 -10.01
CA LYS B 2436 64.94 35.28 -10.24
CA TYR B 2437 63.99 37.42 -7.26
CA ASP B 2438 61.29 40.10 -7.20
CA ILE B 2439 62.75 43.49 -6.28
CA THR B 2440 59.88 45.65 -7.54
CA GLU B 2441 58.81 46.76 -4.07
CA ALA B 2442 62.18 48.24 -3.14
CA LEU B 2443 62.49 49.90 -6.55
CA HIS B 2444 59.10 51.47 -5.93
CA GLU B 2445 60.37 52.80 -2.60
CA PHE B 2446 63.15 54.50 -4.56
CA GLY B 2447 60.95 55.42 -7.51
CA ILE B 2448 63.31 53.89 -10.05
CA ASN B 2449 62.84 53.20 -13.75
CA PRO B 2450 65.03 51.12 -16.07
CA GLU B 2451 66.73 54.17 -17.55
CA ASP B 2452 67.80 55.56 -14.18
CA VAL B 2453 71.26 55.19 -12.62
CA PHE B 2454 71.15 52.81 -9.66
CA HIS B 2455 72.63 49.69 -8.08
CA ALA B 2456 69.78 47.19 -7.85
CA ASP B 2457 70.34 43.43 -7.78
CA GLU B 2458 70.60 40.54 -5.31
CA ALA B 2459 72.98 38.18 -3.54
CA PHE B 2460 76.33 39.86 -4.17
CA PHE B 2461 77.32 43.26 -5.56
CA LEU B 2462 76.50 45.87 -5.10
CA LYS B 2463 75.65 44.48 -1.67
CA VAL B 2464 78.03 41.62 -0.88
CA SER B 2465 76.91 40.01 2.39
CA VAL B 2466 77.50 36.26 2.21
CA VAL B 2467 77.61 34.96 5.78
CA ALA B 2468 78.42 31.27 6.24
CA VAL B 2469 76.83 29.16 8.96
CA ASP B 2470 80.21 29.47 10.67
CA GLY B 2471 79.42 33.17 11.03
CA THR B 2472 82.10 34.34 8.62
CA VAL B 2473 81.66 36.58 5.57
CA LEU B 2474 82.93 34.68 2.55
CA PRO B 2475 85.14 36.06 -0.23
CA PRO B 2476 83.19 38.08 -2.80
CA SER B 2477 85.03 36.10 -5.47
CA LEU B 2478 82.98 33.09 -4.39
CA LEU B 2479 79.82 34.57 -5.88
CA HIS B 2480 78.98 35.27 -9.52
CA GLU B 2481 78.51 38.63 -11.22
CA PRO B 2482 75.02 39.94 -10.51
CA THR B 2483 72.29 40.38 -13.12
CA ILE B 2484 69.43 42.85 -13.48
CA LEU B 2485 66.24 41.60 -15.12
CA TYR B 2486 63.31 43.64 -16.42
CA GLU B 2487 59.77 42.49 -17.12
CA PRO B 2488 57.99 45.45 -18.71
CA GLY B 2489 54.74 45.29 -20.65
CA VAL B 2490 53.74 41.99 -19.04
CA GLY B 2491 50.09 40.94 -18.88
CA HIS B 2492 47.25 40.36 -21.33
CA HIS B 2493 43.45 40.09 -21.42
CA GLU B 2494 43.74 36.62 -22.97
CA ASP B 2495 40.77 34.41 -23.85
CA HIS B 2496 37.69 36.58 -23.31
CA GLU B 2497 35.33 33.62 -22.93
CA SER B 2498 33.28 34.53 -25.99
CA GLY B 2499 30.14 32.38 -25.93
CA SER B 2500 30.58 30.69 -29.31
CA LEU B 2501 27.09 29.20 -28.98
CA ALA B 2502 24.05 28.57 -31.18
CA GLY B 2503 22.07 27.95 -33.03
CA SER B 2504 19.46 25.24 -32.49
CA GLY B 2505 15.96 25.77 -33.83
CA VAL B 2506 12.80 23.97 -32.79
CA ARG B 2507 9.18 24.63 -31.88
CA LYS B 2508 7.81 22.92 -28.77
CA ASP B 2509 4.42 22.54 -27.11
CA VAL B 2510 3.94 25.11 -24.36
CA ASN B 2511 2.65 22.37 -22.08
CA THR B 2512 5.93 20.47 -22.25
CA LEU B 2513 8.29 23.40 -21.71
CA THR B 2514 10.99 23.11 -19.07
CA THR B 2515 11.66 25.49 -16.18
CA ALA B 2516 14.82 26.83 -17.82
CA GLU B 2517 13.00 27.25 -21.14
CA THR B 2518 10.21 29.17 -19.40
CA GLU B 2519 12.82 31.40 -17.75
CA ASN B 2520 14.43 32.02 -21.14
CA LEU B 2521 11.03 32.91 -22.62
CA ARG B 2522 10.19 35.33 -19.82
CA LYS B 2523 13.60 37.00 -19.97
CA ALA B 2524 13.63 37.26 -23.77
CA LEU B 2525 10.02 38.43 -23.95
CA ARG B 2526 10.69 40.98 -21.21
CA GLY B 2527 13.65 42.22 -23.27
CA VAL B 2528 11.70 42.61 -26.51
CA LYS B 2529 8.75 44.18 -24.70
CA GLU B 2530 11.06 46.70 -23.06
CA ASP B 2531 12.80 47.15 -26.42
CA HIS B 2532 11.71 50.48 -27.89
CA GLY B 2533 13.68 50.01 -31.12
CA TYR B 2534 12.60 48.86 -34.58
CA ASN B 2535 12.49 45.24 -33.42
CA GLY B 2536 10.42 45.94 -30.31
CA PHE B 2537 7.38 43.87 -29.36
CA GLN B 2538 4.93 46.73 -29.89
CA ALA B 2539 6.88 47.82 -32.98
CA ILE B 2540 6.30 44.38 -34.48
CA ALA B 2541 2.65 44.49 -33.44
CA ALA B 2542 2.41 47.78 -35.33
CA PHE B 2543 3.32 45.74 -38.41
CA HIS B 2544 0.15 43.72 -37.83
CA GLY B 2545 -2.60 46.08 -36.68
CA LYS B 2546 -2.87 49.59 -35.26
CA PRO B 2547 -1.44 51.92 -35.73
CA ALA B 2548 -1.57 51.14 -39.45
CA MET B 2549 1.84 51.74 -41.03
CA CYS B 2550 0.74 50.75 -44.55
CA PRO B 2551 -1.38 52.73 -47.05
CA MET B 2552 -3.81 51.52 -49.74
CA ALA B 2553 -3.90 52.45 -53.43
CA ASP B 2554 -6.79 54.59 -52.24
CA GLY B 2555 -3.91 56.04 -50.22
CA HIS B 2556 -5.19 55.27 -46.74
CA ASN B 2557 -3.12 53.40 -44.14
CA LEU B 2558 -4.84 50.06 -43.62
CA SER B 2559 -4.11 47.19 -41.27
CA CYS B 2560 -1.00 45.47 -42.55
CA CYS B 2561 -2.17 42.03 -41.48
CA THR B 2562 -3.88 39.66 -43.91
CA HIS B 2563 -7.39 38.26 -43.51
CA GLY B 2564 -9.90 36.69 -45.89
CA MET B 2565 -7.17 36.06 -48.46
CA ALA B 2566 -5.43 32.99 -49.88
CA THR B 2567 -2.11 34.45 -48.73
CA PHE B 2568 -3.33 34.17 -45.14
CA PRO B 2569 -1.25 31.02 -44.65
CA HIS B 2570 1.86 32.80 -45.89
CA TRP B 2571 1.64 36.21 -44.21
CA HIS B 2572 1.51 34.91 -40.65
CA ARG B 2573 4.33 32.45 -41.30
CA LEU B 2574 6.51 35.40 -42.23
CA TYR B 2575 5.19 37.39 -39.27
CA THR B 2576 6.10 34.74 -36.71
CA LYS B 2577 9.51 34.51 -38.38
CA GLN B 2578 10.18 38.09 -37.29
CA MET B 2579 8.72 37.42 -33.84
CA GLU B 2580 11.07 34.46 -33.45
CA GLY B 2581 14.12 36.36 -34.70
CA ALA B 2582 13.27 39.20 -32.32
CA LEU B 2583 13.57 36.92 -29.30
CA LYS B 2584 16.74 35.38 -30.73
CA ALA B 2585 18.16 38.90 -30.93
CA HIS B 2586 17.55 39.15 -27.18
CA GLY B 2587 19.58 36.00 -26.60
CA SER B 2588 16.67 33.56 -26.36
CA HIS B 2589 17.85 29.95 -26.13
CA VAL B 2590 14.55 28.72 -27.55
CA GLY B 2591 12.28 29.37 -30.53
CA LEU B 2592 8.55 30.11 -30.58
CA PRO B 2593 6.51 27.57 -28.65
CA TYR B 2594 2.97 26.73 -29.78
CA TRP B 2595 -0.30 26.41 -27.87
CA ASP B 2596 -2.10 23.17 -28.73
CA TRP B 2597 -5.55 24.77 -28.84
CA THR B 2598 -6.75 21.92 -31.07
CA ALA B 2599 -6.56 19.62 -28.06
CA ALA B 2600 -9.06 19.55 -25.20
CA PHE B 2601 -8.42 22.08 -22.44
CA SER B 2602 -10.26 23.64 -19.50
CA HIS B 2603 -8.05 26.72 -19.25
CA LEU B 2604 -5.17 28.65 -20.82
CA PRO B 2605 -1.57 27.45 -20.66
CA THR B 2606 0.28 28.14 -17.41
CA LEU B 2607 2.80 30.07 -19.50
CA VAL B 2608 0.21 32.80 -20.01
CA THR B 2609 -1.64 32.29 -16.72
CA ASP B 2610 0.95 33.27 -14.12
CA ASN B 2611 0.31 36.86 -13.06
CA ASP B 2612 3.54 37.24 -11.08
CA ASN B 2613 5.76 39.53 -13.13
CA ASN B 2614 4.86 37.45 -16.19
CA PRO B 2615 5.22 39.19 -19.55
CA PHE B 2616 2.99 36.49 -21.04
CA HIS B 2617 0.14 37.44 -18.73
CA ASP B 2618 -0.78 40.81 -20.23
CA GLY B 2619 0.55 43.89 -22.01
CA THR B 2620 -0.21 47.44 -23.12
CA ILE B 2621 -0.66 49.49 -26.30
CA GLU B 2622 1.47 52.65 -26.49
CA TYR B 2623 -0.33 54.17 -29.47
CA LEU B 2624 -3.79 54.12 -27.88
CA ASN B 2625 -2.35 54.16 -24.36
CA VAL B 2626 -4.46 51.29 -23.04
CA THR B 2627 -4.09 47.82 -21.53
CA THR B 2628 -4.87 44.38 -22.94
CA THR B 2629 -7.75 42.26 -21.63
CA ARG B 2630 -8.90 38.64 -21.53
CA SER B 2631 -12.37 37.13 -21.22
CA PRO B 2632 -12.57 33.35 -21.55
CA ARG B 2633 -15.93 32.25 -22.93
CA ASP B 2634 -17.87 29.18 -21.80
CA LEU B 2635 -17.36 27.95 -25.37
CA LEU B 2636 -13.63 28.25 -24.80
CA PHE B 2637 -14.04 26.08 -21.70
CA ASN B 2638 -16.01 23.54 -23.72
CA ASP B 2639 -18.22 23.34 -26.80
CA PRO B 2640 -21.69 21.82 -27.25
CA GLU B 2641 -21.43 18.14 -26.32
CA HIS B 2642 -23.52 16.63 -27.48
CA GLY B 2643 -20.93 14.11 -28.56
CA SER B 2644 -18.78 16.68 -30.33
CA GLU B 2645 -16.73 15.95 -28.53
CA SER B 2646 -14.18 18.60 -29.46
CA PHE B 2647 -15.08 21.57 -31.65
CA PHE B 2648 -11.52 22.34 -32.71
CA TYR B 2649 -10.64 18.67 -33.22
CA ARG B 2650 -13.50 18.18 -35.68
CA GLN B 2651 -12.83 21.53 -37.35
CA VAL B 2652 -9.15 21.11 -38.18
CA LEU B 2653 -9.52 17.38 -38.79
CA PHE B 2654 -12.24 17.96 -41.38
CA ALA B 2655 -10.26 20.74 -43.06
CA LEU B 2656 -7.33 18.38 -43.60
CA GLU B 2657 -9.57 16.30 -45.86
CA GLN B 2658 -9.24 18.91 -48.60
CA THR B 2659 -6.66 18.67 -51.38
CA ASP B 2660 -6.82 22.21 -52.75
CA PHE B 2661 -4.39 24.63 -51.11
CA CYS B 2662 -6.98 27.43 -51.26
CA LYS B 2663 -9.83 25.29 -49.94
CA LEU B 2664 -7.58 24.29 -47.06
CA GLU B 2665 -6.94 27.95 -46.24
CA VAL B 2666 -10.69 28.51 -46.33
CA GLN B 2667 -11.58 25.71 -43.92
CA PHE B 2668 -8.60 26.68 -41.76
CA GLU B 2669 -9.16 30.40 -41.26
CA ILE B 2670 -12.81 29.96 -40.27
CA THR B 2671 -11.57 27.92 -37.30
CA HIS B 2672 -8.71 30.22 -36.30
CA ASN B 2673 -11.20 33.06 -35.86
CA ALA B 2674 -12.96 31.12 -33.13
CA ILE B 2675 -9.97 31.16 -30.77
CA HIS B 2676 -9.61 34.93 -31.05
CA SER B 2677 -13.31 35.45 -30.34
CA TRP B 2678 -13.63 32.97 -27.49
CA THR B 2679 -10.54 34.30 -25.71
CA GLY B 2680 -11.51 37.92 -26.31
CA GLY B 2681 -15.02 37.38 -24.94
CA HIS B 2682 -16.76 40.76 -24.90
CA SER B 2683 -13.75 42.73 -23.69
CA PRO B 2684 -12.88 46.05 -25.32
CA TYR B 2685 -9.25 45.13 -26.01
CA GLY B 2686 -8.94 41.36 -26.27
CA MET B 2687 -7.88 38.90 -28.97
CA SER B 2688 -11.29 39.56 -30.52
CA THR B 2689 -10.11 43.15 -30.96
CA LEU B 2690 -8.46 42.76 -34.36
CA ASP B 2691 -6.95 46.24 -34.21
CA PHE B 2692 -4.81 45.40 -31.18
CA THR B 2693 -4.97 41.61 -31.10
CA ALA B 2694 -1.24 41.31 -31.74
CA TYR B 2695 -0.48 43.07 -28.46
CA ASP B 2696 -1.68 39.98 -26.60
CA PRO B 2697 1.16 37.48 -26.20
CA LEU B 2698 -1.37 34.69 -26.70
CA PHE B 2699 -1.90 35.94 -30.25
CA TRP B 2700 1.30 34.51 -31.71
CA LEU B 2701 1.14 31.53 -29.36
CA HIS B 2702 -2.14 30.68 -31.08
CA HIS B 2703 -0.86 31.45 -34.57
CA SER B 2704 2.28 29.49 -33.76
CA ASN B 2705 0.17 26.33 -33.56
CA THR B 2706 -1.71 27.61 -36.60
CA ASP B 2707 1.59 27.56 -38.48
CA ARG B 2708 2.13 24.03 -37.16
CA ILE B 2709 -1.23 23.08 -38.65
CA TRP B 2710 -0.19 24.66 -41.95
CA ALA B 2711 2.73 22.23 -41.87
CA ILE B 2712 0.52 19.19 -41.30
CA TRP B 2713 -1.56 19.29 -44.48
CA GLN B 2714 1.70 19.46 -46.42
CA ALA B 2715 2.83 16.16 -44.90
CA LEU B 2716 -0.57 14.64 -45.64
CA GLN B 2717 -0.50 15.81 -49.25
CA LYS B 2718 3.03 14.44 -49.56
CA TYR B 2719 1.76 11.06 -48.38
CA ARG B 2720 -1.10 11.42 -50.84
CA GLY B 2721 1.38 12.11 -53.64
CA LEU B 2722 -0.23 15.47 -54.37
CA PRO B 2723 1.36 18.89 -54.85
CA TYR B 2724 2.16 20.59 -51.55
CA ASN B 2725 4.69 23.19 -52.68
CA HIS B 2726 2.54 24.82 -55.36
CA ALA B 2727 -1.11 25.55 -56.11
CA ASN B 2728 -3.26 25.82 -59.23
CA CYS B 2729 -5.46 28.42 -57.55
CA GLU B 2730 -4.63 32.06 -56.85
CA ILE B 2731 -1.41 31.64 -58.84
CA GLN B 2732 -0.65 35.28 -59.65
CA ALA B 2733 -1.52 36.18 -56.05
CA MET B 2734 1.53 34.15 -55.03
CA LYS B 2735 3.74 36.04 -57.48
CA THR B 2736 3.45 39.29 -55.54
CA PRO B 2737 5.64 39.89 -52.49
CA LEU B 2738 3.68 40.38 -49.28
CA ARG B 2739 3.44 43.63 -47.33
CA PRO B 2740 4.78 44.87 -45.24
CA PHE B 2741 7.43 42.20 -45.70
CA SER B 2742 8.35 43.75 -49.04
CA ASP B 2743 8.39 47.23 -47.51
CA ASN B 2744 11.45 49.13 -46.29
CA ILE B 2745 10.16 48.97 -42.72
CA ASN B 2746 11.14 45.31 -42.81
CA HIS B 2747 14.35 44.72 -40.86
CA ASN B 2748 14.59 40.92 -41.05
CA PRO B 2749 16.81 39.62 -43.86
CA VAL B 2750 14.95 36.30 -43.73
CA THR B 2751 11.52 37.75 -44.52
CA LYS B 2752 13.15 40.03 -47.08
CA ALA B 2753 14.54 37.00 -48.92
CA ASN B 2754 11.26 35.11 -48.57
CA SER B 2755 9.00 38.10 -49.24
CA ARG B 2756 7.23 36.27 -52.07
CA PRO B 2757 4.52 33.77 -51.13
CA VAL B 2758 5.87 31.26 -53.64
CA ASP B 2759 9.00 31.04 -51.48
CA VAL B 2760 7.16 31.01 -48.16
CA PHE B 2761 6.01 27.44 -48.84
CA GLU B 2762 9.40 26.01 -47.91
CA TYR B 2763 9.94 25.99 -44.14
CA ASN B 2764 13.57 25.13 -44.89
CA ARG B 2765 13.97 28.57 -46.44
CA LEU B 2766 12.47 30.12 -43.32
CA ARG B 2767 14.67 27.69 -41.40
CA TYR B 2768 12.39 26.32 -38.70
CA GLN B 2769 11.07 22.94 -37.55
CA TYR B 2770 8.59 21.51 -35.05
CA ASP B 2771 9.09 18.88 -32.35
CA ASN B 2772 6.49 16.81 -34.20
CA LEU B 2773 3.41 16.99 -36.41
CA VAL B 2774 1.42 14.37 -34.50
CA PHE B 2775 -2.27 15.25 -34.59
CA HIS B 2776 -3.84 13.97 -31.36
CA GLY B 2777 -1.75 10.80 -31.39
CA HIS B 2778 -2.52 10.20 -35.07
CA THR B 2779 0.30 9.43 -37.49
CA ILE B 2780 0.64 10.73 -41.06
CA PRO B 2781 -0.69 7.60 -42.74
CA GLU B 2782 -3.16 7.15 -39.89
CA LEU B 2783 -4.67 10.59 -40.48
CA ASP B 2784 -5.12 10.09 -44.23
CA HIS B 2785 -6.61 6.61 -43.92
CA MET B 2786 -8.93 7.65 -41.09
CA LEU B 2787 -10.12 10.67 -43.06
CA GLU B 2788 -10.71 8.60 -46.20
CA GLU B 2789 -12.75 6.16 -44.13
CA ARG B 2790 -14.95 9.02 -42.95
CA LYS B 2791 -15.45 10.01 -46.59
CA LYS B 2792 -17.02 6.61 -47.21
CA HIS B 2793 -20.17 7.85 -45.48
CA ASP B 2794 -22.76 10.26 -46.88
CA ARG B 2795 -22.56 13.72 -45.31
CA ILE B 2796 -24.71 16.84 -45.12
CA PHE B 2797 -23.15 20.29 -44.86
CA ALA B 2798 -24.45 23.81 -44.33
CA ALA B 2799 -22.90 26.38 -46.66
CA PHE B 2800 -22.04 29.97 -45.75
CA LEU B 2801 -20.25 32.75 -47.61
CA LEU B 2802 -17.92 35.19 -45.86
CA SER B 2803 -17.06 38.76 -46.79
CA GLY B 2804 -15.70 41.97 -45.25
CA ILE B 2805 -18.18 43.20 -42.64
CA LYS B 2806 -16.02 46.03 -41.30
CA LYS B 2807 -16.81 44.82 -37.80
CA SER B 2808 -15.73 41.80 -35.76
CA ALA B 2809 -18.86 39.71 -35.16
CA ASP B 2810 -19.98 36.20 -34.25
CA VAL B 2811 -22.47 34.30 -36.41
CA VAL B 2812 -24.75 31.89 -34.56
CA PHE B 2813 -27.28 29.93 -36.58
CA GLU B 2814 -29.91 27.25 -35.92
CA ILE B 2815 -32.13 24.81 -37.80
CA CYS B 2816 -35.90 24.84 -37.28
CA GLU B 2817 -37.98 21.67 -37.42
CA PRO B 2818 -41.13 22.01 -39.52
CA ASN B 2819 -43.01 21.35 -36.28
CA HIS B 2820 -41.96 24.49 -34.44
CA GLU B 2821 -38.82 23.73 -32.43
CA CYS B 2822 -35.46 25.12 -33.58
CA VAL B 2823 -32.11 23.76 -32.34
CA PHE B 2824 -28.60 25.23 -32.23
CA ALA B 2825 -26.94 24.15 -35.47
CA GLY B 2826 -23.50 25.74 -35.21
CA THR B 2827 -21.50 28.97 -35.01
CA PHE B 2828 -18.53 30.73 -36.60
CA ALA B 2829 -16.62 33.98 -36.12
CA ILE B 2830 -15.73 36.75 -38.55
CA LEU B 2831 -12.87 39.07 -37.63
CA GLY B 2832 -12.70 42.66 -38.88
CA GLY B 2833 -13.03 46.31 -37.87
CA GLU B 2834 -11.59 49.71 -38.77
CA LEU B 2835 -8.88 50.04 -41.43
CA GLU B 2836 -9.99 46.65 -42.75
CA MET B 2837 -9.14 46.10 -46.41
CA PRO B 2838 -12.17 44.70 -48.23
CA TRP B 2839 -12.14 40.95 -48.86
CA SER B 2840 -14.39 38.07 -49.93
CA PHE B 2841 -14.03 34.29 -50.15
CA ASP B 2842 -14.40 32.43 -53.44
CA ARG B 2843 -15.35 29.18 -51.70
CA LEU B 2844 -18.30 28.19 -49.52
CA PHE B 2845 -17.65 27.14 -45.93
CA ARG B 2846 -18.68 23.59 -45.02
CA TYR B 2847 -20.34 23.04 -41.64
CA ASP B 2848 -21.16 19.42 -40.81
CA ILE B 2849 -24.78 19.24 -39.64
CA THR B 2850 -25.25 15.53 -40.33
CA LYS B 2851 -25.56 14.86 -36.60
CA VAL B 2852 -28.33 17.45 -36.36
CA MET B 2853 -30.16 15.91 -39.31
CA GLN B 2854 -30.19 12.52 -37.61
CA GLN B 2855 -31.30 14.00 -34.29
CA GLN B 2856 -34.21 15.62 -36.15
CA HIS B 2857 -34.89 12.29 -37.85
CA LEU B 2858 -35.09 14.04 -41.21
CA ARG B 2859 -33.59 13.27 -44.62
CA HIS B 2860 -31.71 15.74 -46.81
CA ASP B 2861 -34.83 16.17 -48.94
CA SER B 2862 -36.82 17.12 -45.85
CA ASP B 2863 -37.75 20.75 -45.22
CA PHE B 2864 -35.02 22.53 -43.26
CA SER B 2865 -34.95 26.20 -42.27
CA PHE B 2866 -31.84 28.14 -41.25
CA LYS B 2867 -32.18 31.07 -38.86
CA VAL B 2868 -29.10 33.26 -38.40
CA LYS B 2869 -28.23 35.76 -35.68
CA VAL B 2870 -25.15 37.96 -36.05
CA VAL B 2871 -23.82 39.70 -32.94
CA GLY B 2872 -20.77 41.96 -32.82
CA THR B 2873 -17.92 41.21 -30.43
CA ASP B 2874 -19.01 44.30 -28.51
CA ASP B 2875 -22.25 42.42 -27.78
CA ILE B 2876 -24.50 44.35 -30.15
CA GLU B 2877 -26.96 42.69 -32.53
CA LEU B 2878 -26.12 43.55 -36.13
CA PRO B 2879 -28.39 43.84 -39.18
CA PRO B 2880 -29.29 40.40 -40.54
CA GLY B 2881 -29.10 41.73 -44.09
CA ILE B 2882 -25.32 41.76 -43.83
CA LEU B 2883 -25.01 38.02 -44.42
CA LYS B 2884 -26.21 36.47 -47.68
CA GLU B 2885 -28.81 33.71 -47.52
CA PRO B 2886 -27.02 30.58 -46.33
CA THR B 2887 -27.56 27.38 -48.30
CA ILE B 2888 -27.25 23.62 -47.83
CA GLU B 2889 -25.29 21.01 -49.78
CA PHE B 2890 -25.18 17.21 -49.82
CA GLU B 2891 -22.01 15.14 -50.21
CA PRO B 2892 -22.76 11.73 -51.72
CA ALA B 2893 -20.24 8.99 -50.98
CA LEU B 2894 -19.52 5.67 -52.69
CA GLY B 2895 -18.40 4.72 -50.34
CA ASP B 2896 -20.87 2.37 -48.69
CA GLY B 2897 -18.23 -0.32 -48.25
CA LEU B 2898 -20.40 -2.11 -45.70
CA LYS B 2899 -24.09 -2.74 -46.37
CA HIS B 2900 -26.83 -3.71 -43.91
CA GLU B 2901 -26.80 -4.37 -40.16
CA ASP B 2902 -25.64 -5.45 -37.86
CA GLU B 2903 -26.98 -2.00 -36.96
CA GLY B 2904 -24.24 0.06 -35.34
CA HIS B 2905 -25.83 -0.10 -31.92
CA ASP B 2906 -25.04 -2.02 -28.74
CA ASP B 2907 -25.99 -5.69 -29.16
CA ARG B 2908 -29.42 -6.63 -27.86
CA LEU B 2909 -30.74 -9.99 -26.67
CA SER B 2910 -34.54 -10.18 -26.61
CA HIS B 2911 -36.27 -10.42 -23.24
CA VAL B 2912 -39.84 -11.49 -22.55
CA LEU B 2913 -40.69 -11.52 -26.26
CA ILE B 2914 -43.08 -12.32 -27.61
CA ARG B 2915 -46.67 -13.31 -28.34
CA LYS B 2916 -47.82 -11.71 -31.59
CA GLU B 2917 -51.17 -11.20 -33.31
CA VAL B 2918 -51.96 -13.95 -35.81
CA ASP B 2919 -52.64 -11.31 -38.45
CA LEU B 2920 -49.17 -9.89 -37.87
CA LEU B 2921 -47.36 -13.19 -38.34
CA SER B 2922 -44.75 -13.57 -41.07
CA LEU B 2923 -44.56 -16.49 -43.51
CA LYS B 2924 -41.37 -17.70 -41.82
CA GLU B 2925 -42.98 -17.44 -38.38
CA ALA B 2926 -46.05 -19.29 -39.64
CA ASN B 2927 -43.94 -22.07 -41.13
CA ALA B 2928 -41.91 -22.37 -37.93
CA ILE B 2929 -44.90 -22.78 -35.64
CA LYS B 2930 -46.58 -25.09 -38.14
CA ASP B 2931 -43.48 -27.29 -38.05
CA ALA B 2932 -43.42 -27.11 -34.26
CA LEU B 2933 -47.09 -28.08 -33.98
CA TYR B 2934 -46.52 -30.77 -36.61
CA LYS B 2935 -43.80 -32.22 -34.37
CA LEU B 2936 -46.16 -31.95 -31.40
CA GLN B 2937 -48.80 -33.90 -33.32
CA ASN B 2938 -46.31 -36.63 -34.19
CA ASP B 2939 -44.95 -36.44 -30.64
CA HIS B 2940 -46.26 -39.46 -28.73
CA SER B 2941 -44.47 -38.66 -25.47
CA LYS B 2942 -46.04 -37.35 -22.26
CA GLY B 2943 -45.49 -33.88 -23.70
CA GLY B 2944 -47.15 -34.79 -27.00
CA PHE B 2945 -50.29 -33.21 -28.45
CA GLU B 2946 -52.46 -36.19 -27.53
CA GLU B 2947 -51.24 -36.23 -23.94
CA ILE B 2948 -51.70 -32.48 -23.60
CA ALA B 2949 -55.26 -32.93 -24.85
CA GLY B 2950 -55.44 -35.79 -22.36
CA TYR B 2951 -54.51 -33.31 -19.63
CA HIS B 2952 -57.47 -31.22 -20.78
CA GLY B 2953 -60.16 -33.75 -21.66
CA TYR B 2954 -60.26 -37.18 -23.28
CA PRO B 2955 -58.99 -39.43 -22.27
CA ASN B 2956 -60.45 -38.74 -18.84
CA LYS B 2957 -58.13 -39.10 -15.83
CA CYS B 2958 -59.59 -37.03 -13.02
CA PRO B 2959 -62.41 -38.64 -11.08
CA GLU B 2960 -65.45 -36.70 -9.87
CA LYS B 2961 -67.27 -36.93 -6.55
CA GLY B 2962 -69.44 -39.68 -8.06
CA ASP B 2963 -66.32 -41.71 -8.82
CA ASP B 2964 -66.22 -41.14 -12.57
CA LYS B 2965 -63.25 -39.98 -14.63
CA TYR B 2966 -63.99 -36.67 -16.34
CA PRO B 2967 -62.12 -33.92 -18.15
CA CYS B 2968 -59.35 -32.51 -16.02
CA CYS B 2969 -59.81 -29.03 -17.41
CA VAL B 2970 -61.34 -26.50 -15.02
CA HIS B 2971 -64.49 -24.65 -16.07
CA GLY B 2972 -67.38 -22.78 -14.44
CA MET B 2973 -65.05 -22.05 -11.53
CA PRO B 2974 -63.44 -18.97 -9.97
CA ILE B 2975 -60.06 -20.43 -10.90
CA PHE B 2976 -60.97 -21.14 -14.52
CA PRO B 2977 -58.54 -18.47 -15.71
CA HIS B 2978 -55.65 -19.97 -13.76
CA TRP B 2979 -55.87 -23.55 -15.00
CA ARG B 2980 -56.22 -22.26 -18.55
CA ARG B 2981 -53.23 -19.93 -18.17
CA LEU B 2982 -50.96 -22.79 -17.09
CA HIS B 2983 -52.37 -24.98 -19.86
CA THR B 2984 -51.49 -22.41 -22.51
CA ILE B 2985 -48.07 -21.93 -20.89
CA GLN B 2986 -47.48 -25.68 -21.12
CA MET B 2987 -48.30 -25.72 -24.84
CA GLU B 2988 -46.12 -22.67 -25.48
CA ARG B 2989 -43.18 -24.28 -23.68
CA ALA B 2990 -43.63 -27.50 -25.65
CA LEU B 2991 -43.69 -25.65 -28.97
CA LYS B 2992 -40.62 -23.67 -27.93
CA ASN B 2993 -38.86 -26.98 -27.32
CA HIS B 2994 -39.95 -28.09 -30.79
CA GLY B 2995 -38.14 -25.01 -32.07
CA SER B 2996 -40.78 -22.27 -32.10
CA GLN B 2997 -38.98 -18.92 -32.05
CA ILE B 2998 -42.12 -17.04 -31.03
CA GLY B 2999 -44.85 -17.44 -28.43
CA ILE B 3000 -48.35 -18.75 -29.15
CA PRO B 3001 -49.92 -16.22 -31.53
CA TYR B 3002 -53.22 -14.74 -30.40
CA TRP B 3003 -56.35 -14.08 -32.47
CA ASN B 3004 -58.81 -11.45 -31.25
CA TRP B 3005 -62.40 -12.29 -32.16
CA THR B 3006 -63.45 -8.80 -31.06
CA LYS B 3007 -61.40 -7.40 -33.95
CA ARG B 3008 -63.57 -6.64 -36.98
CA MET B 3009 -63.68 -9.74 -39.16
CA SER B 3010 -65.66 -11.45 -41.94
CA SER B 3011 -64.73 -15.11 -41.48
CA ILE B 3012 -62.02 -17.60 -40.51
CA PRO B 3013 -58.74 -16.41 -42.01
CA ALA B 3014 -56.63 -18.48 -44.39
CA PHE B 3015 -54.26 -19.36 -41.56
CA PHE B 3016 -56.96 -21.54 -40.02
CA GLY B 3017 -59.10 -22.04 -43.10
CA ASP B 3018 -56.34 -23.24 -45.43
CA ASP B 3019 -57.69 -26.42 -47.02
CA SER B 3020 -54.12 -27.50 -47.84
CA ASN B 3021 -53.00 -30.76 -46.23
CA ASN B 3022 -49.88 -29.01 -44.94
CA ASN B 3023 -51.50 -27.18 -42.04
CA PRO B 3024 -51.78 -28.55 -38.50
CA PHE B 3025 -54.03 -25.62 -37.59
CA TYR B 3026 -56.64 -26.49 -40.21
CA LYS B 3027 -57.84 -29.77 -38.69
CA TYR B 3028 -56.88 -32.66 -36.43
CA HIS B 3029 -56.71 -36.16 -37.91
CA ILE B 3030 -58.79 -38.89 -36.29
CA ARG B 3031 -55.69 -39.96 -34.38
CA ALA B 3032 -57.71 -42.50 -32.40
CA VAL B 3033 -60.23 -39.76 -31.66
CA ASN B 3034 -62.43 -39.20 -34.70
CA GLN B 3035 -63.42 -35.66 -33.75
CA TYR B 3036 -66.37 -33.97 -35.43
CA THR B 3037 -66.87 -30.22 -35.86
CA THR B 3038 -69.05 -28.12 -38.18
CA ARG B 3039 -68.37 -24.99 -40.25
CA ASP B 3040 -70.39 -23.10 -41.12
CA VAL B 3041 -70.81 -21.29 -39.01
CA ASP B 3042 -70.61 -18.38 -39.13
CA VAL B 3043 -69.29 -15.94 -38.65
CA GLU B 3044 -71.74 -15.48 -37.21
CA LEU B 3045 -70.13 -12.08 -36.65
CA PHE B 3046 -70.16 -9.63 -38.09
CA ASN B 3047 -73.55 -10.49 -39.58
CA GLN B 3048 -76.11 -7.78 -40.25
CA THR B 3049 -77.98 -5.88 -37.56
CA LYS B 3050 -80.30 -2.87 -37.40
CA PHE B 3051 -78.30 -0.63 -35.07
CA GLY B 3052 -76.10 -0.52 -31.97
CA GLU B 3053 -73.53 1.50 -30.02
CA TYR B 3054 -70.67 -0.97 -30.40
CA ASP B 3055 -69.96 -4.23 -32.22
CA TYR B 3056 -71.41 -7.42 -30.77
CA LEU B 3057 -68.22 -8.77 -29.19
CA TYR B 3058 -66.75 -5.28 -28.75
CA TYR B 3059 -69.56 -4.31 -26.38
CA SER B 3060 -69.19 -7.61 -24.53
CA THR B 3061 -65.46 -7.04 -24.09
CA LEU B 3062 -66.13 -3.48 -22.97
CA GLN B 3063 -68.46 -4.82 -20.27
CA VAL B 3064 -65.72 -7.24 -19.23
CA LEU B 3065 -63.16 -4.44 -18.89
CA GLU B 3066 -65.75 -2.34 -17.07
CA GLU B 3067 -65.90 -4.93 -14.30
CA ASN B 3068 -64.58 -3.90 -10.88
CA SER B 3069 -64.18 -7.07 -8.82
CA PHE B 3070 -61.74 -9.86 -9.61
CA CYS B 3071 -64.19 -12.78 -9.60
CA GLY B 3072 -66.86 -10.55 -11.12
CA PHE B 3073 -64.44 -9.88 -13.96
CA GLU B 3074 -63.89 -13.62 -14.37
CA VAL B 3075 -67.65 -14.23 -14.46
CA GLN B 3076 -68.47 -11.56 -17.04
CA TYR B 3077 -65.63 -12.69 -19.31
CA GLU B 3078 -65.61 -16.48 -19.20
CA ILE B 3079 -69.23 -16.55 -20.35
CA LEU B 3080 -68.60 -14.78 -23.64
CA HIS B 3081 -65.39 -16.76 -24.12
CA SER B 3082 -67.34 -20.02 -23.89
CA ALA B 3083 -69.97 -18.53 -26.19
CA VAL B 3084 -67.31 -18.16 -28.88
CA HIS B 3085 -66.21 -21.74 -28.18
CA ALA B 3086 -69.79 -22.81 -28.91
CA TRP B 3087 -69.70 -20.79 -32.14
CA LEU B 3088 -66.48 -22.49 -33.20
CA GLY B 3089 -67.66 -26.04 -32.52
CA GLY B 3090 -71.28 -25.70 -33.64
CA ALA B 3091 -73.12 -29.01 -33.27
CA GLY B 3092 -70.34 -31.41 -34.22
CA LYS B 3093 -70.27 -34.60 -32.15
CA TYR B 3094 -66.87 -33.86 -30.61
CA SER B 3095 -66.72 -30.18 -31.54
CA MET B 3096 -65.46 -27.22 -29.52
CA SER B 3097 -68.96 -27.31 -28.01
CA THR B 3098 -67.95 -30.68 -26.58
CA LEU B 3099 -65.61 -29.79 -23.72
CA GLU B 3100 -64.16 -33.29 -23.55
CA TYR B 3101 -62.65 -33.01 -27.03
CA SER B 3102 -62.37 -29.23 -27.34
CA ALA B 3103 -58.60 -29.31 -26.84
CA TYR B 3104 -58.10 -31.30 -30.04
CA ASP B 3105 -58.99 -28.25 -32.12
CA PRO B 3106 -55.89 -26.14 -32.72
CA VAL B 3107 -58.07 -23.02 -32.52
CA PHE B 3108 -58.58 -23.87 -28.85
CA MET B 3109 -54.96 -22.93 -28.19
CA ILE B 3110 -54.86 -19.68 -30.14
CA HIS B 3111 -58.17 -18.60 -28.64
CA HIS B 3112 -57.02 -19.09 -25.04
CA SER B 3113 -53.79 -17.21 -25.91
CA SER B 3114 -55.95 -14.18 -26.79
CA LEU B 3115 -58.04 -14.86 -23.68
CA ASP B 3116 -54.93 -14.42 -21.53
CA ARG B 3117 -53.99 -11.14 -23.23
CA ILE B 3118 -57.16 -9.49 -21.93
CA TRP B 3119 -56.67 -10.68 -18.34
CA ILE B 3120 -53.46 -8.73 -17.73
CA LEU B 3121 -54.93 -5.70 -19.52
CA TRP B 3122 -57.82 -5.53 -17.05
CA GLN B 3123 -55.39 -6.00 -14.17
CA GLN B 3124 -53.33 -3.02 -15.35
CA LEU B 3125 -56.52 -0.98 -15.78
CA GLN B 3126 -57.56 -1.71 -12.19
CA LYS B 3127 -54.01 -0.99 -11.04
CA ARG B 3128 -54.49 2.49 -12.49
CA ARG B 3129 -57.90 2.67 -10.83
CA MET B 3130 -56.26 1.83 -7.51
CA LYS B 3131 -58.20 -1.40 -7.04
CA LEU B 3132 -57.20 -4.98 -6.25
CA TYR B 3133 -55.92 -6.59 -9.46
CA TYR B 3134 -53.13 -9.02 -8.60
CA ALA B 3135 -54.70 -11.09 -5.82
CA ALA B 3136 -58.26 -12.09 -4.93
CA ASP B 3137 -60.28 -12.36 -1.72
CA CYS B 3138 -63.10 -14.39 -3.25
CA ALA B 3139 -62.51 -18.14 -3.67
CA GLY B 3140 -59.56 -17.81 -1.29
CA ASP B 3141 -59.24 -21.55 -0.66
CA LEU B 3142 -59.17 -22.38 -4.37
CA MET B 3143 -56.22 -20.04 -4.82
CA LYS B 3144 -54.13 -22.29 -2.57
CA PHE B 3145 -55.14 -25.71 -3.89
CA PRO B 3146 -52.72 -27.65 -6.07
CA MET B 3147 -53.65 -27.32 -9.74
CA HIS B 3148 -54.47 -30.71 -11.25
CA PRO B 3149 -53.66 -32.43 -13.27
CA PHE B 3150 -50.62 -30.23 -13.84
CA SER B 3151 -48.94 -31.08 -10.54
CA TYR B 3152 -51.07 -34.15 -9.86
CA LYS B 3153 -49.81 -36.27 -12.76
CA SER B 3154 -46.17 -37.15 -12.17
CA GLU B 3155 -46.29 -38.22 -15.82
CA ASN B 3156 -46.12 -34.50 -16.60
CA GLU B 3157 -42.70 -33.98 -18.15
CA ASP B 3158 -42.54 -30.30 -17.23
CA GLU B 3159 -41.34 -29.80 -13.66
CA PHE B 3160 -41.65 -26.02 -14.01
CA THR B 3161 -45.39 -26.41 -14.58
CA ARG B 3162 -45.66 -29.03 -11.84
CA VAL B 3163 -44.06 -26.69 -9.31
CA ASN B 3164 -45.99 -23.56 -10.28
CA SER B 3165 -49.41 -25.11 -9.68
CA VAL B 3166 -50.43 -22.52 -7.09
CA PRO B 3167 -52.90 -19.93 -8.37
CA ASN B 3168 -51.21 -17.43 -6.07
CA ILE B 3169 -48.17 -17.87 -8.32
CA VAL B 3170 -50.29 -17.88 -11.48
CA PHE B 3171 -51.37 -14.34 -10.62
CA ASP B 3172 -48.00 -13.12 -11.89
CA HIS B 3173 -47.92 -13.36 -15.68
CA TYR B 3174 -44.56 -11.60 -15.85
CA LYS B 3175 -43.00 -14.43 -13.83
CA PHE B 3176 -43.60 -16.80 -16.74
CA ASN B 3177 -41.27 -14.81 -18.98
CA TYR B 3178 -43.98 -13.97 -21.50
CA ASP B 3179 -45.08 -10.70 -23.11
CA TYR B 3180 -47.39 -9.30 -25.79
CA ASP B 3181 -46.64 -7.22 -28.89
CA ASN B 3182 -49.49 -4.88 -27.97
CA MET B 3183 -52.69 -4.75 -25.91
CA ARG B 3184 -54.53 -2.06 -27.85
CA ILE B 3185 -58.21 -3.04 -27.99
CA ARG B 3186 -59.45 -2.31 -31.51
CA GLY B 3187 -56.39 -0.08 -31.77
CA HIS B 3188 -57.53 1.96 -28.76
CA ASP B 3189 -55.13 3.22 -26.10
CA ILE B 3190 -55.45 2.63 -22.36
CA ASN B 3191 -56.69 6.15 -21.68
CA GLU B 3192 -59.09 5.91 -24.63
CA LEU B 3193 -60.53 2.66 -23.27
CA GLU B 3194 -60.96 4.36 -19.90
CA ALA B 3195 -62.92 7.18 -21.53
CA ILE B 3196 -65.06 4.64 -23.37
CA ILE B 3197 -65.87 2.87 -20.11
CA ASN B 3198 -66.70 6.25 -18.58
CA GLU B 3199 -69.12 6.99 -21.42
CA LEU B 3200 -70.79 3.62 -20.90
CA ARG B 3201 -71.30 4.46 -17.22
CA ASN B 3202 -72.37 8.01 -18.12
CA LYS B 3203 -75.34 6.67 -20.06
CA ASP B 3204 -78.47 5.12 -18.56
CA ARG B 3205 -78.42 1.32 -18.83
CA ILE B 3206 -80.63 -1.48 -17.53
CA PHE B 3207 -79.20 -4.97 -17.06
CA ALA B 3208 -80.77 -8.37 -16.43
CA GLY B 3209 -78.95 -10.65 -14.00
CA PHE B 3210 -78.87 -14.28 -15.13
CA VAL B 3211 -78.18 -17.25 -12.87
CA LEU B 3212 -75.07 -19.24 -13.76
CA SER B 3213 -74.95 -22.96 -13.02
CA GLY B 3214 -74.05 -26.26 -14.69
CA ILE B 3215 -76.67 -27.87 -16.92
CA ARG B 3216 -74.65 -30.86 -18.11
CA ILE B 3217 -74.99 -29.76 -21.73
CA THR B 3218 -74.11 -27.06 -24.25
CA ALA B 3219 -77.34 -25.20 -24.90
CA THR B 3220 -78.85 -21.99 -26.26
CA VAL B 3221 -80.93 -19.76 -23.98
CA LYS B 3222 -83.50 -17.42 -25.53
CA VAL B 3223 -85.09 -14.53 -23.65
CA PHE B 3224 -88.68 -13.40 -24.19
CA ILE B 3225 -89.94 -10.34 -22.32
CA HIS B 3226 -93.64 -9.62 -21.83
CA GLY B 3227 -94.94 -6.15 -20.98
CA THR B 3228 -97.82 -5.24 -18.67
CA GLY B 3229 -100.74 -7.52 -19.50
CA ALA B 3230 -98.60 -9.64 -21.83
CA THR B 3231 -97.87 -6.60 -24.00
CA ASP B 3232 -95.00 -7.74 -26.21
CA HIS B 3233 -94.29 -5.17 -28.91
CA GLU B 3234 -90.87 -6.79 -29.24
CA GLU B 3235 -91.22 -10.04 -27.30
CA PHE B 3236 -87.80 -11.44 -28.16
CA ALA B 3237 -85.10 -9.56 -26.24
CA GLY B 3238 -82.04 -11.65 -27.07
CA LYS B 3239 -80.23 -14.93 -26.41
CA PHE B 3240 -76.95 -16.38 -25.14
CA ALA B 3241 -75.04 -19.67 -25.13
CA ILE B 3242 -74.15 -21.89 -22.18
CA LEU B 3243 -71.17 -24.21 -22.61
CA GLY B 3244 -71.09 -27.59 -20.88
CA GLY B 3245 -71.25 -31.36 -21.36
CA GLU B 3246 -72.20 -34.71 -19.83
CA LYS B 3247 -70.48 -36.19 -16.78
CA GLU B 3248 -69.11 -32.78 -15.78
CA MET B 3249 -68.48 -31.49 -12.26
CA PRO B 3250 -71.48 -29.49 -11.05
CA TRP B 3251 -70.66 -25.78 -10.76
CA ALA B 3252 -72.26 -22.41 -10.03
CA TYR B 3253 -71.33 -18.74 -9.58
CA GLU B 3254 -72.16 -16.48 -6.64
CA ARG B 3255 -72.61 -13.56 -9.04
CA LEU B 3256 -75.07 -12.97 -11.89
CA LEU B 3257 -74.45 -12.49 -15.60
CA LYS B 3258 -75.29 -8.90 -16.53
CA LEU B 3259 -76.81 -8.63 -20.01
CA ASP B 3260 -77.99 -5.30 -21.38
CA ILE B 3261 -81.77 -5.20 -21.88
CA THR B 3262 -82.03 -1.45 -22.46
CA ASP B 3263 -83.06 -2.02 -26.07
CA ALA B 3264 -85.96 -4.22 -24.95
CA VAL B 3265 -86.99 -1.57 -22.43
CA HIS B 3266 -87.18 0.99 -25.23
CA HIS B 3267 -89.09 -1.16 -27.70
CA LEU B 3268 -91.49 -2.42 -25.03
CA HIS B 3269 -91.92 1.15 -23.77
CA LEU B 3270 -91.36 -0.16 -20.24
CA LYS B 3271 -91.93 2.17 -17.30
CA ASP B 3272 -89.92 2.30 -14.07
CA GLU B 3273 -92.04 -0.68 -13.04
CA GLU B 3274 -90.84 -4.26 -13.50
CA ILE B 3275 -91.57 -6.55 -16.44
CA ARG B 3276 -92.28 -10.24 -16.99
CA PHE B 3277 -89.51 -12.54 -18.22
CA ARG B 3278 -89.87 -15.79 -20.15
CA MET B 3279 -87.03 -18.28 -20.64
CA GLU B 3280 -86.78 -20.83 -23.45
CA VAL B 3281 -83.82 -23.16 -23.89
CA THR B 3282 -82.76 -25.57 -26.62
CA ALA B 3283 -80.12 -28.27 -26.43
CA TYR B 3284 -76.86 -29.06 -28.20
CA ASN B 3285 -78.72 -30.11 -31.34
CA GLY B 3286 -81.69 -27.80 -30.82
CA VAL B 3287 -83.72 -30.22 -28.70
CA PRO B 3288 -86.05 -28.36 -26.34
CA VAL B 3289 -85.02 -28.79 -22.69
CA SER B 3290 -86.26 -27.68 -19.27
CA THR B 3291 -86.35 -24.02 -18.29
CA LYS B 3292 -85.20 -24.38 -14.69
CA LEU B 3293 -83.06 -21.27 -15.23
CA ALA B 3294 -84.58 -18.69 -12.91
CA ASP B 3295 -86.02 -15.45 -14.28
CA PRO B 3296 -83.38 -12.74 -14.59
CA LEU B 3297 -83.32 -10.00 -11.95
CA ILE B 3298 -83.73 -6.38 -13.03
CA ALA B 3299 -80.92 -3.95 -12.26
CA HIS B 3300 -81.05 -0.24 -13.10
CA ARG B 3301 -77.94 1.84 -13.79
CA PRO B 3302 -78.64 5.58 -13.69
CA ALA B 3303 -76.93 7.80 -16.25
#